data_6TK9
#
_entry.id   6TK9
#
_cell.length_a   89.850
_cell.length_b   120.950
_cell.length_c   215.470
_cell.angle_alpha   90.000
_cell.angle_beta   90.000
_cell.angle_gamma   90.000
#
_symmetry.space_group_name_H-M   'P 21 21 21'
#
loop_
_entity.id
_entity.type
_entity.pdbx_description
1 polymer 'Purine nucleoside phosphorylase'
2 non-polymer 'PHOSPHATE ION'
3 water water
#
_entity_poly.entity_id   1
_entity_poly.type   'polypeptide(L)'
_entity_poly.pdbx_seq_one_letter_code
;ELYDKIQEAVAYVRSKTDFVPEVGLVLGSGLGPLADEVEKVAEIPYGEIPHFPVSTAPGHAGRLVLGRLEGKPVLVYKGR
VHYYEGYSAEEVVFPVRVGFFLGARTFLLTSAAGGLNPRFRAGGIMLHLDYINFAGANPLRGPNDERLGPRFPVMFEAYD
PELIELARKVARRQDLHLFEGVYAWFMGPSFASRAELRLLRELGADAIGMSTVPEVIALRHLGARVLGLSTITDMAVPER
EHHATEEEVLRVAAETGPVFRRYVRGILAEL
;
_entity_poly.pdbx_strand_id   A,B,C,D,E,F
#
loop_
_chem_comp.id
_chem_comp.type
_chem_comp.name
_chem_comp.formula
PO4 non-polymer 'PHOSPHATE ION' 'O4 P -3'
#
# COMPACT_ATOMS: atom_id res chain seq x y z
N GLU A 1 -0.57 18.95 -40.53
CA GLU A 1 0.60 18.75 -41.37
C GLU A 1 1.55 17.71 -40.72
N LEU A 2 1.15 16.98 -39.66
CA LEU A 2 2.07 16.06 -38.91
C LEU A 2 2.27 14.79 -39.73
N TYR A 3 3.53 14.46 -40.01
CA TYR A 3 3.96 13.52 -41.07
C TYR A 3 4.56 14.36 -42.19
N ASP A 4 3.79 15.32 -42.73
CA ASP A 4 4.28 16.29 -43.74
C ASP A 4 5.35 17.18 -43.06
N LYS A 5 5.14 17.50 -41.79
CA LYS A 5 6.11 18.21 -40.91
C LYS A 5 7.36 17.35 -40.75
N ILE A 6 7.19 16.04 -40.53
CA ILE A 6 8.31 15.06 -40.34
C ILE A 6 9.14 15.03 -41.63
N GLN A 7 8.51 14.83 -42.78
CA GLN A 7 9.19 14.78 -44.10
C GLN A 7 9.87 16.13 -44.39
N GLU A 8 9.28 17.27 -44.00
CA GLU A 8 9.92 18.60 -44.16
C GLU A 8 11.27 18.52 -43.44
N ALA A 9 11.29 17.95 -42.23
CA ALA A 9 12.49 17.87 -41.37
C ALA A 9 13.44 16.80 -41.91
N VAL A 10 12.94 15.61 -42.23
CA VAL A 10 13.79 14.53 -42.82
C VAL A 10 14.54 15.12 -44.01
N ALA A 11 13.80 15.70 -44.98
CA ALA A 11 14.31 16.32 -46.22
C ALA A 11 15.41 17.37 -45.91
N TYR A 12 15.22 18.21 -44.90
CA TYR A 12 16.23 19.26 -44.56
C TYR A 12 17.54 18.57 -44.16
N VAL A 13 17.48 17.45 -43.44
CA VAL A 13 18.70 16.70 -42.97
C VAL A 13 19.33 16.03 -44.20
N ARG A 14 18.54 15.41 -45.07
CA ARG A 14 18.99 14.82 -46.35
C ARG A 14 19.55 15.92 -47.28
N SER A 15 19.23 17.20 -47.06
CA SER A 15 19.83 18.32 -47.83
C SER A 15 21.27 18.52 -47.37
N LYS A 16 21.64 17.99 -46.20
CA LYS A 16 23.02 18.15 -45.64
C LYS A 16 23.82 16.86 -45.82
N THR A 17 23.17 15.70 -45.99
CA THR A 17 23.87 14.39 -45.96
C THR A 17 22.90 13.24 -46.25
N ASP A 18 23.37 12.28 -47.03
CA ASP A 18 22.65 11.03 -47.37
C ASP A 18 23.00 9.96 -46.32
N PHE A 19 23.76 10.30 -45.27
CA PHE A 19 24.16 9.32 -44.23
C PHE A 19 22.91 8.77 -43.52
N VAL A 20 22.75 7.44 -43.59
CA VAL A 20 21.65 6.67 -42.97
C VAL A 20 22.15 6.08 -41.65
N PRO A 21 21.59 6.50 -40.49
CA PRO A 21 21.94 5.91 -39.21
C PRO A 21 21.15 4.63 -38.94
N GLU A 22 21.72 3.72 -38.17
CA GLU A 22 21.07 2.45 -37.72
C GLU A 22 20.59 2.61 -36.27
N VAL A 23 21.20 3.50 -35.49
CA VAL A 23 20.99 3.57 -34.04
C VAL A 23 20.83 5.04 -33.65
N GLY A 24 19.71 5.33 -33.00
CA GLY A 24 19.44 6.62 -32.35
C GLY A 24 19.96 6.56 -30.95
N LEU A 25 20.42 7.69 -30.43
CA LEU A 25 20.98 7.79 -29.08
C LEU A 25 20.69 9.21 -28.60
N VAL A 26 19.89 9.36 -27.53
CA VAL A 26 19.49 10.68 -26.96
C VAL A 26 20.29 10.84 -25.67
N LEU A 27 21.10 11.89 -25.60
CA LEU A 27 21.99 12.18 -24.46
C LEU A 27 21.28 13.24 -23.61
N GLY A 28 21.11 12.98 -22.31
CA GLY A 28 20.38 13.87 -21.40
C GLY A 28 21.31 14.77 -20.61
N SER A 29 20.86 15.24 -19.46
CA SER A 29 21.50 16.32 -18.68
C SER A 29 22.91 15.87 -18.26
N GLY A 30 23.92 16.57 -18.80
CA GLY A 30 25.36 16.36 -18.51
C GLY A 30 25.93 15.16 -19.23
N LEU A 31 25.17 14.52 -20.12
CA LEU A 31 25.57 13.32 -20.89
C LEU A 31 25.95 13.67 -22.34
N GLY A 32 25.83 14.95 -22.72
CA GLY A 32 26.20 15.47 -24.05
C GLY A 32 27.59 15.05 -24.55
N PRO A 33 28.67 15.18 -23.74
CA PRO A 33 30.04 14.88 -24.18
C PRO A 33 30.29 13.61 -25.04
N LEU A 34 29.65 12.48 -24.76
CA LEU A 34 29.77 11.34 -25.69
C LEU A 34 29.62 11.82 -27.15
N ALA A 35 28.87 12.89 -27.43
CA ALA A 35 28.60 13.34 -28.82
C ALA A 35 29.90 13.85 -29.47
N ASP A 36 30.81 14.36 -28.68
CA ASP A 36 32.12 14.88 -29.15
C ASP A 36 33.00 13.72 -29.64
N GLU A 37 32.74 12.49 -29.19
CA GLU A 37 33.59 11.34 -29.57
C GLU A 37 33.10 10.79 -30.92
N VAL A 38 32.02 11.35 -31.48
CA VAL A 38 31.48 10.83 -32.77
C VAL A 38 32.32 11.38 -33.94
N GLU A 39 32.67 10.51 -34.89
CA GLU A 39 33.22 10.86 -36.22
C GLU A 39 32.09 11.51 -37.00
N LYS A 40 32.04 12.84 -36.97
CA LYS A 40 30.92 13.66 -37.50
C LYS A 40 30.91 13.53 -39.03
N VAL A 41 29.72 13.33 -39.62
CA VAL A 41 29.47 13.59 -41.08
C VAL A 41 28.53 14.82 -41.19
N ALA A 42 27.62 15.01 -40.22
CA ALA A 42 26.78 16.23 -40.10
C ALA A 42 26.62 16.63 -38.63
N GLU A 43 26.43 17.92 -38.39
CA GLU A 43 26.19 18.53 -37.05
C GLU A 43 25.24 19.72 -37.25
N ILE A 44 23.93 19.50 -37.09
CA ILE A 44 22.86 20.50 -37.31
C ILE A 44 22.23 20.91 -35.98
N PRO A 45 22.35 22.18 -35.54
CA PRO A 45 21.62 22.66 -34.37
C PRO A 45 20.09 22.58 -34.62
N TYR A 46 19.33 22.39 -33.54
CA TYR A 46 17.87 22.09 -33.59
C TYR A 46 17.13 23.27 -34.24
N GLY A 47 17.56 24.50 -33.92
CA GLY A 47 16.96 25.77 -34.40
C GLY A 47 16.86 25.86 -35.91
N GLU A 48 17.73 25.19 -36.64
CA GLU A 48 17.82 25.24 -38.13
C GLU A 48 16.91 24.17 -38.76
N ILE A 49 16.47 23.16 -38.01
CA ILE A 49 15.65 22.04 -38.58
C ILE A 49 14.17 22.45 -38.50
N PRO A 50 13.45 22.41 -39.62
CA PRO A 50 12.02 22.71 -39.61
C PRO A 50 11.25 21.96 -38.51
N HIS A 51 10.49 22.69 -37.70
CA HIS A 51 9.50 22.18 -36.70
C HIS A 51 10.21 21.56 -35.50
N PHE A 52 11.51 21.76 -35.35
CA PHE A 52 12.32 21.18 -34.24
C PHE A 52 12.22 22.13 -33.05
N PRO A 53 11.90 21.59 -31.86
CA PRO A 53 11.95 22.39 -30.64
C PRO A 53 13.43 22.60 -30.30
N VAL A 54 13.80 23.79 -29.81
CA VAL A 54 15.18 24.10 -29.37
C VAL A 54 15.27 23.83 -27.87
N SER A 55 16.40 23.29 -27.44
CA SER A 55 16.78 23.01 -26.04
C SER A 55 17.00 24.31 -25.27
N THR A 56 16.38 24.46 -24.11
CA THR A 56 16.62 25.62 -23.21
C THR A 56 17.19 25.13 -21.88
N ALA A 57 17.17 23.82 -21.62
CA ALA A 57 17.55 23.24 -20.31
C ALA A 57 19.07 23.30 -20.14
N PRO A 58 19.62 23.48 -18.92
CA PRO A 58 21.06 23.36 -18.73
C PRO A 58 21.59 21.96 -19.12
N GLY A 59 22.72 21.94 -19.85
CA GLY A 59 23.47 20.74 -20.23
C GLY A 59 22.90 20.04 -21.46
N HIS A 60 22.22 20.81 -22.32
CA HIS A 60 21.62 20.34 -23.59
C HIS A 60 22.05 21.32 -24.68
N ALA A 61 23.07 20.96 -25.45
CA ALA A 61 23.61 21.79 -26.56
C ALA A 61 22.54 22.02 -27.64
N GLY A 62 21.62 21.06 -27.83
CA GLY A 62 20.58 21.10 -28.86
C GLY A 62 21.18 20.99 -30.26
N ARG A 63 21.87 19.88 -30.53
CA ARG A 63 22.58 19.64 -31.80
C ARG A 63 22.30 18.22 -32.26
N LEU A 64 21.78 18.04 -33.47
CA LEU A 64 21.64 16.70 -34.08
C LEU A 64 22.99 16.32 -34.72
N VAL A 65 23.53 15.15 -34.36
CA VAL A 65 24.84 14.66 -34.88
C VAL A 65 24.62 13.33 -35.60
N LEU A 66 24.94 13.27 -36.89
CA LEU A 66 25.03 12.03 -37.68
C LEU A 66 26.50 11.66 -37.84
N GLY A 67 26.84 10.38 -37.66
CA GLY A 67 28.23 9.93 -37.75
C GLY A 67 28.45 8.49 -37.31
N ARG A 68 29.69 8.20 -36.94
CA ARG A 68 30.18 6.84 -36.62
C ARG A 68 30.66 6.90 -35.17
N LEU A 69 30.18 5.97 -34.34
CA LEU A 69 30.59 5.81 -32.93
C LEU A 69 30.70 4.31 -32.72
N GLU A 70 31.79 3.82 -32.11
CA GLU A 70 32.10 2.39 -31.87
C GLU A 70 31.86 1.61 -33.17
N GLY A 71 32.12 2.25 -34.32
CA GLY A 71 32.01 1.63 -35.66
C GLY A 71 30.58 1.51 -36.17
N LYS A 72 29.59 2.02 -35.44
CA LYS A 72 28.17 1.98 -35.87
C LYS A 72 27.80 3.33 -36.49
N PRO A 73 27.00 3.34 -37.57
CA PRO A 73 26.38 4.57 -38.05
C PRO A 73 25.27 5.02 -37.08
N VAL A 74 25.37 6.21 -36.49
CA VAL A 74 24.48 6.62 -35.36
C VAL A 74 23.91 8.02 -35.60
N LEU A 75 22.66 8.23 -35.17
CA LEU A 75 22.02 9.56 -34.92
C LEU A 75 22.16 9.85 -33.43
N VAL A 76 22.93 10.88 -33.07
CA VAL A 76 23.10 11.35 -31.67
C VAL A 76 22.38 12.71 -31.53
N TYR A 77 21.45 12.79 -30.58
CA TYR A 77 20.78 14.03 -30.10
C TYR A 77 21.64 14.55 -28.96
N LYS A 78 22.44 15.57 -29.20
CA LYS A 78 23.26 16.19 -28.12
C LYS A 78 22.28 17.08 -27.32
N GLY A 79 21.66 16.52 -26.27
CA GLY A 79 20.60 17.16 -25.49
C GLY A 79 19.21 16.92 -26.08
N ARG A 80 18.16 17.33 -25.38
CA ARG A 80 16.72 17.10 -25.71
C ARG A 80 15.88 18.25 -25.16
N VAL A 81 14.56 18.16 -25.32
CA VAL A 81 13.58 19.14 -24.78
C VAL A 81 12.67 18.43 -23.78
N HIS A 82 12.10 19.20 -22.88
CA HIS A 82 11.24 18.69 -21.78
C HIS A 82 9.88 19.36 -21.84
N TYR A 83 8.89 18.65 -21.36
CA TYR A 83 7.54 19.16 -21.02
C TYR A 83 7.67 20.33 -20.04
N TYR A 84 8.63 20.35 -19.11
CA TYR A 84 8.68 21.44 -18.11
C TYR A 84 9.03 22.76 -18.79
N GLU A 85 9.72 22.72 -19.94
CA GLU A 85 10.10 23.94 -20.71
C GLU A 85 8.87 24.50 -21.42
N GLY A 86 7.76 23.75 -21.45
CA GLY A 86 6.47 24.25 -21.95
C GLY A 86 6.17 23.81 -23.36
N TYR A 87 6.89 22.80 -23.85
CA TYR A 87 6.60 22.10 -25.13
C TYR A 87 5.49 21.07 -24.87
N SER A 88 4.55 20.87 -25.79
CA SER A 88 3.61 19.75 -25.69
C SER A 88 4.40 18.41 -25.68
N ALA A 89 3.77 17.35 -25.18
CA ALA A 89 4.27 15.95 -25.21
C ALA A 89 4.58 15.57 -26.67
N GLU A 90 3.72 15.98 -27.60
CA GLU A 90 3.95 15.82 -29.06
C GLU A 90 5.20 16.58 -29.53
N GLU A 91 5.36 17.85 -29.16
CA GLU A 91 6.51 18.69 -29.59
C GLU A 91 7.81 18.05 -29.09
N VAL A 92 7.77 17.49 -27.88
CA VAL A 92 8.91 16.82 -27.18
C VAL A 92 9.38 15.60 -27.99
N VAL A 93 8.48 14.91 -28.69
CA VAL A 93 8.85 13.65 -29.39
C VAL A 93 9.07 13.89 -30.89
N PHE A 94 9.00 15.13 -31.37
CA PHE A 94 9.23 15.40 -32.81
C PHE A 94 10.60 14.84 -33.19
N PRO A 95 11.72 15.22 -32.49
CA PRO A 95 13.05 14.72 -32.83
C PRO A 95 13.10 13.19 -33.03
N VAL A 96 12.81 12.37 -32.01
CA VAL A 96 12.91 10.88 -32.14
C VAL A 96 11.99 10.38 -33.27
N ARG A 97 10.90 11.06 -33.60
CA ARG A 97 10.02 10.66 -34.73
C ARG A 97 10.81 10.84 -36.04
N VAL A 98 11.39 12.03 -36.27
CA VAL A 98 12.31 12.34 -37.42
C VAL A 98 13.47 11.34 -37.40
N GLY A 99 14.04 11.10 -36.22
CA GLY A 99 15.11 10.10 -36.05
C GLY A 99 14.70 8.77 -36.65
N PHE A 100 13.47 8.34 -36.40
CA PHE A 100 12.96 7.01 -36.84
C PHE A 100 12.92 7.00 -38.37
N PHE A 101 12.50 8.10 -38.97
CA PHE A 101 12.17 8.20 -40.40
C PHE A 101 13.43 8.48 -41.20
N LEU A 102 14.52 8.88 -40.53
CA LEU A 102 15.91 8.91 -41.07
C LEU A 102 16.46 7.49 -41.17
N GLY A 103 15.97 6.56 -40.33
CA GLY A 103 16.26 5.11 -40.41
C GLY A 103 16.78 4.51 -39.10
N ALA A 104 16.97 5.30 -38.03
CA ALA A 104 17.21 4.79 -36.66
C ALA A 104 15.99 3.98 -36.18
N ARG A 105 16.02 2.65 -36.28
CA ARG A 105 14.89 1.76 -35.85
C ARG A 105 15.16 1.19 -34.43
N THR A 106 16.36 1.43 -33.88
CA THR A 106 16.77 1.10 -32.49
C THR A 106 17.27 2.39 -31.83
N PHE A 107 16.76 2.69 -30.62
CA PHE A 107 17.02 3.95 -29.89
C PHE A 107 17.45 3.64 -28.45
N LEU A 108 18.52 4.31 -28.01
CA LEU A 108 19.04 4.31 -26.63
C LEU A 108 18.64 5.67 -26.03
N LEU A 109 17.70 5.71 -25.10
CA LEU A 109 17.29 6.97 -24.45
C LEU A 109 18.02 7.08 -23.11
N THR A 110 18.80 8.13 -22.90
CA THR A 110 19.62 8.34 -21.69
C THR A 110 19.14 9.61 -20.99
N SER A 111 19.23 9.64 -19.66
CA SER A 111 18.72 10.72 -18.79
C SER A 111 19.56 10.77 -17.51
N ALA A 112 19.60 11.92 -16.85
CA ALA A 112 19.91 12.02 -15.41
C ALA A 112 18.61 11.77 -14.63
N ALA A 113 18.67 11.00 -13.55
CA ALA A 113 17.49 10.62 -12.73
C ALA A 113 17.89 10.59 -11.27
N GLY A 114 16.94 10.89 -10.39
CA GLY A 114 16.99 10.56 -8.95
C GLY A 114 16.75 9.08 -8.69
N GLY A 115 17.48 8.51 -7.73
CA GLY A 115 17.19 7.17 -7.18
C GLY A 115 16.09 7.22 -6.12
N LEU A 116 14.99 6.48 -6.31
CA LEU A 116 13.92 6.34 -5.28
C LEU A 116 14.24 5.11 -4.44
N ASN A 117 14.54 3.99 -5.12
CA ASN A 117 15.05 2.72 -4.52
C ASN A 117 16.21 3.05 -3.58
N PRO A 118 16.06 2.85 -2.24
CA PRO A 118 17.12 3.19 -1.28
C PRO A 118 18.41 2.37 -1.46
N ARG A 119 18.33 1.24 -2.17
CA ARG A 119 19.43 0.27 -2.38
C ARG A 119 20.44 0.88 -3.36
N PHE A 120 19.95 1.58 -4.39
CA PHE A 120 20.73 2.34 -5.41
C PHE A 120 21.74 3.29 -4.74
N ARG A 121 22.75 3.75 -5.50
CA ARG A 121 23.82 4.68 -5.07
C ARG A 121 23.97 5.80 -6.12
N ALA A 122 24.13 7.05 -5.67
CA ALA A 122 24.64 8.18 -6.48
C ALA A 122 25.88 7.69 -7.27
N GLY A 123 25.94 8.06 -8.56
CA GLY A 123 27.00 7.62 -9.50
C GLY A 123 26.64 6.34 -10.26
N GLY A 124 25.64 5.57 -9.82
CA GLY A 124 25.29 4.28 -10.43
C GLY A 124 24.49 4.45 -11.71
N ILE A 125 24.25 3.36 -12.41
CA ILE A 125 23.52 3.34 -13.71
C ILE A 125 22.33 2.37 -13.59
N MET A 126 21.15 2.81 -14.02
CA MET A 126 19.90 2.04 -13.93
C MET A 126 19.42 1.77 -15.35
N LEU A 127 19.39 0.50 -15.72
CA LEU A 127 18.66 0.01 -16.91
C LEU A 127 17.16 0.18 -16.64
N HIS A 128 16.42 0.73 -17.59
CA HIS A 128 14.94 0.88 -17.50
C HIS A 128 14.31 -0.48 -17.82
N LEU A 129 13.46 -0.99 -16.93
CA LEU A 129 12.64 -2.20 -17.15
C LEU A 129 11.21 -1.82 -17.51
N ASP A 130 10.71 -0.70 -17.00
CA ASP A 130 9.32 -0.21 -17.27
C ASP A 130 9.20 1.25 -16.84
N TYR A 131 8.06 1.88 -17.12
CA TYR A 131 7.85 3.32 -16.87
C TYR A 131 6.47 3.54 -16.24
N ILE A 132 6.37 4.65 -15.54
CA ILE A 132 5.09 5.17 -14.96
C ILE A 132 4.96 6.59 -15.47
N ASN A 133 3.79 6.96 -16.01
CA ASN A 133 3.51 8.36 -16.44
C ASN A 133 2.71 9.04 -15.34
N PHE A 134 3.33 9.93 -14.56
CA PHE A 134 2.69 10.77 -13.51
C PHE A 134 2.71 12.25 -13.94
N ALA A 135 2.84 12.53 -15.24
CA ALA A 135 2.93 13.90 -15.81
C ALA A 135 1.58 14.38 -16.36
N GLY A 136 0.65 13.46 -16.63
CA GLY A 136 -0.72 13.81 -17.08
C GLY A 136 -0.76 14.28 -18.52
N ALA A 137 0.20 13.85 -19.33
CA ALA A 137 0.33 14.21 -20.77
C ALA A 137 0.79 13.00 -21.57
N ASN A 138 0.35 12.91 -22.81
CA ASN A 138 0.63 11.75 -23.69
C ASN A 138 0.87 12.29 -25.09
N PRO A 139 2.01 11.94 -25.71
CA PRO A 139 2.36 12.57 -26.97
C PRO A 139 1.41 12.13 -28.09
N LEU A 140 0.72 11.00 -27.91
CA LEU A 140 -0.18 10.47 -28.97
C LEU A 140 -1.54 11.16 -28.91
N ARG A 141 -1.80 11.97 -27.89
CA ARG A 141 -3.12 12.63 -27.74
C ARG A 141 -3.31 13.54 -28.95
N GLY A 142 -4.40 13.33 -29.68
CA GLY A 142 -4.76 14.01 -30.95
C GLY A 142 -5.14 12.98 -32.00
N PRO A 143 -5.21 13.37 -33.30
CA PRO A 143 -5.54 12.44 -34.37
C PRO A 143 -4.35 11.50 -34.60
N ASN A 144 -4.61 10.26 -34.99
CA ASN A 144 -3.59 9.22 -35.26
C ASN A 144 -3.42 9.09 -36.77
N ASP A 145 -2.19 9.15 -37.27
CA ASP A 145 -1.86 8.82 -38.68
C ASP A 145 -1.41 7.37 -38.73
N GLU A 146 -2.18 6.49 -39.38
CA GLU A 146 -1.87 5.03 -39.47
C GLU A 146 -0.48 4.81 -40.07
N ARG A 147 0.05 5.80 -40.79
CA ARG A 147 1.39 5.71 -41.46
C ARG A 147 2.48 5.69 -40.41
N LEU A 148 2.28 6.34 -39.26
CA LEU A 148 3.26 6.31 -38.14
C LEU A 148 3.10 5.02 -37.33
N GLY A 149 1.87 4.69 -36.92
CA GLY A 149 1.56 3.56 -36.05
C GLY A 149 0.08 3.48 -35.70
N PRO A 150 -0.33 2.57 -34.79
CA PRO A 150 -1.75 2.34 -34.49
C PRO A 150 -2.31 3.36 -33.48
N ARG A 151 -3.63 3.54 -33.47
CA ARG A 151 -4.41 4.43 -32.56
C ARG A 151 -4.13 4.10 -31.08
N PHE A 152 -4.00 2.81 -30.73
CA PHE A 152 -3.85 2.31 -29.35
C PHE A 152 -2.63 1.39 -29.25
N PRO A 153 -1.41 1.95 -29.24
CA PRO A 153 -0.21 1.12 -29.08
C PRO A 153 -0.20 0.45 -27.71
N VAL A 154 0.22 -0.80 -27.74
CA VAL A 154 0.51 -1.67 -26.58
C VAL A 154 1.87 -1.27 -26.02
N MET A 155 1.96 -1.02 -24.72
CA MET A 155 3.16 -0.52 -24.02
C MET A 155 3.75 -1.61 -23.09
N PHE A 156 3.25 -2.83 -23.19
CA PHE A 156 3.93 -4.04 -22.68
C PHE A 156 5.22 -4.24 -23.46
N GLU A 157 6.30 -4.61 -22.77
CA GLU A 157 7.64 -4.82 -23.38
C GLU A 157 8.00 -3.52 -24.12
N ALA A 158 7.65 -2.36 -23.54
CA ALA A 158 7.99 -1.03 -24.11
C ALA A 158 9.51 -0.96 -24.22
N TYR A 159 10.20 -1.30 -23.15
CA TYR A 159 11.66 -1.50 -23.12
C TYR A 159 11.95 -2.89 -23.71
N ASP A 160 12.62 -2.93 -24.87
CA ASP A 160 12.91 -4.16 -25.63
C ASP A 160 13.55 -5.18 -24.71
N PRO A 161 12.97 -6.41 -24.63
CA PRO A 161 13.52 -7.49 -23.81
C PRO A 161 14.89 -8.02 -24.29
N GLU A 162 15.17 -8.04 -25.59
CA GLU A 162 16.50 -8.49 -26.11
C GLU A 162 17.57 -7.47 -25.69
N LEU A 163 17.25 -6.18 -25.74
CA LEU A 163 18.21 -5.11 -25.40
C LEU A 163 18.46 -5.11 -23.89
N ILE A 164 17.48 -5.57 -23.09
CA ILE A 164 17.63 -5.65 -21.61
C ILE A 164 18.66 -6.74 -21.30
N GLU A 165 18.54 -7.88 -21.98
CA GLU A 165 19.47 -9.02 -21.77
C GLU A 165 20.87 -8.55 -22.19
N LEU A 166 20.95 -7.82 -23.30
CA LEU A 166 22.23 -7.30 -23.84
C LEU A 166 22.87 -6.36 -22.83
N ALA A 167 22.07 -5.45 -22.27
CA ALA A 167 22.50 -4.45 -21.28
C ALA A 167 23.06 -5.19 -20.07
N ARG A 168 22.48 -6.34 -19.71
CA ARG A 168 22.95 -7.16 -18.55
C ARG A 168 24.28 -7.84 -18.89
N LYS A 169 24.38 -8.45 -20.07
CA LYS A 169 25.60 -9.14 -20.56
C LYS A 169 26.78 -8.13 -20.55
N VAL A 170 26.57 -6.93 -21.08
CA VAL A 170 27.67 -5.95 -21.24
C VAL A 170 28.11 -5.46 -19.86
N ALA A 171 27.22 -5.35 -18.88
CA ALA A 171 27.56 -4.90 -17.52
C ALA A 171 28.47 -5.95 -16.86
N ARG A 172 28.06 -7.21 -16.88
CA ARG A 172 28.88 -8.37 -16.39
C ARG A 172 30.28 -8.28 -17.01
N ARG A 173 30.38 -8.31 -18.35
CA ARG A 173 31.64 -8.18 -19.12
C ARG A 173 32.52 -7.05 -18.54
N GLN A 174 31.95 -5.86 -18.27
CA GLN A 174 32.74 -4.66 -17.85
C GLN A 174 32.91 -4.62 -16.33
N ASP A 175 32.63 -5.71 -15.62
CA ASP A 175 32.65 -5.80 -14.12
C ASP A 175 31.91 -4.58 -13.53
N LEU A 176 30.73 -4.26 -14.07
CA LEU A 176 29.89 -3.08 -13.73
C LEU A 176 28.56 -3.56 -13.11
N HIS A 177 28.23 -3.11 -11.90
CA HIS A 177 26.96 -3.46 -11.21
C HIS A 177 25.85 -2.57 -11.75
N LEU A 178 24.94 -3.17 -12.54
CA LEU A 178 23.83 -2.52 -13.26
C LEU A 178 22.56 -2.62 -12.41
N PHE A 179 22.16 -1.51 -11.78
CA PHE A 179 20.83 -1.32 -11.16
C PHE A 179 19.77 -1.38 -12.26
N GLU A 180 18.58 -1.82 -11.86
CA GLU A 180 17.43 -2.06 -12.76
C GLU A 180 16.19 -1.46 -12.09
N GLY A 181 15.22 -0.97 -12.85
CA GLY A 181 13.91 -0.62 -12.27
C GLY A 181 13.02 0.19 -13.17
N VAL A 182 11.99 0.76 -12.52
CA VAL A 182 10.84 1.48 -13.14
C VAL A 182 11.16 2.96 -13.09
N TYR A 183 11.06 3.63 -14.24
CA TYR A 183 11.28 5.09 -14.38
C TYR A 183 9.94 5.83 -14.30
N ALA A 184 9.80 6.76 -13.35
CA ALA A 184 8.62 7.66 -13.21
C ALA A 184 8.92 9.04 -13.81
N TRP A 185 8.12 9.41 -14.80
CA TRP A 185 8.04 10.77 -15.41
C TRP A 185 7.29 11.71 -14.48
N PHE A 186 8.01 12.55 -13.73
CA PHE A 186 7.49 13.65 -12.89
C PHE A 186 7.58 14.91 -13.72
N MET A 187 6.52 15.73 -13.79
CA MET A 187 6.42 16.79 -14.83
C MET A 187 7.48 17.86 -14.57
N GLY A 188 7.76 18.17 -13.30
CA GLY A 188 8.68 19.25 -12.93
C GLY A 188 8.14 20.60 -13.40
N PRO A 189 8.97 21.67 -13.46
CA PRO A 189 10.42 21.60 -13.16
C PRO A 189 10.86 21.68 -11.69
N SER A 190 9.95 22.02 -10.77
CA SER A 190 10.22 21.92 -9.31
C SER A 190 10.52 20.46 -9.02
N PHE A 191 11.49 20.17 -8.16
CA PHE A 191 11.77 18.79 -7.72
C PHE A 191 10.58 18.32 -6.85
N ALA A 192 10.44 17.02 -6.67
CA ALA A 192 9.37 16.39 -5.88
C ALA A 192 9.49 16.82 -4.41
N SER A 193 8.35 17.03 -3.74
CA SER A 193 8.27 17.10 -2.26
C SER A 193 8.67 15.75 -1.69
N ARG A 194 8.96 15.71 -0.39
CA ARG A 194 9.21 14.45 0.35
C ARG A 194 8.02 13.50 0.09
N ALA A 195 6.79 13.98 0.29
CA ALA A 195 5.56 13.18 0.21
C ALA A 195 5.36 12.68 -1.23
N GLU A 196 5.68 13.51 -2.23
CA GLU A 196 5.63 13.09 -3.65
C GLU A 196 6.67 12.00 -3.90
N LEU A 197 7.88 12.11 -3.37
CA LEU A 197 8.91 11.04 -3.57
C LEU A 197 8.36 9.75 -2.96
N ARG A 198 7.84 9.83 -1.74
CA ARG A 198 7.30 8.66 -1.01
C ARG A 198 6.18 8.07 -1.86
N LEU A 199 5.29 8.93 -2.35
CA LEU A 199 4.12 8.52 -3.15
C LEU A 199 4.62 7.71 -4.37
N LEU A 200 5.68 8.15 -5.05
CA LEU A 200 6.14 7.51 -6.33
C LEU A 200 6.89 6.21 -6.04
N ARG A 201 7.66 6.14 -4.94
CA ARG A 201 8.34 4.88 -4.55
C ARG A 201 7.27 3.80 -4.30
N GLU A 202 6.20 4.15 -3.58
CA GLU A 202 5.22 3.19 -3.01
C GLU A 202 4.28 2.73 -4.14
N LEU A 203 4.09 3.53 -5.20
CA LEU A 203 3.45 3.08 -6.47
C LEU A 203 4.36 2.16 -7.31
N GLY A 204 5.65 1.99 -6.93
CA GLY A 204 6.57 1.03 -7.59
C GLY A 204 7.58 1.68 -8.53
N ALA A 205 7.87 2.97 -8.37
CA ALA A 205 8.96 3.68 -9.08
C ALA A 205 10.28 3.43 -8.35
N ASP A 206 11.36 3.24 -9.13
CA ASP A 206 12.74 3.06 -8.63
C ASP A 206 13.58 4.31 -8.95
N ALA A 207 13.25 5.04 -10.02
CA ALA A 207 13.91 6.32 -10.40
C ALA A 207 12.86 7.37 -10.78
N ILE A 208 13.21 8.63 -10.57
CA ILE A 208 12.35 9.81 -10.85
C ILE A 208 13.14 10.75 -11.75
N GLY A 209 12.54 11.19 -12.85
CA GLY A 209 13.08 12.28 -13.70
C GLY A 209 12.00 12.91 -14.53
N MET A 210 12.37 13.84 -15.41
CA MET A 210 11.42 14.74 -16.07
C MET A 210 11.45 14.56 -17.60
N SER A 211 11.83 13.39 -18.12
CA SER A 211 12.00 13.13 -19.58
C SER A 211 11.63 11.69 -19.95
N THR A 212 11.86 11.29 -21.21
CA THR A 212 12.05 9.88 -21.69
C THR A 212 10.73 9.18 -22.00
N VAL A 213 9.78 9.22 -21.07
CA VAL A 213 8.49 8.47 -21.20
C VAL A 213 7.78 8.90 -22.50
N PRO A 214 7.65 10.20 -22.84
CA PRO A 214 6.96 10.57 -24.07
C PRO A 214 7.69 9.97 -25.27
N GLU A 215 9.03 10.00 -25.25
CA GLU A 215 9.92 9.41 -26.28
C GLU A 215 9.60 7.91 -26.36
N VAL A 216 9.60 7.20 -25.22
CA VAL A 216 9.32 5.74 -25.19
C VAL A 216 7.97 5.44 -25.85
N ILE A 217 6.92 6.19 -25.52
CA ILE A 217 5.53 5.97 -26.06
C ILE A 217 5.52 6.29 -27.56
N ALA A 218 6.07 7.43 -27.96
CA ALA A 218 6.18 7.88 -29.37
C ALA A 218 6.89 6.80 -30.22
N LEU A 219 7.96 6.22 -29.68
CA LEU A 219 8.84 5.27 -30.41
C LEU A 219 8.21 3.89 -30.49
N ARG A 220 7.41 3.46 -29.50
CA ARG A 220 6.75 2.12 -29.57
C ARG A 220 5.55 2.22 -30.50
N HIS A 221 4.91 3.39 -30.55
CA HIS A 221 3.89 3.73 -31.57
C HIS A 221 4.44 3.40 -32.97
N LEU A 222 5.70 3.77 -33.22
CA LEU A 222 6.40 3.69 -34.53
C LEU A 222 6.92 2.27 -34.80
N GLY A 223 7.07 1.46 -33.75
CA GLY A 223 7.58 0.06 -33.82
C GLY A 223 9.08 -0.01 -33.64
N ALA A 224 9.71 1.09 -33.23
CA ALA A 224 11.15 1.15 -32.89
C ALA A 224 11.44 0.26 -31.68
N ARG A 225 12.67 -0.23 -31.54
CA ARG A 225 13.16 -0.88 -30.30
C ARG A 225 13.81 0.21 -29.45
N VAL A 226 13.68 0.11 -28.13
CA VAL A 226 14.03 1.20 -27.16
C VAL A 226 14.82 0.56 -26.01
N LEU A 227 15.91 1.20 -25.59
CA LEU A 227 16.69 0.88 -24.37
C LEU A 227 16.84 2.19 -23.59
N GLY A 228 16.52 2.15 -22.29
CA GLY A 228 16.52 3.33 -21.41
C GLY A 228 17.61 3.20 -20.36
N LEU A 229 18.45 4.22 -20.21
CA LEU A 229 19.50 4.24 -19.17
C LEU A 229 19.45 5.60 -18.51
N SER A 230 19.51 5.59 -17.19
CA SER A 230 19.66 6.80 -16.36
C SER A 230 20.95 6.63 -15.56
N THR A 231 21.67 7.73 -15.45
CA THR A 231 22.70 7.98 -14.43
C THR A 231 21.92 8.37 -13.17
N ILE A 232 22.02 7.58 -12.12
CA ILE A 232 21.43 7.93 -10.81
C ILE A 232 22.34 9.00 -10.20
N THR A 233 22.12 10.25 -10.57
CA THR A 233 22.97 11.42 -10.22
C THR A 233 22.85 11.75 -8.72
N ASP A 234 21.69 11.47 -8.11
CA ASP A 234 21.41 11.76 -6.68
C ASP A 234 20.54 10.62 -6.13
N MET A 235 20.38 10.59 -4.81
CA MET A 235 19.46 9.65 -4.14
C MET A 235 18.28 10.48 -3.61
N ALA A 236 17.13 10.31 -4.26
CA ALA A 236 15.85 10.97 -3.93
C ALA A 236 15.10 10.06 -2.95
N VAL A 237 15.48 10.13 -1.68
CA VAL A 237 14.82 9.34 -0.60
C VAL A 237 14.41 10.30 0.52
N PRO A 238 13.10 10.46 0.75
CA PRO A 238 12.59 11.53 1.62
C PRO A 238 12.80 11.36 3.14
N GLU A 239 13.37 10.26 3.60
CA GLU A 239 13.68 10.11 5.04
C GLU A 239 15.21 10.24 5.23
N ARG A 240 15.81 11.14 4.44
CA ARG A 240 17.24 11.58 4.42
C ARG A 240 17.22 13.09 4.16
N GLU A 241 18.00 13.93 4.86
CA GLU A 241 17.98 15.41 4.62
C GLU A 241 18.57 15.72 3.22
N HIS A 242 18.28 16.91 2.69
CA HIS A 242 18.84 17.47 1.43
C HIS A 242 18.52 16.59 0.22
N HIS A 243 17.76 17.16 -0.73
CA HIS A 243 17.66 16.76 -2.16
C HIS A 243 18.82 17.43 -2.89
N ALA A 244 19.41 16.77 -3.89
CA ALA A 244 20.43 17.34 -4.80
C ALA A 244 19.88 18.62 -5.46
N THR A 245 20.76 19.57 -5.77
CA THR A 245 20.45 20.81 -6.53
C THR A 245 20.74 20.54 -8.03
N GLU A 246 20.49 21.52 -8.91
CA GLU A 246 20.84 21.47 -10.37
C GLU A 246 22.34 21.20 -10.52
N GLU A 247 23.17 22.02 -9.85
CA GLU A 247 24.67 21.99 -9.86
C GLU A 247 25.21 20.60 -9.48
N GLU A 248 24.57 19.92 -8.51
CA GLU A 248 24.99 18.61 -7.93
C GLU A 248 24.63 17.46 -8.89
N VAL A 249 23.41 17.49 -9.47
CA VAL A 249 22.94 16.56 -10.53
C VAL A 249 23.99 16.56 -11.65
N LEU A 250 24.17 17.69 -12.35
CA LEU A 250 25.06 17.86 -13.54
C LEU A 250 26.51 17.50 -13.21
N ARG A 251 26.97 17.78 -11.97
CA ARG A 251 28.36 17.48 -11.51
C ARG A 251 28.60 15.95 -11.47
N VAL A 252 27.63 15.19 -10.96
CA VAL A 252 27.72 13.70 -10.85
C VAL A 252 27.59 13.07 -12.23
N ALA A 253 26.87 13.71 -13.17
CA ALA A 253 26.62 13.22 -14.56
C ALA A 253 27.91 13.32 -15.40
N ALA A 254 28.80 14.27 -15.04
CA ALA A 254 30.14 14.49 -15.64
C ALA A 254 31.18 13.53 -15.02
N GLU A 255 31.18 13.35 -13.69
CA GLU A 255 32.08 12.42 -12.91
C GLU A 255 31.91 10.95 -13.37
N THR A 256 30.65 10.53 -13.54
CA THR A 256 30.18 9.16 -13.92
C THR A 256 30.43 8.91 -15.43
N GLY A 257 30.73 9.95 -16.19
CA GLY A 257 30.70 9.93 -17.67
C GLY A 257 31.63 8.88 -18.26
N PRO A 258 32.89 8.76 -17.77
CA PRO A 258 33.82 7.78 -18.33
C PRO A 258 33.26 6.35 -18.18
N VAL A 259 32.73 6.02 -16.99
CA VAL A 259 32.10 4.69 -16.70
C VAL A 259 30.91 4.51 -17.65
N PHE A 260 30.13 5.56 -17.89
CA PHE A 260 28.85 5.57 -18.66
C PHE A 260 29.09 5.51 -20.18
N ARG A 261 30.09 6.25 -20.69
CA ARG A 261 30.45 6.20 -22.13
C ARG A 261 31.02 4.83 -22.47
N ARG A 262 31.82 4.26 -21.56
CA ARG A 262 32.39 2.90 -21.72
C ARG A 262 31.25 1.89 -21.83
N TYR A 263 30.13 2.13 -21.11
CA TYR A 263 28.97 1.20 -21.05
C TYR A 263 28.19 1.37 -22.36
N VAL A 264 27.88 2.60 -22.75
CA VAL A 264 27.04 2.87 -23.95
C VAL A 264 27.76 2.26 -25.15
N ARG A 265 29.08 2.50 -25.24
CA ARG A 265 29.97 1.96 -26.31
C ARG A 265 29.88 0.44 -26.31
N GLY A 266 30.02 -0.18 -25.13
CA GLY A 266 29.88 -1.65 -24.94
C GLY A 266 28.64 -2.19 -25.62
N ILE A 267 27.49 -1.55 -25.35
CA ILE A 267 26.17 -1.91 -25.92
C ILE A 267 26.19 -1.68 -27.45
N LEU A 268 26.51 -0.47 -27.89
CA LEU A 268 26.64 -0.10 -29.33
C LEU A 268 27.39 -1.18 -30.11
N ALA A 269 28.45 -1.75 -29.54
CA ALA A 269 29.37 -2.65 -30.27
C ALA A 269 28.65 -3.96 -30.61
N GLU A 270 27.62 -4.32 -29.86
CA GLU A 270 26.91 -5.63 -30.00
C GLU A 270 25.66 -5.50 -30.88
N LEU A 271 25.27 -4.28 -31.27
CA LEU A 271 24.00 -3.97 -32.02
C LEU A 271 24.22 -4.03 -33.54
N GLU B 1 5.18 38.94 -20.80
CA GLU B 1 6.60 39.21 -20.33
C GLU B 1 6.68 39.09 -18.79
N LEU B 2 6.52 37.90 -18.21
CA LEU B 2 6.56 37.68 -16.73
C LEU B 2 7.79 38.39 -16.17
N TYR B 3 7.58 39.33 -15.28
CA TYR B 3 8.61 40.23 -14.69
C TYR B 3 8.21 41.68 -15.00
N ASP B 4 8.13 42.02 -16.28
CA ASP B 4 7.61 43.35 -16.70
C ASP B 4 6.13 43.39 -16.32
N LYS B 5 5.45 42.24 -16.34
CA LYS B 5 4.06 42.08 -15.87
C LYS B 5 4.00 42.30 -14.36
N ILE B 6 4.88 41.66 -13.59
CA ILE B 6 5.00 41.81 -12.10
C ILE B 6 5.32 43.27 -11.75
N GLN B 7 6.26 43.91 -12.45
CA GLN B 7 6.73 45.28 -12.09
C GLN B 7 5.61 46.26 -12.45
N GLU B 8 4.80 45.95 -13.46
CA GLU B 8 3.59 46.75 -13.78
C GLU B 8 2.62 46.68 -12.59
N ALA B 9 2.35 45.47 -12.08
CA ALA B 9 1.43 45.21 -10.94
C ALA B 9 1.97 45.95 -9.71
N VAL B 10 3.28 45.86 -9.49
CA VAL B 10 4.01 46.53 -8.38
C VAL B 10 3.85 48.07 -8.48
N ALA B 11 4.12 48.64 -9.65
CA ALA B 11 4.06 50.10 -9.90
C ALA B 11 2.64 50.62 -9.63
N TYR B 12 1.61 49.90 -10.07
CA TYR B 12 0.20 50.28 -9.82
C TYR B 12 -0.09 50.27 -8.31
N VAL B 13 0.46 49.30 -7.58
CA VAL B 13 0.26 49.22 -6.10
C VAL B 13 0.96 50.41 -5.44
N ARG B 14 2.20 50.72 -5.84
CA ARG B 14 2.99 51.82 -5.23
C ARG B 14 2.38 53.19 -5.61
N SER B 15 1.54 53.25 -6.65
CA SER B 15 0.76 54.45 -7.03
C SER B 15 -0.38 54.71 -6.01
N LYS B 16 -0.63 53.79 -5.06
CA LYS B 16 -1.69 53.96 -4.04
C LYS B 16 -1.09 54.10 -2.64
N THR B 17 0.16 53.64 -2.44
CA THR B 17 0.81 53.59 -1.11
C THR B 17 2.26 53.10 -1.24
N ASP B 18 3.13 53.58 -0.34
CA ASP B 18 4.57 53.25 -0.31
C ASP B 18 4.81 52.24 0.83
N PHE B 19 3.74 51.84 1.52
CA PHE B 19 3.79 50.83 2.61
C PHE B 19 4.51 49.58 2.11
N VAL B 20 5.53 49.15 2.86
CA VAL B 20 6.34 47.94 2.54
C VAL B 20 5.89 46.83 3.48
N PRO B 21 5.25 45.77 2.97
CA PRO B 21 4.95 44.59 3.77
C PRO B 21 6.19 43.69 3.97
N GLU B 22 6.25 43.02 5.12
CA GLU B 22 7.21 41.93 5.45
C GLU B 22 6.50 40.57 5.37
N VAL B 23 5.18 40.52 5.58
CA VAL B 23 4.45 39.23 5.78
C VAL B 23 3.22 39.20 4.89
N GLY B 24 3.17 38.22 3.99
CA GLY B 24 2.00 38.01 3.11
C GLY B 24 1.05 37.06 3.77
N LEU B 25 -0.23 37.40 3.82
CA LEU B 25 -1.32 36.56 4.39
C LEU B 25 -2.36 36.29 3.31
N VAL B 26 -2.39 35.06 2.77
CA VAL B 26 -3.45 34.62 1.84
C VAL B 26 -4.58 33.98 2.68
N LEU B 27 -5.78 34.52 2.55
CA LEU B 27 -6.99 34.04 3.25
C LEU B 27 -7.87 33.25 2.28
N GLY B 28 -8.16 32.00 2.64
CA GLY B 28 -8.93 31.05 1.82
C GLY B 28 -10.43 31.24 1.97
N SER B 29 -11.20 30.26 1.46
CA SER B 29 -12.69 30.23 1.47
C SER B 29 -13.23 30.48 2.89
N GLY B 30 -13.93 31.60 3.12
CA GLY B 30 -14.61 31.91 4.40
C GLY B 30 -13.66 32.45 5.46
N LEU B 31 -12.37 32.56 5.16
CA LEU B 31 -11.35 33.02 6.14
C LEU B 31 -11.07 34.53 6.03
N GLY B 32 -11.79 35.23 5.13
CA GLY B 32 -11.63 36.65 4.74
C GLY B 32 -11.80 37.65 5.88
N PRO B 33 -12.70 37.43 6.86
CA PRO B 33 -12.91 38.41 7.93
C PRO B 33 -11.66 38.82 8.73
N LEU B 34 -10.55 38.09 8.64
CA LEU B 34 -9.27 38.47 9.32
C LEU B 34 -8.65 39.71 8.67
N ALA B 35 -9.04 40.07 7.44
CA ALA B 35 -8.54 41.28 6.73
C ALA B 35 -9.14 42.52 7.39
N ASP B 36 -10.26 42.35 8.09
CA ASP B 36 -11.02 43.44 8.76
C ASP B 36 -10.25 43.89 10.02
N GLU B 37 -9.61 42.96 10.74
CA GLU B 37 -8.88 43.23 12.01
C GLU B 37 -7.55 43.95 11.72
N VAL B 38 -7.15 44.09 10.45
CA VAL B 38 -5.98 44.90 10.02
C VAL B 38 -6.24 46.38 10.30
N GLU B 39 -5.19 47.12 10.69
CA GLU B 39 -5.08 48.60 10.71
C GLU B 39 -4.69 49.05 9.29
N LYS B 40 -5.68 49.46 8.48
CA LYS B 40 -5.61 49.64 7.00
C LYS B 40 -4.81 50.89 6.61
N VAL B 41 -4.07 50.83 5.50
CA VAL B 41 -3.43 52.00 4.83
C VAL B 41 -3.90 52.06 3.37
N ALA B 42 -4.13 50.94 2.70
CA ALA B 42 -4.67 50.89 1.32
C ALA B 42 -5.48 49.60 1.13
N GLU B 43 -6.47 49.64 0.24
CA GLU B 43 -7.33 48.47 -0.11
C GLU B 43 -7.56 48.47 -1.62
N ILE B 44 -7.09 47.46 -2.34
CA ILE B 44 -7.18 47.47 -3.83
C ILE B 44 -7.89 46.22 -4.32
N PRO B 45 -9.04 46.35 -4.99
CA PRO B 45 -9.67 45.22 -5.68
C PRO B 45 -8.70 44.68 -6.75
N TYR B 46 -8.61 43.34 -6.83
CA TYR B 46 -7.76 42.61 -7.81
C TYR B 46 -8.04 43.13 -9.23
N GLY B 47 -9.32 43.40 -9.57
CA GLY B 47 -9.74 43.80 -10.93
C GLY B 47 -9.05 45.08 -11.44
N GLU B 48 -8.62 45.97 -10.53
CA GLU B 48 -7.93 47.25 -10.88
C GLU B 48 -6.43 47.04 -11.09
N ILE B 49 -5.85 45.94 -10.57
CA ILE B 49 -4.39 45.68 -10.59
C ILE B 49 -4.05 45.03 -11.91
N PRO B 50 -3.04 45.58 -12.64
CA PRO B 50 -2.62 45.01 -13.92
C PRO B 50 -2.25 43.52 -13.84
N HIS B 51 -2.83 42.71 -14.73
CA HIS B 51 -2.51 41.28 -14.94
C HIS B 51 -2.90 40.43 -13.72
N PHE B 52 -3.60 40.96 -12.72
CA PHE B 52 -4.14 40.16 -11.60
C PHE B 52 -5.38 39.42 -12.04
N PRO B 53 -5.50 38.09 -11.77
CA PRO B 53 -6.72 37.36 -12.05
C PRO B 53 -7.77 37.68 -10.97
N VAL B 54 -9.06 37.68 -11.32
CA VAL B 54 -10.13 38.12 -10.38
C VAL B 54 -10.74 36.88 -9.73
N SER B 55 -11.11 36.99 -8.45
CA SER B 55 -11.86 35.94 -7.70
C SER B 55 -13.27 35.78 -8.30
N THR B 56 -13.65 34.53 -8.64
CA THR B 56 -15.04 34.11 -9.01
C THR B 56 -15.63 33.12 -7.98
N ALA B 57 -14.82 32.58 -7.06
CA ALA B 57 -15.19 31.44 -6.17
C ALA B 57 -15.89 31.94 -4.91
N PRO B 58 -16.96 31.27 -4.45
CA PRO B 58 -17.66 31.67 -3.22
C PRO B 58 -16.73 31.74 -1.98
N GLY B 59 -16.87 32.80 -1.17
CA GLY B 59 -16.03 33.06 0.03
C GLY B 59 -14.72 33.80 -0.28
N HIS B 60 -14.56 34.40 -1.46
CA HIS B 60 -13.32 35.11 -1.87
C HIS B 60 -13.72 36.49 -2.39
N ALA B 61 -13.37 37.55 -1.65
CA ALA B 61 -13.84 38.94 -1.91
C ALA B 61 -13.02 39.59 -3.03
N GLY B 62 -11.79 39.13 -3.29
CA GLY B 62 -10.89 39.66 -4.33
C GLY B 62 -10.28 41.04 -4.04
N ARG B 63 -9.69 41.23 -2.86
CA ARG B 63 -9.22 42.56 -2.37
C ARG B 63 -7.81 42.43 -1.77
N LEU B 64 -6.91 43.33 -2.14
CA LEU B 64 -5.53 43.40 -1.58
C LEU B 64 -5.55 44.43 -0.45
N VAL B 65 -5.11 44.04 0.74
CA VAL B 65 -5.16 44.93 1.93
C VAL B 65 -3.74 45.09 2.45
N LEU B 66 -3.34 46.32 2.70
CA LEU B 66 -1.99 46.69 3.19
C LEU B 66 -2.13 47.37 4.54
N GLY B 67 -1.27 47.03 5.49
CA GLY B 67 -1.24 47.74 6.77
C GLY B 67 -0.69 46.89 7.89
N ARG B 68 -1.06 47.23 9.11
CA ARG B 68 -0.44 46.73 10.36
C ARG B 68 -1.43 45.74 10.99
N LEU B 69 -0.96 44.54 11.30
CA LEU B 69 -1.71 43.52 12.07
C LEU B 69 -0.77 43.03 13.15
N GLU B 70 -1.19 43.07 14.40
CA GLU B 70 -0.37 42.55 15.51
C GLU B 70 1.05 43.14 15.37
N GLY B 71 1.14 44.41 14.95
CA GLY B 71 2.40 45.17 14.84
C GLY B 71 3.35 44.74 13.72
N LYS B 72 2.94 43.90 12.76
CA LYS B 72 3.82 43.57 11.61
C LYS B 72 3.23 44.22 10.36
N PRO B 73 4.04 44.78 9.44
CA PRO B 73 3.53 45.23 8.15
C PRO B 73 3.18 44.05 7.26
N VAL B 74 1.91 43.99 6.84
CA VAL B 74 1.29 42.82 6.16
C VAL B 74 0.64 43.22 4.84
N LEU B 75 0.77 42.33 3.87
CA LEU B 75 -0.02 42.31 2.62
C LEU B 75 -1.04 41.19 2.78
N VAL B 76 -2.31 41.53 2.90
CA VAL B 76 -3.37 40.50 3.09
C VAL B 76 -4.04 40.29 1.73
N TYR B 77 -4.12 39.04 1.29
CA TYR B 77 -4.96 38.63 0.13
C TYR B 77 -6.31 38.17 0.67
N LYS B 78 -7.28 39.07 0.73
CA LYS B 78 -8.69 38.73 1.04
C LYS B 78 -9.28 38.06 -0.21
N GLY B 79 -9.10 36.75 -0.29
CA GLY B 79 -9.48 35.94 -1.46
C GLY B 79 -8.24 35.46 -2.21
N ARG B 80 -8.37 34.32 -2.89
CA ARG B 80 -7.43 33.90 -3.95
C ARG B 80 -8.23 33.49 -5.17
N VAL B 81 -7.53 32.93 -6.14
CA VAL B 81 -8.04 32.32 -7.40
C VAL B 81 -7.56 30.89 -7.42
N HIS B 82 -8.17 30.07 -8.26
CA HIS B 82 -7.92 28.61 -8.29
C HIS B 82 -7.90 28.11 -9.72
N TYR B 83 -7.11 27.07 -9.92
CA TYR B 83 -6.96 26.31 -11.16
C TYR B 83 -8.35 25.86 -11.66
N TYR B 84 -9.26 25.47 -10.76
CA TYR B 84 -10.62 25.02 -11.15
C TYR B 84 -11.44 26.15 -11.79
N GLU B 85 -11.04 27.42 -11.66
CA GLU B 85 -11.83 28.57 -12.20
C GLU B 85 -11.52 28.73 -13.70
N GLY B 86 -10.44 28.12 -14.18
CA GLY B 86 -10.00 28.21 -15.59
C GLY B 86 -8.68 28.96 -15.72
N TYR B 87 -8.13 29.46 -14.61
CA TYR B 87 -6.77 30.05 -14.52
C TYR B 87 -5.72 28.94 -14.63
N SER B 88 -4.64 29.22 -15.36
CA SER B 88 -3.42 28.37 -15.46
C SER B 88 -2.68 28.35 -14.11
N ALA B 89 -1.87 27.33 -13.82
CA ALA B 89 -1.04 27.33 -12.59
C ALA B 89 -0.24 28.65 -12.46
N GLU B 90 0.33 29.15 -13.56
CA GLU B 90 1.07 30.44 -13.62
C GLU B 90 0.19 31.63 -13.20
N GLU B 91 -1.01 31.76 -13.77
CA GLU B 91 -1.94 32.89 -13.48
C GLU B 91 -2.33 32.89 -12.00
N VAL B 92 -2.56 31.70 -11.43
CA VAL B 92 -2.92 31.52 -9.99
C VAL B 92 -1.83 32.15 -9.10
N VAL B 93 -0.55 32.04 -9.47
CA VAL B 93 0.58 32.39 -8.57
C VAL B 93 0.99 33.85 -8.79
N PHE B 94 0.31 34.59 -9.66
CA PHE B 94 0.72 35.96 -10.01
C PHE B 94 0.58 36.86 -8.77
N PRO B 95 -0.54 36.80 -8.00
CA PRO B 95 -0.67 37.62 -6.79
C PRO B 95 0.48 37.49 -5.79
N VAL B 96 0.87 36.27 -5.39
CA VAL B 96 1.92 36.10 -4.33
C VAL B 96 3.30 36.46 -4.93
N ARG B 97 3.49 36.27 -6.24
CA ARG B 97 4.73 36.77 -6.91
C ARG B 97 4.79 38.29 -6.77
N VAL B 98 3.68 38.99 -6.96
CA VAL B 98 3.64 40.48 -6.81
C VAL B 98 3.94 40.80 -5.35
N GLY B 99 3.33 40.08 -4.41
CA GLY B 99 3.56 40.30 -2.97
C GLY B 99 5.03 40.16 -2.61
N PHE B 100 5.73 39.18 -3.20
CA PHE B 100 7.15 38.91 -2.89
C PHE B 100 7.99 40.14 -3.31
N PHE B 101 7.68 40.69 -4.48
CA PHE B 101 8.43 41.79 -5.13
C PHE B 101 8.07 43.13 -4.46
N LEU B 102 6.90 43.24 -3.83
CA LEU B 102 6.49 44.38 -2.98
C LEU B 102 7.28 44.38 -1.65
N GLY B 103 7.98 43.28 -1.31
CA GLY B 103 8.83 43.20 -0.11
C GLY B 103 8.49 42.06 0.84
N ALA B 104 7.41 41.29 0.63
CA ALA B 104 7.01 40.17 1.51
C ALA B 104 7.94 38.95 1.29
N ARG B 105 8.54 38.44 2.35
CA ARG B 105 9.55 37.33 2.29
C ARG B 105 9.04 36.16 3.14
N THR B 106 8.09 36.41 4.02
CA THR B 106 7.37 35.37 4.82
C THR B 106 5.90 35.36 4.38
N PHE B 107 5.37 34.22 3.98
CA PHE B 107 3.95 34.08 3.56
C PHE B 107 3.23 33.04 4.40
N LEU B 108 2.04 33.41 4.90
CA LEU B 108 1.03 32.51 5.51
C LEU B 108 -0.04 32.22 4.46
N LEU B 109 -0.10 30.97 4.01
CA LEU B 109 -1.13 30.47 3.07
C LEU B 109 -2.20 29.71 3.88
N THR B 110 -3.39 30.28 4.01
CA THR B 110 -4.53 29.65 4.69
C THR B 110 -5.54 29.12 3.66
N SER B 111 -6.25 28.05 4.03
CA SER B 111 -7.29 27.38 3.18
C SER B 111 -8.41 26.75 4.03
N ALA B 112 -9.60 26.60 3.45
CA ALA B 112 -10.59 25.59 3.88
C ALA B 112 -10.23 24.25 3.20
N ALA B 113 -10.01 23.17 3.96
CA ALA B 113 -9.64 21.83 3.43
C ALA B 113 -10.44 20.71 4.10
N GLY B 114 -10.62 19.62 3.37
CA GLY B 114 -11.24 18.39 3.90
C GLY B 114 -10.22 17.54 4.64
N GLY B 115 -10.64 16.92 5.74
CA GLY B 115 -9.82 15.99 6.52
C GLY B 115 -9.94 14.58 5.97
N LEU B 116 -8.82 14.05 5.47
CA LEU B 116 -8.66 12.65 5.01
C LEU B 116 -8.35 11.76 6.21
N ASN B 117 -7.47 12.25 7.09
CA ASN B 117 -7.03 11.58 8.34
C ASN B 117 -8.22 11.48 9.31
N PRO B 118 -8.75 10.26 9.58
CA PRO B 118 -9.99 10.09 10.36
C PRO B 118 -9.89 10.51 11.84
N ARG B 119 -8.67 10.71 12.34
CA ARG B 119 -8.40 11.20 13.72
C ARG B 119 -8.72 12.70 13.81
N PHE B 120 -8.80 13.41 12.69
CA PHE B 120 -9.09 14.87 12.66
C PHE B 120 -10.57 15.06 13.04
N ARG B 121 -10.96 16.31 13.25
CA ARG B 121 -12.38 16.73 13.46
C ARG B 121 -12.64 17.96 12.59
N ALA B 122 -13.86 18.09 12.08
CA ALA B 122 -14.38 19.37 11.55
C ALA B 122 -14.17 20.45 12.62
N GLY B 123 -13.94 21.69 12.20
CA GLY B 123 -13.61 22.84 13.07
C GLY B 123 -12.18 22.79 13.56
N GLY B 124 -11.43 21.75 13.20
CA GLY B 124 -10.01 21.60 13.56
C GLY B 124 -9.10 22.49 12.71
N ILE B 125 -7.84 22.58 13.08
CA ILE B 125 -6.81 23.38 12.35
C ILE B 125 -5.60 22.50 12.08
N MET B 126 -5.15 22.44 10.82
CA MET B 126 -4.02 21.56 10.43
C MET B 126 -2.85 22.37 9.92
N LEU B 127 -1.67 22.10 10.49
CA LEU B 127 -0.38 22.65 10.04
C LEU B 127 0.10 21.83 8.85
N HIS B 128 0.42 22.51 7.75
CA HIS B 128 1.06 21.87 6.58
C HIS B 128 2.51 21.55 6.93
N LEU B 129 2.83 20.26 6.94
CA LEU B 129 4.21 19.73 7.06
C LEU B 129 4.79 19.45 5.67
N ASP B 130 3.93 19.16 4.70
CA ASP B 130 4.35 18.85 3.31
C ASP B 130 3.08 18.83 2.44
N TYR B 131 3.26 18.70 1.12
CA TYR B 131 2.17 18.74 0.13
C TYR B 131 2.35 17.57 -0.83
N ILE B 132 1.28 17.24 -1.55
CA ILE B 132 1.28 16.37 -2.74
C ILE B 132 0.50 17.10 -3.84
N ASN B 133 1.06 17.21 -5.03
CA ASN B 133 0.39 17.78 -6.22
C ASN B 133 -0.32 16.67 -7.00
N PHE B 134 -1.65 16.57 -6.93
CA PHE B 134 -2.43 15.56 -7.69
C PHE B 134 -3.21 16.23 -8.83
N ALA B 135 -2.86 17.46 -9.19
CA ALA B 135 -3.61 18.33 -10.13
C ALA B 135 -3.03 18.30 -11.55
N GLY B 136 -1.84 17.75 -11.78
CA GLY B 136 -1.22 17.61 -13.12
C GLY B 136 -0.80 18.96 -13.71
N ALA B 137 -0.52 19.95 -12.88
CA ALA B 137 -0.08 21.27 -13.36
C ALA B 137 0.96 21.81 -12.38
N ASN B 138 1.81 22.67 -12.90
CA ASN B 138 2.97 23.23 -12.16
C ASN B 138 3.12 24.68 -12.61
N PRO B 139 3.15 25.66 -11.68
CA PRO B 139 3.22 27.05 -12.09
C PRO B 139 4.52 27.47 -12.79
N LEU B 140 5.60 26.69 -12.66
CA LEU B 140 6.94 27.05 -13.21
C LEU B 140 7.10 26.47 -14.61
N ARG B 141 6.09 25.78 -15.15
CA ARG B 141 6.19 25.19 -16.51
C ARG B 141 6.34 26.38 -17.47
N GLY B 142 7.20 26.23 -18.48
CA GLY B 142 7.53 27.32 -19.43
C GLY B 142 8.93 27.85 -19.19
N PRO B 143 9.31 28.95 -19.85
CA PRO B 143 10.65 29.51 -19.66
C PRO B 143 10.86 29.98 -18.21
N ASN B 144 12.05 29.76 -17.63
CA ASN B 144 12.44 30.24 -16.28
C ASN B 144 13.12 31.62 -16.40
N ASP B 145 12.74 32.57 -15.56
CA ASP B 145 13.46 33.86 -15.41
C ASP B 145 14.36 33.79 -14.16
N GLU B 146 15.67 33.76 -14.37
CA GLU B 146 16.72 33.68 -13.32
C GLU B 146 16.52 34.78 -12.27
N ARG B 147 15.91 35.92 -12.61
CA ARG B 147 15.68 37.05 -11.65
C ARG B 147 14.61 36.69 -10.62
N LEU B 148 13.76 35.71 -10.92
CA LEU B 148 12.78 35.16 -9.97
C LEU B 148 13.46 34.07 -9.12
N GLY B 149 13.93 33.00 -9.77
CA GLY B 149 14.61 31.88 -9.10
C GLY B 149 15.16 30.86 -10.09
N PRO B 150 15.68 29.73 -9.59
CA PRO B 150 16.35 28.76 -10.46
C PRO B 150 15.40 27.92 -11.34
N ARG B 151 15.95 27.20 -12.31
CA ARG B 151 15.17 26.37 -13.25
C ARG B 151 14.48 25.23 -12.49
N PHE B 152 15.15 24.66 -11.50
CA PHE B 152 14.75 23.44 -10.76
C PHE B 152 14.80 23.67 -9.25
N PRO B 153 13.83 24.40 -8.64
CA PRO B 153 13.86 24.66 -7.21
C PRO B 153 13.66 23.37 -6.39
N VAL B 154 14.37 23.29 -5.28
CA VAL B 154 14.32 22.17 -4.29
C VAL B 154 13.08 22.37 -3.42
N MET B 155 12.24 21.35 -3.32
CA MET B 155 10.93 21.47 -2.65
C MET B 155 10.95 20.74 -1.31
N PHE B 156 12.11 20.26 -0.84
CA PHE B 156 12.31 19.76 0.55
C PHE B 156 12.24 20.96 1.48
N GLU B 157 11.54 20.80 2.61
CA GLU B 157 11.37 21.92 3.58
C GLU B 157 10.66 23.06 2.84
N ALA B 158 9.71 22.71 1.99
CA ALA B 158 8.81 23.65 1.31
C ALA B 158 8.12 24.49 2.38
N TYR B 159 7.62 23.81 3.40
CA TYR B 159 7.07 24.44 4.61
C TYR B 159 8.25 24.67 5.54
N ASP B 160 8.52 25.94 5.87
CA ASP B 160 9.69 26.41 6.67
C ASP B 160 9.69 25.70 8.02
N PRO B 161 10.79 24.97 8.34
CA PRO B 161 10.91 24.24 9.60
C PRO B 161 10.88 25.11 10.87
N GLU B 162 11.39 26.34 10.82
CA GLU B 162 11.36 27.23 12.00
C GLU B 162 9.91 27.69 12.20
N LEU B 163 9.19 27.91 11.10
CA LEU B 163 7.79 28.38 11.16
C LEU B 163 6.86 27.27 11.71
N ILE B 164 7.14 25.99 11.43
CA ILE B 164 6.40 24.87 12.11
C ILE B 164 6.65 24.90 13.62
N GLU B 165 7.90 25.02 14.07
CA GLU B 165 8.17 25.06 15.54
C GLU B 165 7.41 26.24 16.15
N LEU B 166 7.30 27.35 15.41
CA LEU B 166 6.61 28.56 15.91
C LEU B 166 5.11 28.29 15.97
N ALA B 167 4.54 27.73 14.90
CA ALA B 167 3.12 27.30 14.86
C ALA B 167 2.83 26.47 16.13
N ARG B 168 3.65 25.45 16.39
CA ARG B 168 3.40 24.51 17.52
C ARG B 168 3.42 25.29 18.83
N LYS B 169 4.47 26.11 19.02
CA LYS B 169 4.71 26.88 20.28
C LYS B 169 3.49 27.76 20.59
N VAL B 170 2.95 28.42 19.57
CA VAL B 170 1.74 29.27 19.69
C VAL B 170 0.53 28.39 20.01
N ALA B 171 0.35 27.29 19.28
CA ALA B 171 -0.77 26.35 19.53
C ALA B 171 -0.73 25.93 21.01
N ARG B 172 0.41 25.44 21.51
CA ARG B 172 0.60 25.13 22.96
C ARG B 172 0.21 26.32 23.84
N ARG B 173 0.80 27.50 23.60
CA ARG B 173 0.61 28.72 24.40
C ARG B 173 -0.91 29.00 24.50
N GLN B 174 -1.65 28.80 23.41
CA GLN B 174 -3.09 29.17 23.31
C GLN B 174 -4.00 28.02 23.78
N ASP B 175 -3.45 26.87 24.12
CA ASP B 175 -4.22 25.72 24.66
C ASP B 175 -5.13 25.25 23.54
N LEU B 176 -4.52 25.09 22.36
CA LEU B 176 -5.14 24.73 21.07
C LEU B 176 -4.51 23.42 20.61
N HIS B 177 -5.30 22.35 20.44
CA HIS B 177 -4.84 21.13 19.73
C HIS B 177 -4.65 21.51 18.26
N LEU B 178 -3.43 21.38 17.76
CA LEU B 178 -3.07 21.72 16.37
C LEU B 178 -2.84 20.41 15.62
N PHE B 179 -3.67 20.10 14.63
CA PHE B 179 -3.44 18.92 13.76
C PHE B 179 -2.25 19.28 12.86
N GLU B 180 -1.53 18.28 12.37
CA GLU B 180 -0.40 18.47 11.42
C GLU B 180 -0.55 17.41 10.33
N GLY B 181 -0.19 17.69 9.08
CA GLY B 181 -0.18 16.63 8.06
C GLY B 181 0.18 17.09 6.67
N VAL B 182 -0.09 16.21 5.70
CA VAL B 182 0.23 16.44 4.26
C VAL B 182 -1.03 16.90 3.56
N TYR B 183 -0.94 18.02 2.82
CA TYR B 183 -2.04 18.63 2.04
C TYR B 183 -1.93 18.15 0.62
N ALA B 184 -3.00 17.56 0.11
CA ALA B 184 -3.08 17.10 -1.28
C ALA B 184 -3.76 18.22 -2.09
N TRP B 185 -3.16 18.63 -3.22
CA TRP B 185 -3.85 19.49 -4.23
C TRP B 185 -4.61 18.61 -5.22
N PHE B 186 -5.94 18.68 -5.16
CA PHE B 186 -6.94 18.02 -6.06
C PHE B 186 -7.50 19.13 -6.95
N MET B 187 -7.55 18.92 -8.25
CA MET B 187 -7.84 20.03 -9.17
C MET B 187 -9.26 20.55 -8.89
N GLY B 188 -10.23 19.65 -8.75
CA GLY B 188 -11.65 20.02 -8.72
C GLY B 188 -12.15 20.52 -10.07
N PRO B 189 -13.30 21.22 -10.10
CA PRO B 189 -14.00 21.64 -8.89
C PRO B 189 -15.04 20.64 -8.38
N SER B 190 -15.34 19.58 -9.11
CA SER B 190 -16.12 18.48 -8.50
C SER B 190 -15.35 18.07 -7.26
N PHE B 191 -16.05 17.74 -6.20
CA PHE B 191 -15.46 17.08 -5.02
C PHE B 191 -14.96 15.69 -5.43
N ALA B 192 -14.05 15.12 -4.65
CA ALA B 192 -13.46 13.78 -4.84
C ALA B 192 -14.55 12.72 -4.67
N SER B 193 -14.49 11.67 -5.49
CA SER B 193 -15.28 10.44 -5.26
C SER B 193 -14.72 9.73 -4.02
N ARG B 194 -15.50 8.82 -3.47
CA ARG B 194 -15.06 7.92 -2.37
C ARG B 194 -13.71 7.28 -2.73
N ALA B 195 -13.56 6.70 -3.92
CA ALA B 195 -12.30 6.01 -4.30
C ALA B 195 -11.14 7.04 -4.42
N GLU B 196 -11.40 8.29 -4.82
CA GLU B 196 -10.35 9.34 -4.89
C GLU B 196 -9.90 9.74 -3.48
N LEU B 197 -10.81 9.92 -2.53
CA LEU B 197 -10.44 10.22 -1.12
C LEU B 197 -9.64 9.05 -0.57
N ARG B 198 -10.06 7.81 -0.85
CA ARG B 198 -9.34 6.60 -0.39
C ARG B 198 -7.93 6.66 -0.97
N LEU B 199 -7.82 6.92 -2.25
CA LEU B 199 -6.53 6.94 -2.98
C LEU B 199 -5.59 8.03 -2.38
N LEU B 200 -6.08 9.23 -2.05
CA LEU B 200 -5.20 10.37 -1.63
C LEU B 200 -4.64 10.09 -0.24
N ARG B 201 -5.49 9.57 0.66
CA ARG B 201 -5.13 9.16 2.05
C ARG B 201 -4.10 8.03 2.03
N GLU B 202 -4.33 6.99 1.23
CA GLU B 202 -3.40 5.83 1.13
C GLU B 202 -2.07 6.32 0.54
N LEU B 203 -2.07 7.30 -0.36
CA LEU B 203 -0.80 7.89 -0.86
C LEU B 203 -0.09 8.79 0.18
N GLY B 204 -0.63 9.00 1.38
CA GLY B 204 0.03 9.76 2.46
C GLY B 204 -0.54 11.15 2.72
N ALA B 205 -1.71 11.48 2.18
CA ALA B 205 -2.36 12.81 2.35
C ALA B 205 -3.26 12.81 3.59
N ASP B 206 -3.25 13.90 4.36
CA ASP B 206 -4.04 14.07 5.61
C ASP B 206 -5.17 15.08 5.40
N ALA B 207 -5.01 16.01 4.47
CA ALA B 207 -6.06 16.99 4.09
C ALA B 207 -6.12 17.09 2.57
N ILE B 208 -7.28 17.54 2.06
CA ILE B 208 -7.57 17.62 0.61
C ILE B 208 -8.20 18.99 0.35
N GLY B 209 -7.72 19.68 -0.68
CA GLY B 209 -8.22 21.00 -1.10
C GLY B 209 -7.81 21.29 -2.53
N MET B 210 -8.25 22.43 -3.02
CA MET B 210 -8.17 22.83 -4.45
C MET B 210 -7.24 24.04 -4.65
N SER B 211 -6.41 24.37 -3.64
CA SER B 211 -5.52 25.57 -3.61
C SER B 211 -4.11 25.24 -3.12
N THR B 212 -3.35 26.31 -2.84
CA THR B 212 -2.18 26.38 -1.94
C THR B 212 -0.91 25.88 -2.66
N VAL B 213 -0.92 24.66 -3.17
CA VAL B 213 0.33 23.99 -3.66
C VAL B 213 1.05 24.84 -4.71
N PRO B 214 0.35 25.36 -5.75
CA PRO B 214 1.02 26.23 -6.73
C PRO B 214 1.67 27.45 -6.04
N GLU B 215 1.03 28.07 -5.05
CA GLU B 215 1.61 29.26 -4.35
C GLU B 215 2.88 28.81 -3.60
N VAL B 216 2.84 27.64 -2.95
CA VAL B 216 4.01 27.05 -2.23
C VAL B 216 5.19 26.92 -3.19
N ILE B 217 5.03 26.14 -4.25
CA ILE B 217 6.07 25.95 -5.32
C ILE B 217 6.58 27.32 -5.81
N ALA B 218 5.67 28.27 -6.08
CA ALA B 218 6.05 29.58 -6.67
C ALA B 218 6.84 30.39 -5.65
N LEU B 219 6.45 30.32 -4.39
CA LEU B 219 7.09 31.13 -3.33
C LEU B 219 8.48 30.55 -3.02
N ARG B 220 8.65 29.22 -3.04
CA ARG B 220 9.95 28.56 -2.75
C ARG B 220 10.90 28.89 -3.91
N HIS B 221 10.40 28.88 -5.13
CA HIS B 221 11.14 29.32 -6.35
C HIS B 221 11.78 30.68 -6.09
N LEU B 222 11.10 31.58 -5.36
CA LEU B 222 11.52 32.98 -5.15
C LEU B 222 12.46 33.08 -3.95
N GLY B 223 12.48 32.03 -3.11
CA GLY B 223 13.20 31.98 -1.82
C GLY B 223 12.40 32.49 -0.63
N ALA B 224 11.09 32.63 -0.74
CA ALA B 224 10.21 33.05 0.39
C ALA B 224 10.08 31.94 1.45
N ARG B 225 9.90 32.28 2.72
CA ARG B 225 9.56 31.29 3.77
C ARG B 225 8.04 31.14 3.75
N VAL B 226 7.56 29.90 3.92
CA VAL B 226 6.13 29.54 3.75
C VAL B 226 5.58 28.82 4.98
N LEU B 227 4.40 29.25 5.44
CA LEU B 227 3.64 28.58 6.51
C LEU B 227 2.23 28.28 5.97
N GLY B 228 1.86 27.00 5.98
CA GLY B 228 0.56 26.49 5.51
C GLY B 228 -0.33 26.04 6.65
N LEU B 229 -1.56 26.56 6.71
CA LEU B 229 -2.58 26.19 7.72
C LEU B 229 -3.91 26.03 6.99
N SER B 230 -4.62 24.94 7.27
CA SER B 230 -6.00 24.79 6.74
C SER B 230 -6.94 24.76 7.93
N THR B 231 -8.07 25.44 7.80
CA THR B 231 -9.27 25.10 8.60
C THR B 231 -9.80 23.76 8.05
N ILE B 232 -9.88 22.72 8.86
CA ILE B 232 -10.53 21.44 8.44
C ILE B 232 -12.05 21.65 8.53
N THR B 233 -12.70 22.01 7.42
CA THR B 233 -14.12 22.45 7.45
C THR B 233 -15.05 21.25 7.45
N ASP B 234 -14.54 20.06 7.15
CA ASP B 234 -15.37 18.86 6.92
C ASP B 234 -14.47 17.63 6.93
N MET B 235 -15.01 16.49 7.38
CA MET B 235 -14.35 15.17 7.32
C MET B 235 -14.74 14.55 5.98
N ALA B 236 -13.76 14.32 5.12
CA ALA B 236 -13.91 13.67 3.81
C ALA B 236 -13.32 12.26 3.92
N VAL B 237 -14.04 11.39 4.62
CA VAL B 237 -13.65 9.98 4.78
C VAL B 237 -14.68 9.13 4.05
N PRO B 238 -14.22 8.37 3.06
CA PRO B 238 -15.11 7.68 2.15
C PRO B 238 -15.96 6.60 2.82
N GLU B 239 -15.57 6.11 3.99
CA GLU B 239 -16.34 4.99 4.60
C GLU B 239 -17.37 5.51 5.62
N ARG B 240 -17.48 6.84 5.82
CA ARG B 240 -18.65 7.52 6.45
C ARG B 240 -19.68 7.90 5.37
N GLU B 241 -20.90 8.32 5.72
CA GLU B 241 -22.02 8.44 4.74
C GLU B 241 -21.93 9.76 3.95
N HIS B 242 -21.69 10.92 4.58
CA HIS B 242 -21.95 12.26 3.97
C HIS B 242 -20.64 12.90 3.53
N HIS B 243 -20.66 13.59 2.37
CA HIS B 243 -19.62 14.58 2.02
C HIS B 243 -20.26 15.93 2.24
N ALA B 244 -19.52 16.88 2.79
CA ALA B 244 -19.98 18.26 2.96
C ALA B 244 -20.25 18.91 1.61
N THR B 245 -21.19 19.83 1.67
CA THR B 245 -21.71 20.73 0.63
C THR B 245 -20.82 21.99 0.65
N GLU B 246 -20.82 22.81 -0.39
CA GLU B 246 -20.16 24.16 -0.37
C GLU B 246 -20.71 24.99 0.80
N GLU B 247 -22.04 25.09 0.95
CA GLU B 247 -22.68 25.86 2.04
C GLU B 247 -22.08 25.43 3.39
N GLU B 248 -21.92 24.13 3.62
CA GLU B 248 -21.51 23.58 4.93
C GLU B 248 -20.04 23.94 5.15
N VAL B 249 -19.21 23.82 4.13
CA VAL B 249 -17.76 24.14 4.20
C VAL B 249 -17.62 25.62 4.61
N LEU B 250 -18.35 26.53 3.97
CA LEU B 250 -18.23 27.99 4.22
C LEU B 250 -18.79 28.29 5.61
N ARG B 251 -19.79 27.54 6.06
CA ARG B 251 -20.35 27.72 7.41
C ARG B 251 -19.29 27.36 8.47
N VAL B 252 -18.63 26.20 8.35
CA VAL B 252 -17.65 25.74 9.37
C VAL B 252 -16.42 26.68 9.29
N ALA B 253 -16.07 27.22 8.13
CA ALA B 253 -14.96 28.20 7.99
C ALA B 253 -15.30 29.45 8.82
N ALA B 254 -16.53 29.94 8.71
CA ALA B 254 -17.06 31.07 9.52
C ALA B 254 -17.06 30.71 11.02
N GLU B 255 -17.55 29.52 11.38
CA GLU B 255 -17.74 29.08 12.80
C GLU B 255 -16.36 28.95 13.47
N THR B 256 -15.36 28.57 12.71
CA THR B 256 -14.00 28.28 13.20
C THR B 256 -13.20 29.60 13.19
N GLY B 257 -13.76 30.69 12.65
CA GLY B 257 -13.08 31.97 12.43
C GLY B 257 -12.42 32.56 13.68
N PRO B 258 -13.14 32.71 14.80
CA PRO B 258 -12.56 33.29 16.02
C PRO B 258 -11.26 32.59 16.46
N VAL B 259 -11.29 31.26 16.55
CA VAL B 259 -10.13 30.47 17.04
C VAL B 259 -9.02 30.61 16.01
N PHE B 260 -9.41 30.57 14.73
CA PHE B 260 -8.45 30.61 13.61
C PHE B 260 -7.78 31.99 13.59
N ARG B 261 -8.56 33.07 13.64
CA ARG B 261 -8.05 34.46 13.71
C ARG B 261 -7.09 34.63 14.89
N ARG B 262 -7.50 34.18 16.08
CA ARG B 262 -6.69 34.34 17.32
C ARG B 262 -5.38 33.57 17.14
N TYR B 263 -5.43 32.42 16.47
CA TYR B 263 -4.22 31.59 16.24
C TYR B 263 -3.25 32.32 15.29
N VAL B 264 -3.76 32.83 14.16
CA VAL B 264 -2.93 33.44 13.10
C VAL B 264 -2.30 34.72 13.67
N ARG B 265 -3.08 35.52 14.41
CA ARG B 265 -2.60 36.80 14.97
C ARG B 265 -1.48 36.49 15.98
N GLY B 266 -1.61 35.37 16.71
CA GLY B 266 -0.64 34.86 17.68
C GLY B 266 0.66 34.42 17.04
N ILE B 267 0.59 33.88 15.82
CA ILE B 267 1.78 33.52 15.00
C ILE B 267 2.42 34.81 14.49
N LEU B 268 1.63 35.74 13.95
CA LEU B 268 2.12 37.03 13.37
C LEU B 268 2.93 37.77 14.43
N ALA B 269 2.43 37.81 15.66
CA ALA B 269 2.97 38.55 16.83
C ALA B 269 4.40 38.10 17.12
N GLU B 270 4.68 36.80 16.94
CA GLU B 270 5.98 36.18 17.31
C GLU B 270 6.93 36.15 16.11
N LEU B 271 6.47 36.45 14.90
CA LEU B 271 7.30 36.27 13.69
C LEU B 271 8.51 37.22 13.71
N GLU C 1 -20.51 31.35 -24.53
CA GLU C 1 -21.64 30.84 -25.27
C GLU C 1 -22.17 29.53 -24.59
N LEU C 2 -21.44 28.81 -23.74
CA LEU C 2 -21.91 27.47 -23.26
C LEU C 2 -23.29 27.69 -22.66
N TYR C 3 -24.24 26.83 -22.93
CA TYR C 3 -25.66 27.06 -22.54
C TYR C 3 -26.40 27.48 -23.81
N ASP C 4 -26.01 28.63 -24.38
CA ASP C 4 -26.46 29.05 -25.73
C ASP C 4 -26.10 27.94 -26.73
N LYS C 5 -24.95 27.28 -26.57
CA LYS C 5 -24.50 26.20 -27.48
C LYS C 5 -25.40 24.99 -27.27
N ILE C 6 -25.58 24.63 -26.00
CA ILE C 6 -26.48 23.53 -25.59
C ILE C 6 -27.82 23.77 -26.29
N GLN C 7 -28.34 24.99 -26.22
CA GLN C 7 -29.71 25.33 -26.66
C GLN C 7 -29.80 25.30 -28.20
N GLU C 8 -28.70 25.61 -28.91
CA GLU C 8 -28.65 25.50 -30.39
C GLU C 8 -28.65 24.02 -30.78
N ALA C 9 -27.85 23.19 -30.11
CA ALA C 9 -27.83 21.72 -30.32
C ALA C 9 -29.22 21.13 -30.04
N VAL C 10 -29.82 21.51 -28.91
CA VAL C 10 -31.20 21.09 -28.55
C VAL C 10 -32.14 21.50 -29.69
N ALA C 11 -32.15 22.80 -30.05
CA ALA C 11 -33.02 23.39 -31.09
C ALA C 11 -32.88 22.61 -32.41
N TYR C 12 -31.67 22.20 -32.76
CA TYR C 12 -31.38 21.46 -34.01
C TYR C 12 -32.00 20.06 -33.96
N VAL C 13 -31.90 19.36 -32.83
CA VAL C 13 -32.54 18.02 -32.63
C VAL C 13 -34.08 18.17 -32.74
N ARG C 14 -34.65 19.28 -32.26
CA ARG C 14 -36.12 19.51 -32.23
C ARG C 14 -36.64 19.86 -33.63
N SER C 15 -35.74 20.29 -34.52
CA SER C 15 -36.00 20.52 -35.98
C SER C 15 -36.15 19.20 -36.74
N LYS C 16 -35.75 18.06 -36.17
CA LYS C 16 -35.89 16.76 -36.84
C LYS C 16 -37.03 15.95 -36.20
N THR C 17 -37.25 16.12 -34.89
CA THR C 17 -38.19 15.30 -34.07
C THR C 17 -38.58 16.06 -32.79
N ASP C 18 -39.85 15.97 -32.39
CA ASP C 18 -40.37 16.58 -31.13
C ASP C 18 -40.35 15.52 -30.01
N PHE C 19 -39.90 14.30 -30.30
CA PHE C 19 -39.74 13.16 -29.35
C PHE C 19 -38.88 13.57 -28.13
N VAL C 20 -39.45 13.48 -26.92
CA VAL C 20 -38.78 13.79 -25.63
C VAL C 20 -38.24 12.48 -25.05
N PRO C 21 -36.89 12.29 -24.95
CA PRO C 21 -36.32 11.08 -24.38
C PRO C 21 -36.33 11.19 -22.85
N GLU C 22 -36.36 10.05 -22.14
CA GLU C 22 -36.35 10.04 -20.65
C GLU C 22 -35.05 9.41 -20.16
N VAL C 23 -34.52 8.45 -20.93
CA VAL C 23 -33.25 7.73 -20.62
C VAL C 23 -32.25 8.00 -21.73
N GLY C 24 -31.02 8.28 -21.34
CA GLY C 24 -29.88 8.44 -22.24
C GLY C 24 -29.03 7.21 -22.13
N LEU C 25 -28.63 6.67 -23.26
CA LEU C 25 -27.80 5.45 -23.29
C LEU C 25 -26.57 5.77 -24.14
N VAL C 26 -25.35 5.68 -23.59
CA VAL C 26 -24.12 5.96 -24.39
C VAL C 26 -23.43 4.64 -24.76
N LEU C 27 -23.30 4.36 -26.04
CA LEU C 27 -22.73 3.08 -26.54
C LEU C 27 -21.25 3.32 -26.88
N GLY C 28 -20.35 2.59 -26.19
CA GLY C 28 -18.89 2.70 -26.33
C GLY C 28 -18.35 1.74 -27.37
N SER C 29 -17.04 1.48 -27.36
CA SER C 29 -16.31 0.70 -28.40
C SER C 29 -16.94 -0.69 -28.64
N GLY C 30 -17.54 -0.89 -29.81
CA GLY C 30 -18.04 -2.20 -30.27
C GLY C 30 -19.42 -2.48 -29.72
N LEU C 31 -20.07 -1.48 -29.11
CA LEU C 31 -21.38 -1.60 -28.41
C LEU C 31 -22.48 -0.87 -29.19
N GLY C 32 -22.15 -0.25 -30.32
CA GLY C 32 -23.10 0.39 -31.25
C GLY C 32 -24.28 -0.49 -31.65
N PRO C 33 -24.09 -1.78 -31.98
CA PRO C 33 -25.19 -2.59 -32.54
C PRO C 33 -26.51 -2.55 -31.75
N LEU C 34 -26.48 -2.20 -30.46
CA LEU C 34 -27.72 -2.04 -29.64
C LEU C 34 -28.60 -0.91 -30.21
N ALA C 35 -28.01 0.12 -30.83
CA ALA C 35 -28.72 1.27 -31.44
C ALA C 35 -29.68 0.78 -32.54
N ASP C 36 -29.33 -0.29 -33.25
CA ASP C 36 -30.15 -0.80 -34.38
C ASP C 36 -31.44 -1.45 -33.84
N GLU C 37 -31.45 -1.88 -32.58
CA GLU C 37 -32.62 -2.58 -31.97
C GLU C 37 -33.60 -1.52 -31.43
N VAL C 38 -33.32 -0.24 -31.63
CA VAL C 38 -34.27 0.86 -31.30
C VAL C 38 -35.31 0.98 -32.41
N GLU C 39 -36.58 1.14 -32.00
CA GLU C 39 -37.73 1.56 -32.85
C GLU C 39 -37.55 3.05 -33.16
N LYS C 40 -36.87 3.36 -34.28
CA LYS C 40 -36.38 4.73 -34.62
C LYS C 40 -37.54 5.68 -34.87
N VAL C 41 -37.39 6.93 -34.42
CA VAL C 41 -38.19 8.08 -34.90
C VAL C 41 -37.26 9.06 -35.62
N ALA C 42 -36.01 9.22 -35.16
CA ALA C 42 -34.99 10.09 -35.81
C ALA C 42 -33.58 9.53 -35.60
N GLU C 43 -32.67 9.82 -36.52
CA GLU C 43 -31.24 9.42 -36.49
C GLU C 43 -30.45 10.60 -37.04
N ILE C 44 -29.38 11.03 -36.35
CA ILE C 44 -28.72 12.34 -36.63
C ILE C 44 -27.23 12.18 -36.50
N PRO C 45 -26.44 12.37 -37.60
CA PRO C 45 -24.98 12.34 -37.51
C PRO C 45 -24.47 13.47 -36.61
N TYR C 46 -23.49 13.19 -35.75
CA TYR C 46 -22.89 14.17 -34.81
C TYR C 46 -22.42 15.40 -35.58
N GLY C 47 -21.87 15.18 -36.79
CA GLY C 47 -21.26 16.22 -37.65
C GLY C 47 -22.22 17.34 -38.03
N GLU C 48 -23.53 17.08 -38.01
CA GLU C 48 -24.63 18.00 -38.39
C GLU C 48 -25.14 18.79 -37.17
N ILE C 49 -24.96 18.30 -35.96
CA ILE C 49 -25.50 19.02 -34.76
C ILE C 49 -24.50 20.13 -34.39
N PRO C 50 -24.97 21.38 -34.19
CA PRO C 50 -24.07 22.46 -33.81
C PRO C 50 -23.27 22.15 -32.55
N HIS C 51 -21.96 22.41 -32.61
CA HIS C 51 -20.96 22.33 -31.52
C HIS C 51 -20.74 20.87 -31.09
N PHE C 52 -21.38 19.91 -31.75
CA PHE C 52 -21.14 18.48 -31.41
C PHE C 52 -19.75 18.14 -31.88
N PRO C 53 -19.01 17.37 -31.06
CA PRO C 53 -17.74 16.78 -31.49
C PRO C 53 -18.06 15.48 -32.21
N VAL C 54 -17.22 15.09 -33.16
CA VAL C 54 -17.50 13.97 -34.09
C VAL C 54 -16.62 12.79 -33.63
N SER C 55 -17.16 11.58 -33.68
CA SER C 55 -16.43 10.34 -33.32
C SER C 55 -15.35 10.10 -34.36
N THR C 56 -14.10 9.87 -33.93
CA THR C 56 -12.97 9.53 -34.82
C THR C 56 -12.43 8.13 -34.46
N ALA C 57 -12.93 7.49 -33.40
CA ALA C 57 -12.28 6.30 -32.81
C ALA C 57 -12.90 5.06 -33.41
N PRO C 58 -12.15 3.96 -33.57
CA PRO C 58 -12.70 2.69 -34.06
C PRO C 58 -13.93 2.21 -33.27
N GLY C 59 -14.99 1.80 -33.97
CA GLY C 59 -16.19 1.15 -33.37
C GLY C 59 -17.11 2.18 -32.73
N HIS C 60 -17.01 3.43 -33.16
CA HIS C 60 -17.88 4.56 -32.75
C HIS C 60 -18.49 5.18 -34.02
N ALA C 61 -19.78 4.95 -34.28
CA ALA C 61 -20.43 5.40 -35.54
C ALA C 61 -20.56 6.93 -35.57
N GLY C 62 -20.79 7.59 -34.44
CA GLY C 62 -21.00 9.05 -34.34
C GLY C 62 -22.41 9.47 -34.74
N ARG C 63 -23.43 8.73 -34.31
CA ARG C 63 -24.87 8.99 -34.63
C ARG C 63 -25.71 9.06 -33.35
N LEU C 64 -26.64 10.02 -33.30
CA LEU C 64 -27.64 10.22 -32.21
C LEU C 64 -28.96 9.58 -32.65
N VAL C 65 -29.46 8.60 -31.88
CA VAL C 65 -30.73 7.89 -32.17
C VAL C 65 -31.79 8.26 -31.13
N LEU C 66 -32.94 8.79 -31.56
CA LEU C 66 -34.11 8.96 -30.66
C LEU C 66 -35.17 7.92 -31.03
N GLY C 67 -35.86 7.38 -30.02
CA GLY C 67 -37.00 6.47 -30.23
C GLY C 67 -37.31 5.62 -29.00
N ARG C 68 -37.79 4.42 -29.26
CA ARG C 68 -38.37 3.54 -28.22
C ARG C 68 -37.56 2.25 -28.16
N LEU C 69 -37.13 1.87 -26.96
CA LEU C 69 -36.43 0.59 -26.72
C LEU C 69 -37.05 0.01 -25.47
N GLU C 70 -37.56 -1.22 -25.59
CA GLU C 70 -38.07 -2.01 -24.44
C GLU C 70 -39.09 -1.16 -23.68
N GLY C 71 -39.90 -0.34 -24.39
CA GLY C 71 -40.93 0.53 -23.80
C GLY C 71 -40.45 1.97 -23.58
N LYS C 72 -39.19 2.19 -23.19
CA LYS C 72 -38.74 3.54 -22.77
C LYS C 72 -38.43 4.40 -23.99
N PRO C 73 -38.81 5.71 -23.92
CA PRO C 73 -38.26 6.74 -24.80
C PRO C 73 -36.77 7.00 -24.53
N VAL C 74 -35.91 6.68 -25.48
CA VAL C 74 -34.43 6.65 -25.28
C VAL C 74 -33.78 7.64 -26.25
N LEU C 75 -32.76 8.32 -25.75
CA LEU C 75 -31.76 9.04 -26.55
C LEU C 75 -30.50 8.17 -26.56
N VAL C 76 -30.17 7.51 -27.67
CA VAL C 76 -29.03 6.55 -27.76
C VAL C 76 -27.85 7.19 -28.50
N TYR C 77 -26.69 7.22 -27.87
CA TYR C 77 -25.45 7.77 -28.44
C TYR C 77 -24.72 6.58 -29.05
N LYS C 78 -24.80 6.45 -30.36
CA LYS C 78 -24.09 5.39 -31.12
C LYS C 78 -22.67 5.89 -31.32
N GLY C 79 -21.84 5.68 -30.30
CA GLY C 79 -20.47 6.18 -30.21
C GLY C 79 -20.45 7.40 -29.33
N ARG C 80 -19.28 7.68 -28.77
CA ARG C 80 -18.95 8.90 -27.99
C ARG C 80 -17.62 9.42 -28.55
N VAL C 81 -17.02 10.37 -27.84
CA VAL C 81 -15.66 10.92 -28.09
C VAL C 81 -14.84 10.79 -26.81
N HIS C 82 -13.50 10.81 -26.96
CA HIS C 82 -12.55 10.60 -25.84
C HIS C 82 -11.56 11.76 -25.78
N TYR C 83 -11.04 12.03 -24.59
CA TYR C 83 -9.97 13.02 -24.30
C TYR C 83 -8.76 12.71 -25.19
N TYR C 84 -8.46 11.43 -25.46
CA TYR C 84 -7.29 11.03 -26.29
C TYR C 84 -7.41 11.55 -27.74
N GLU C 85 -8.61 11.92 -28.19
CA GLU C 85 -8.83 12.33 -29.61
C GLU C 85 -8.44 13.81 -29.83
N GLY C 86 -8.14 14.57 -28.77
CA GLY C 86 -7.75 16.00 -28.84
C GLY C 86 -8.78 16.90 -28.16
N TYR C 87 -9.95 16.32 -27.89
CA TYR C 87 -11.12 17.03 -27.33
C TYR C 87 -10.83 17.33 -25.87
N SER C 88 -11.25 18.50 -25.43
CA SER C 88 -11.14 18.89 -24.00
C SER C 88 -12.18 18.09 -23.20
N ALA C 89 -12.02 17.97 -21.90
CA ALA C 89 -13.01 17.27 -21.06
C ALA C 89 -14.38 17.92 -21.26
N GLU C 90 -14.45 19.26 -21.29
CA GLU C 90 -15.70 20.03 -21.58
C GLU C 90 -16.32 19.59 -22.91
N GLU C 91 -15.53 19.53 -23.98
CA GLU C 91 -16.02 19.13 -25.33
C GLU C 91 -16.54 17.69 -25.26
N VAL C 92 -15.87 16.82 -24.51
CA VAL C 92 -16.24 15.37 -24.42
C VAL C 92 -17.65 15.23 -23.86
N VAL C 93 -18.04 16.07 -22.90
CA VAL C 93 -19.32 15.93 -22.15
C VAL C 93 -20.42 16.78 -22.80
N PHE C 94 -20.13 17.49 -23.90
CA PHE C 94 -21.18 18.32 -24.54
C PHE C 94 -22.36 17.43 -24.93
N PRO C 95 -22.17 16.26 -25.58
CA PRO C 95 -23.30 15.41 -25.91
C PRO C 95 -24.23 15.08 -24.74
N VAL C 96 -23.73 14.53 -23.63
CA VAL C 96 -24.67 14.15 -22.52
C VAL C 96 -25.30 15.43 -21.95
N ARG C 97 -24.60 16.56 -21.95
CA ARG C 97 -25.21 17.83 -21.49
C ARG C 97 -26.43 18.10 -22.37
N VAL C 98 -26.30 17.96 -23.70
CA VAL C 98 -27.41 18.24 -24.66
C VAL C 98 -28.53 17.24 -24.40
N GLY C 99 -28.18 15.98 -24.17
CA GLY C 99 -29.15 14.91 -23.84
C GLY C 99 -29.96 15.27 -22.59
N PHE C 100 -29.28 15.76 -21.55
CA PHE C 100 -29.98 16.17 -20.31
C PHE C 100 -31.05 17.20 -20.66
N PHE C 101 -30.69 18.23 -21.45
CA PHE C 101 -31.56 19.39 -21.79
C PHE C 101 -32.67 18.97 -22.78
N LEU C 102 -32.52 17.85 -23.51
CA LEU C 102 -33.65 17.27 -24.28
C LEU C 102 -34.63 16.52 -23.36
N GLY C 103 -34.22 16.18 -22.13
CA GLY C 103 -35.12 15.61 -21.10
C GLY C 103 -34.63 14.29 -20.52
N ALA C 104 -33.57 13.67 -21.04
CA ALA C 104 -32.90 12.49 -20.44
C ALA C 104 -32.36 12.81 -19.02
N ARG C 105 -33.04 12.35 -17.98
CA ARG C 105 -32.67 12.59 -16.56
C ARG C 105 -31.96 11.35 -16.00
N THR C 106 -32.07 10.21 -16.65
CA THR C 106 -31.38 8.96 -16.28
C THR C 106 -30.42 8.59 -17.41
N PHE C 107 -29.17 8.27 -17.11
CA PHE C 107 -28.16 7.98 -18.15
C PHE C 107 -27.48 6.65 -17.88
N LEU C 108 -27.36 5.83 -18.93
CA LEU C 108 -26.58 4.58 -18.93
C LEU C 108 -25.28 4.85 -19.71
N LEU C 109 -24.15 4.72 -19.03
CA LEU C 109 -22.80 4.89 -19.64
C LEU C 109 -22.15 3.51 -19.80
N THR C 110 -22.02 3.05 -21.04
CA THR C 110 -21.38 1.77 -21.37
C THR C 110 -20.00 2.04 -21.96
N SER C 111 -19.11 1.06 -21.90
CA SER C 111 -17.71 1.22 -22.34
C SER C 111 -17.11 -0.18 -22.49
N ALA C 112 -16.02 -0.27 -23.26
CA ALA C 112 -15.11 -1.42 -23.25
C ALA C 112 -13.97 -1.03 -22.30
N ALA C 113 -13.66 -1.90 -21.34
CA ALA C 113 -12.65 -1.64 -20.29
C ALA C 113 -11.75 -2.88 -20.14
N GLY C 114 -10.54 -2.67 -19.64
CA GLY C 114 -9.64 -3.75 -19.21
C GLY C 114 -9.90 -4.14 -17.77
N GLY C 115 -9.93 -5.44 -17.48
CA GLY C 115 -10.05 -5.92 -16.10
C GLY C 115 -8.71 -5.83 -15.41
N LEU C 116 -8.62 -5.07 -14.30
CA LEU C 116 -7.42 -5.03 -13.42
C LEU C 116 -7.56 -6.10 -12.33
N ASN C 117 -8.78 -6.28 -11.81
CA ASN C 117 -9.15 -7.28 -10.76
C ASN C 117 -8.94 -8.68 -11.36
N PRO C 118 -7.96 -9.48 -10.83
CA PRO C 118 -7.60 -10.78 -11.43
C PRO C 118 -8.72 -11.83 -11.35
N ARG C 119 -9.74 -11.56 -10.52
CA ARG C 119 -10.91 -12.44 -10.29
C ARG C 119 -11.92 -12.27 -11.43
N PHE C 120 -11.76 -11.24 -12.28
CA PHE C 120 -12.61 -10.95 -13.47
C PHE C 120 -12.24 -11.90 -14.60
N ARG C 121 -13.01 -11.89 -15.69
CA ARG C 121 -12.77 -12.74 -16.89
C ARG C 121 -13.08 -11.92 -18.14
N ALA C 122 -12.35 -12.14 -19.22
CA ALA C 122 -12.68 -11.63 -20.57
C ALA C 122 -14.07 -12.17 -20.93
N GLY C 123 -14.96 -11.31 -21.44
CA GLY C 123 -16.39 -11.62 -21.68
C GLY C 123 -17.29 -11.19 -20.50
N GLY C 124 -16.70 -10.85 -19.35
CA GLY C 124 -17.42 -10.36 -18.16
C GLY C 124 -18.09 -9.01 -18.40
N ILE C 125 -18.96 -8.61 -17.47
CA ILE C 125 -19.67 -7.30 -17.44
C ILE C 125 -19.52 -6.75 -16.03
N MET C 126 -19.00 -5.53 -15.89
CA MET C 126 -18.74 -4.92 -14.56
C MET C 126 -19.70 -3.75 -14.38
N LEU C 127 -20.54 -3.84 -13.35
CA LEU C 127 -21.31 -2.70 -12.81
C LEU C 127 -20.30 -1.74 -12.16
N HIS C 128 -20.42 -0.43 -12.43
CA HIS C 128 -19.59 0.64 -11.80
C HIS C 128 -20.16 0.98 -10.42
N LEU C 129 -19.37 0.85 -9.36
CA LEU C 129 -19.75 1.33 -8.00
C LEU C 129 -19.18 2.74 -7.76
N ASP C 130 -18.02 3.02 -8.35
CA ASP C 130 -17.31 4.31 -8.21
C ASP C 130 -16.29 4.49 -9.34
N TYR C 131 -15.57 5.60 -9.33
CA TYR C 131 -14.59 5.99 -10.36
C TYR C 131 -13.37 6.63 -9.70
N ILE C 132 -12.22 6.52 -10.39
CA ILE C 132 -10.95 7.24 -10.08
C ILE C 132 -10.58 8.01 -11.35
N ASN C 133 -10.38 9.31 -11.23
CA ASN C 133 -9.93 10.17 -12.36
C ASN C 133 -8.39 10.23 -12.38
N PHE C 134 -7.74 9.52 -13.31
CA PHE C 134 -6.26 9.51 -13.44
C PHE C 134 -5.80 10.27 -14.70
N ALA C 135 -6.66 11.07 -15.32
CA ALA C 135 -6.45 11.73 -16.63
C ALA C 135 -6.06 13.22 -16.50
N GLY C 136 -6.24 13.85 -15.34
CA GLY C 136 -5.71 15.19 -15.02
C GLY C 136 -6.50 16.28 -15.70
N ALA C 137 -7.74 15.99 -16.06
CA ALA C 137 -8.68 16.96 -16.65
C ALA C 137 -10.04 16.76 -16.00
N ASN C 138 -10.82 17.84 -15.86
CA ASN C 138 -12.18 17.83 -15.28
C ASN C 138 -13.06 18.69 -16.16
N PRO C 139 -14.26 18.21 -16.54
CA PRO C 139 -15.09 18.92 -17.50
C PRO C 139 -15.72 20.19 -16.90
N LEU C 140 -15.61 20.39 -15.58
CA LEU C 140 -16.25 21.57 -14.93
C LEU C 140 -15.24 22.68 -14.72
N ARG C 141 -13.98 22.41 -15.03
CA ARG C 141 -12.90 23.42 -14.95
C ARG C 141 -13.31 24.59 -15.82
N GLY C 142 -13.34 25.80 -15.26
CA GLY C 142 -13.73 27.00 -16.01
C GLY C 142 -14.84 27.70 -15.28
N PRO C 143 -15.50 28.67 -15.91
CA PRO C 143 -16.61 29.33 -15.26
C PRO C 143 -17.80 28.35 -15.17
N ASN C 144 -18.56 28.47 -14.09
CA ASN C 144 -19.75 27.65 -13.74
C ASN C 144 -21.01 28.43 -14.03
N ASP C 145 -22.02 27.75 -14.58
CA ASP C 145 -23.34 28.35 -14.87
C ASP C 145 -24.35 27.63 -13.97
N GLU C 146 -24.95 28.39 -13.05
CA GLU C 146 -25.93 27.88 -12.04
C GLU C 146 -27.13 27.22 -12.74
N ARG C 147 -27.37 27.51 -14.01
CA ARG C 147 -28.48 26.92 -14.83
C ARG C 147 -28.17 25.46 -15.15
N LEU C 148 -26.87 25.06 -15.11
CA LEU C 148 -26.47 23.64 -15.23
C LEU C 148 -26.48 23.00 -13.82
N GLY C 149 -25.73 23.59 -12.89
CA GLY C 149 -25.58 23.03 -11.54
C GLY C 149 -24.62 23.85 -10.70
N PRO C 150 -24.23 23.35 -9.52
CA PRO C 150 -23.45 24.14 -8.58
C PRO C 150 -21.94 24.12 -8.88
N ARG C 151 -21.22 25.06 -8.27
CA ARG C 151 -19.77 25.28 -8.44
C ARG C 151 -19.01 24.01 -8.03
N PHE C 152 -19.39 23.35 -6.94
CA PHE C 152 -18.63 22.25 -6.29
C PHE C 152 -19.50 21.02 -6.08
N PRO C 153 -19.90 20.30 -7.14
CA PRO C 153 -20.86 19.22 -7.00
C PRO C 153 -20.21 18.03 -6.28
N VAL C 154 -20.92 17.54 -5.29
CA VAL C 154 -20.61 16.36 -4.45
C VAL C 154 -20.77 15.12 -5.32
N MET C 155 -19.77 14.24 -5.28
CA MET C 155 -19.59 13.10 -6.21
C MET C 155 -19.61 11.77 -5.41
N PHE C 156 -19.94 11.81 -4.11
CA PHE C 156 -20.46 10.62 -3.39
C PHE C 156 -21.76 10.18 -4.11
N GLU C 157 -22.00 8.89 -4.21
CA GLU C 157 -23.20 8.32 -4.89
C GLU C 157 -23.30 8.85 -6.33
N ALA C 158 -22.14 9.10 -6.98
CA ALA C 158 -22.03 9.41 -8.42
C ALA C 158 -22.82 8.38 -9.23
N TYR C 159 -22.58 7.10 -8.98
CA TYR C 159 -23.35 5.99 -9.58
C TYR C 159 -24.54 5.73 -8.67
N ASP C 160 -25.73 6.05 -9.14
CA ASP C 160 -26.99 6.08 -8.37
C ASP C 160 -27.15 4.77 -7.60
N PRO C 161 -27.37 4.79 -6.26
CA PRO C 161 -27.47 3.55 -5.47
C PRO C 161 -28.70 2.68 -5.82
N GLU C 162 -29.83 3.27 -6.20
CA GLU C 162 -31.04 2.47 -6.59
C GLU C 162 -30.82 1.79 -7.96
N LEU C 163 -30.05 2.38 -8.88
CA LEU C 163 -29.81 1.72 -10.20
C LEU C 163 -28.80 0.59 -9.99
N ILE C 164 -27.85 0.75 -9.07
CA ILE C 164 -26.97 -0.38 -8.68
C ILE C 164 -27.82 -1.60 -8.25
N GLU C 165 -28.78 -1.43 -7.34
CA GLU C 165 -29.68 -2.52 -6.84
C GLU C 165 -30.53 -3.04 -8.00
N LEU C 166 -31.07 -2.15 -8.84
CA LEU C 166 -31.77 -2.60 -10.07
C LEU C 166 -30.86 -3.46 -10.97
N ALA C 167 -29.59 -3.10 -11.12
CA ALA C 167 -28.68 -3.80 -12.05
C ALA C 167 -28.36 -5.18 -11.49
N ARG C 168 -28.30 -5.32 -10.16
CA ARG C 168 -28.05 -6.63 -9.49
C ARG C 168 -29.27 -7.55 -9.66
N LYS C 169 -30.46 -7.02 -9.38
CA LYS C 169 -31.76 -7.72 -9.46
C LYS C 169 -31.94 -8.24 -10.88
N VAL C 170 -31.66 -7.42 -11.90
CA VAL C 170 -31.79 -7.89 -13.31
C VAL C 170 -30.72 -8.94 -13.60
N ALA C 171 -29.47 -8.77 -13.17
CA ALA C 171 -28.43 -9.79 -13.44
C ALA C 171 -28.88 -11.13 -12.85
N ARG C 172 -29.39 -11.13 -11.61
CA ARG C 172 -29.94 -12.33 -10.94
C ARG C 172 -31.07 -12.94 -11.80
N ARG C 173 -32.09 -12.19 -12.17
CA ARG C 173 -33.25 -12.68 -12.97
C ARG C 173 -32.70 -13.43 -14.20
N GLN C 174 -31.68 -12.86 -14.86
CA GLN C 174 -31.20 -13.36 -16.17
C GLN C 174 -30.18 -14.48 -15.99
N ASP C 175 -29.79 -14.80 -14.75
CA ASP C 175 -28.77 -15.84 -14.45
C ASP C 175 -27.42 -15.39 -15.02
N LEU C 176 -27.15 -14.10 -14.96
CA LEU C 176 -25.89 -13.46 -15.43
C LEU C 176 -25.04 -13.08 -14.21
N HIS C 177 -23.79 -13.56 -14.12
CA HIS C 177 -22.87 -13.15 -13.02
C HIS C 177 -22.36 -11.75 -13.31
N LEU C 178 -22.72 -10.79 -12.47
CA LEU C 178 -22.34 -9.37 -12.67
C LEU C 178 -21.14 -9.03 -11.81
N PHE C 179 -19.97 -8.81 -12.40
CA PHE C 179 -18.79 -8.25 -11.70
C PHE C 179 -19.09 -6.81 -11.27
N GLU C 180 -18.44 -6.32 -10.21
CA GLU C 180 -18.66 -4.96 -9.67
C GLU C 180 -17.32 -4.36 -9.24
N GLY C 181 -17.11 -3.07 -9.53
CA GLY C 181 -15.83 -2.43 -9.21
C GLY C 181 -15.75 -0.97 -9.59
N VAL C 182 -14.55 -0.43 -9.37
CA VAL C 182 -14.15 0.98 -9.58
C VAL C 182 -13.55 1.11 -10.97
N TYR C 183 -14.06 2.04 -11.76
CA TYR C 183 -13.54 2.37 -13.10
C TYR C 183 -12.53 3.53 -12.98
N ALA C 184 -11.30 3.29 -13.42
CA ALA C 184 -10.23 4.29 -13.52
C ALA C 184 -10.20 4.82 -14.96
N TRP C 185 -10.38 6.14 -15.10
CA TRP C 185 -10.06 6.92 -16.32
C TRP C 185 -8.55 7.16 -16.45
N PHE C 186 -7.93 6.46 -17.41
CA PHE C 186 -6.53 6.63 -17.90
C PHE C 186 -6.65 7.40 -19.21
N MET C 187 -5.80 8.41 -19.43
CA MET C 187 -6.04 9.36 -20.56
C MET C 187 -5.85 8.63 -21.89
N GLY C 188 -4.85 7.76 -22.00
CA GLY C 188 -4.50 7.09 -23.27
C GLY C 188 -3.91 8.09 -24.26
N PRO C 189 -3.88 7.81 -25.58
CA PRO C 189 -4.45 6.61 -26.18
C PRO C 189 -3.52 5.40 -26.21
N SER C 190 -2.25 5.59 -25.84
CA SER C 190 -1.35 4.43 -25.56
C SER C 190 -1.99 3.58 -24.47
N PHE C 191 -2.02 2.27 -24.61
CA PHE C 191 -2.42 1.38 -23.50
C PHE C 191 -1.42 1.59 -22.35
N ALA C 192 -1.72 1.04 -21.18
CA ALA C 192 -0.96 1.32 -19.94
C ALA C 192 0.19 0.32 -19.85
N SER C 193 1.35 0.79 -19.39
CA SER C 193 2.54 -0.04 -19.08
C SER C 193 2.18 -1.04 -17.98
N ARG C 194 2.96 -2.11 -17.83
CA ARG C 194 2.73 -3.10 -16.72
C ARG C 194 2.70 -2.34 -15.40
N ALA C 195 3.66 -1.46 -15.16
CA ALA C 195 3.80 -0.77 -13.85
C ALA C 195 2.61 0.15 -13.60
N GLU C 196 2.06 0.76 -14.65
CA GLU C 196 0.92 1.72 -14.61
C GLU C 196 -0.33 0.90 -14.22
N LEU C 197 -0.50 -0.28 -14.79
CA LEU C 197 -1.64 -1.16 -14.41
C LEU C 197 -1.51 -1.54 -12.94
N ARG C 198 -0.33 -1.99 -12.51
CA ARG C 198 -0.10 -2.34 -11.09
C ARG C 198 -0.44 -1.10 -10.24
N LEU C 199 -0.01 0.09 -10.67
CA LEU C 199 -0.26 1.36 -9.95
C LEU C 199 -1.77 1.55 -9.75
N LEU C 200 -2.55 1.32 -10.80
CA LEU C 200 -3.99 1.64 -10.85
C LEU C 200 -4.76 0.65 -9.98
N ARG C 201 -4.44 -0.63 -10.06
CA ARG C 201 -5.07 -1.71 -9.26
C ARG C 201 -4.88 -1.40 -7.76
N GLU C 202 -3.66 -1.05 -7.37
CA GLU C 202 -3.23 -0.85 -5.95
C GLU C 202 -3.83 0.48 -5.44
N LEU C 203 -4.20 1.41 -6.32
CA LEU C 203 -4.98 2.63 -5.96
C LEU C 203 -6.46 2.28 -5.70
N GLY C 204 -6.91 1.07 -6.03
CA GLY C 204 -8.30 0.66 -5.79
C GLY C 204 -9.11 0.55 -7.06
N ALA C 205 -8.49 0.64 -8.24
CA ALA C 205 -9.23 0.49 -9.51
C ALA C 205 -9.46 -0.99 -9.78
N ASP C 206 -10.67 -1.36 -10.20
CA ASP C 206 -10.96 -2.74 -10.63
C ASP C 206 -11.02 -2.82 -12.16
N ALA C 207 -11.23 -1.70 -12.84
CA ALA C 207 -11.21 -1.67 -14.32
C ALA C 207 -10.57 -0.39 -14.83
N ILE C 208 -10.06 -0.46 -16.07
CA ILE C 208 -9.32 0.64 -16.74
C ILE C 208 -9.90 0.87 -18.14
N GLY C 209 -10.14 2.15 -18.44
CA GLY C 209 -10.67 2.60 -19.74
C GLY C 209 -10.31 4.06 -19.98
N MET C 210 -10.73 4.61 -21.11
CA MET C 210 -10.30 5.94 -21.59
C MET C 210 -11.50 6.89 -21.72
N SER C 211 -12.63 6.54 -21.12
CA SER C 211 -13.93 7.21 -21.29
C SER C 211 -14.64 7.33 -19.95
N THR C 212 -15.89 7.80 -19.98
CA THR C 212 -16.98 7.62 -18.97
C THR C 212 -16.88 8.66 -17.85
N VAL C 213 -15.72 8.80 -17.21
CA VAL C 213 -15.62 9.57 -15.94
C VAL C 213 -16.05 11.02 -16.17
N PRO C 214 -15.56 11.72 -17.20
CA PRO C 214 -15.98 13.10 -17.44
C PRO C 214 -17.49 13.24 -17.63
N GLU C 215 -18.11 12.26 -18.30
CA GLU C 215 -19.58 12.19 -18.51
C GLU C 215 -20.30 12.07 -17.15
N VAL C 216 -19.83 11.15 -16.29
CA VAL C 216 -20.32 10.99 -14.90
C VAL C 216 -20.27 12.34 -14.18
N ILE C 217 -19.11 12.99 -14.17
CA ILE C 217 -18.96 14.27 -13.42
C ILE C 217 -19.97 15.24 -14.03
N ALA C 218 -20.01 15.37 -15.36
CA ALA C 218 -20.86 16.36 -16.07
C ALA C 218 -22.32 16.10 -15.74
N LEU C 219 -22.73 14.83 -15.76
CA LEU C 219 -24.14 14.41 -15.53
C LEU C 219 -24.51 14.58 -14.06
N ARG C 220 -23.59 14.36 -13.11
CA ARG C 220 -23.91 14.59 -11.67
C ARG C 220 -23.96 16.10 -11.40
N HIS C 221 -23.14 16.89 -12.07
CA HIS C 221 -23.26 18.38 -12.00
C HIS C 221 -24.70 18.82 -12.34
N LEU C 222 -25.35 18.17 -13.31
CA LEU C 222 -26.73 18.48 -13.74
C LEU C 222 -27.78 17.88 -12.80
N GLY C 223 -27.42 16.92 -11.93
CA GLY C 223 -28.35 16.17 -11.06
C GLY C 223 -29.00 14.96 -11.75
N ALA C 224 -28.41 14.41 -12.81
CA ALA C 224 -28.92 13.20 -13.50
C ALA C 224 -28.56 11.95 -12.69
N ARG C 225 -29.37 10.89 -12.78
CA ARG C 225 -29.00 9.57 -12.22
C ARG C 225 -28.11 8.83 -13.21
N VAL C 226 -27.07 8.15 -12.73
CA VAL C 226 -26.03 7.54 -13.61
C VAL C 226 -25.85 6.06 -13.25
N LEU C 227 -25.95 5.20 -14.27
CA LEU C 227 -25.57 3.76 -14.19
C LEU C 227 -24.40 3.56 -15.17
N GLY C 228 -23.29 3.01 -14.70
CA GLY C 228 -22.10 2.72 -15.53
C GLY C 228 -21.96 1.24 -15.75
N LEU C 229 -21.77 0.79 -17.00
CA LEU C 229 -21.49 -0.64 -17.31
C LEU C 229 -20.30 -0.71 -18.28
N SER C 230 -19.41 -1.66 -18.00
CA SER C 230 -18.25 -1.97 -18.86
C SER C 230 -18.31 -3.44 -19.24
N THR C 231 -18.21 -3.71 -20.53
CA THR C 231 -17.74 -5.02 -21.04
C THR C 231 -16.26 -5.11 -20.67
N ILE C 232 -15.88 -6.16 -19.95
CA ILE C 232 -14.45 -6.47 -19.71
C ILE C 232 -13.98 -7.21 -20.97
N THR C 233 -13.52 -6.44 -21.94
CA THR C 233 -13.09 -6.94 -23.27
C THR C 233 -11.82 -7.79 -23.10
N ASP C 234 -10.94 -7.42 -22.18
CA ASP C 234 -9.62 -8.07 -22.00
C ASP C 234 -9.28 -8.06 -20.51
N MET C 235 -8.33 -8.91 -20.10
CA MET C 235 -7.73 -8.87 -18.74
C MET C 235 -6.39 -8.12 -18.87
N ALA C 236 -6.29 -6.97 -18.21
CA ALA C 236 -5.08 -6.11 -18.14
C ALA C 236 -4.49 -6.26 -16.73
N VAL C 237 -3.90 -7.43 -16.47
CA VAL C 237 -3.17 -7.75 -15.20
C VAL C 237 -1.71 -7.92 -15.58
N PRO C 238 -0.78 -7.09 -15.02
CA PRO C 238 0.61 -7.03 -15.48
C PRO C 238 1.51 -8.25 -15.27
N GLU C 239 1.12 -9.23 -14.46
CA GLU C 239 2.01 -10.39 -14.16
C GLU C 239 1.53 -11.60 -14.97
N ARG C 240 1.20 -11.37 -16.25
CA ARG C 240 0.77 -12.32 -17.31
C ARG C 240 1.27 -11.80 -18.66
N GLU C 241 1.74 -12.65 -19.58
CA GLU C 241 2.23 -12.18 -20.90
C GLU C 241 1.03 -11.64 -21.72
N HIS C 242 1.27 -10.66 -22.60
CA HIS C 242 0.35 -10.08 -23.62
C HIS C 242 -0.77 -9.24 -22.98
N HIS C 243 -0.77 -7.93 -23.29
CA HIS C 243 -1.92 -6.99 -23.23
C HIS C 243 -2.72 -7.11 -24.52
N ALA C 244 -4.03 -6.87 -24.48
CA ALA C 244 -4.93 -6.94 -25.66
C ALA C 244 -4.57 -5.84 -26.69
N THR C 245 -4.87 -6.14 -27.96
CA THR C 245 -4.71 -5.24 -29.13
C THR C 245 -6.09 -4.57 -29.37
N GLU C 246 -6.13 -3.43 -30.09
CA GLU C 246 -7.40 -2.75 -30.51
C GLU C 246 -8.42 -3.78 -31.03
N GLU C 247 -7.94 -4.68 -31.90
CA GLU C 247 -8.70 -5.76 -32.63
C GLU C 247 -9.29 -6.79 -31.66
N GLU C 248 -8.61 -7.05 -30.53
CA GLU C 248 -8.97 -8.05 -29.48
C GLU C 248 -9.99 -7.44 -28.51
N VAL C 249 -9.95 -6.12 -28.29
CA VAL C 249 -11.01 -5.35 -27.55
C VAL C 249 -12.32 -5.40 -28.38
N LEU C 250 -12.26 -5.10 -29.69
CA LEU C 250 -13.46 -4.91 -30.56
C LEU C 250 -14.16 -6.26 -30.80
N ARG C 251 -13.37 -7.33 -30.97
CA ARG C 251 -13.80 -8.74 -31.20
C ARG C 251 -14.60 -9.26 -30.00
N VAL C 252 -14.07 -9.12 -28.78
CA VAL C 252 -14.71 -9.64 -27.53
C VAL C 252 -15.97 -8.80 -27.22
N ALA C 253 -15.93 -7.48 -27.38
CA ALA C 253 -17.09 -6.56 -27.18
C ALA C 253 -18.30 -7.04 -27.99
N ALA C 254 -18.06 -7.62 -29.19
CA ALA C 254 -19.05 -8.10 -30.18
C ALA C 254 -19.51 -9.54 -29.86
N GLU C 255 -18.59 -10.44 -29.46
CA GLU C 255 -18.88 -11.85 -29.05
C GLU C 255 -19.76 -11.85 -27.79
N THR C 256 -19.42 -10.96 -26.85
CA THR C 256 -20.09 -10.75 -25.54
C THR C 256 -21.39 -9.97 -25.76
N GLY C 257 -21.63 -9.51 -26.99
CA GLY C 257 -22.65 -8.51 -27.37
C GLY C 257 -24.09 -8.94 -27.09
N PRO C 258 -24.55 -10.12 -27.55
CA PRO C 258 -25.92 -10.55 -27.30
C PRO C 258 -26.29 -10.51 -25.82
N VAL C 259 -25.43 -11.07 -24.95
CA VAL C 259 -25.63 -11.10 -23.46
C VAL C 259 -25.70 -9.66 -22.93
N PHE C 260 -24.81 -8.82 -23.42
CA PHE C 260 -24.77 -7.40 -23.00
C PHE C 260 -26.10 -6.74 -23.36
N ARG C 261 -26.54 -6.90 -24.62
CA ARG C 261 -27.81 -6.30 -25.14
C ARG C 261 -29.01 -6.80 -24.35
N ARG C 262 -29.10 -8.09 -24.08
CA ARG C 262 -30.18 -8.66 -23.24
C ARG C 262 -30.12 -8.02 -21.84
N TYR C 263 -28.92 -7.83 -21.28
CA TYR C 263 -28.80 -7.27 -19.91
C TYR C 263 -29.29 -5.81 -19.89
N VAL C 264 -28.74 -4.93 -20.74
CA VAL C 264 -29.12 -3.49 -20.82
C VAL C 264 -30.65 -3.38 -21.04
N ARG C 265 -31.22 -4.23 -21.89
CA ARG C 265 -32.68 -4.17 -22.19
C ARG C 265 -33.48 -4.53 -20.93
N GLY C 266 -33.02 -5.51 -20.14
CA GLY C 266 -33.58 -5.84 -18.81
C GLY C 266 -33.61 -4.63 -17.87
N ILE C 267 -32.51 -3.89 -17.78
CA ILE C 267 -32.45 -2.66 -16.92
C ILE C 267 -33.46 -1.64 -17.45
N LEU C 268 -33.42 -1.35 -18.74
CA LEU C 268 -34.34 -0.41 -19.41
C LEU C 268 -35.80 -0.79 -19.11
N ALA C 269 -36.18 -2.07 -19.25
CA ALA C 269 -37.56 -2.57 -19.06
C ALA C 269 -38.06 -2.22 -17.64
N GLU C 270 -37.16 -2.28 -16.65
CA GLU C 270 -37.47 -2.09 -15.21
C GLU C 270 -37.40 -0.61 -14.82
N LEU C 271 -36.85 0.26 -15.67
CA LEU C 271 -36.77 1.71 -15.35
C LEU C 271 -38.19 2.30 -15.31
N GLU D 1 20.86 -24.98 30.34
CA GLU D 1 21.80 -25.95 29.74
C GLU D 1 22.02 -25.66 28.24
N LEU D 2 21.68 -24.45 27.74
CA LEU D 2 22.00 -24.00 26.35
C LEU D 2 23.43 -23.44 26.35
N TYR D 3 24.33 -24.07 25.61
CA TYR D 3 25.80 -23.79 25.60
C TYR D 3 26.50 -25.07 26.06
N ASP D 4 26.22 -25.50 27.29
CA ASP D 4 26.62 -26.85 27.77
C ASP D 4 26.14 -27.82 26.69
N LYS D 5 24.86 -27.71 26.30
CA LYS D 5 24.25 -28.45 25.16
C LYS D 5 25.15 -28.32 23.92
N ILE D 6 25.51 -27.09 23.54
CA ILE D 6 26.39 -26.82 22.37
C ILE D 6 27.74 -27.54 22.56
N GLN D 7 28.36 -27.39 23.74
CA GLN D 7 29.72 -27.92 24.02
C GLN D 7 29.68 -29.46 23.99
N GLU D 8 28.59 -30.09 24.45
CA GLU D 8 28.40 -31.57 24.37
C GLU D 8 28.43 -32.02 22.89
N ALA D 9 27.83 -31.23 21.99
CA ALA D 9 27.76 -31.51 20.53
C ALA D 9 29.13 -31.24 19.88
N VAL D 10 29.83 -30.19 20.33
CA VAL D 10 31.25 -29.87 19.95
C VAL D 10 32.11 -31.09 20.32
N ALA D 11 32.05 -31.51 21.59
CA ALA D 11 32.77 -32.66 22.16
C ALA D 11 32.61 -33.88 21.23
N TYR D 12 31.37 -34.30 20.97
CA TYR D 12 31.08 -35.56 20.23
C TYR D 12 31.68 -35.49 18.81
N VAL D 13 31.73 -34.30 18.19
CA VAL D 13 32.21 -34.15 16.78
C VAL D 13 33.74 -34.14 16.79
N ARG D 14 34.36 -33.43 17.74
CA ARG D 14 35.84 -33.45 17.93
C ARG D 14 36.31 -34.87 18.28
N SER D 15 35.53 -35.64 19.05
CA SER D 15 35.74 -37.10 19.26
C SER D 15 36.03 -37.79 17.91
N LYS D 16 35.42 -37.36 16.80
CA LYS D 16 35.55 -38.00 15.45
C LYS D 16 36.62 -37.34 14.57
N THR D 17 36.92 -36.05 14.76
CA THR D 17 37.93 -35.29 13.95
C THR D 17 38.30 -33.97 14.64
N ASP D 18 39.58 -33.62 14.60
CA ASP D 18 40.13 -32.38 15.21
C ASP D 18 40.09 -31.25 14.17
N PHE D 19 39.65 -31.55 12.93
CA PHE D 19 39.57 -30.61 11.77
C PHE D 19 38.67 -29.42 12.13
N VAL D 20 39.22 -28.21 12.01
CA VAL D 20 38.54 -26.91 12.29
C VAL D 20 38.07 -26.30 10.97
N PRO D 21 36.74 -26.18 10.72
CA PRO D 21 36.24 -25.44 9.56
C PRO D 21 36.34 -23.91 9.70
N GLU D 22 36.40 -23.20 8.57
CA GLU D 22 36.35 -21.71 8.54
C GLU D 22 34.96 -21.25 8.04
N VAL D 23 34.32 -22.05 7.18
CA VAL D 23 33.09 -21.63 6.45
C VAL D 23 31.98 -22.66 6.66
N GLY D 24 30.83 -22.20 7.15
CA GLY D 24 29.57 -22.97 7.18
C GLY D 24 28.79 -22.89 5.88
N LEU D 25 28.26 -24.02 5.41
CA LEU D 25 27.43 -24.14 4.19
C LEU D 25 26.21 -25.02 4.47
N VAL D 26 25.00 -24.44 4.43
CA VAL D 26 23.70 -25.15 4.72
C VAL D 26 22.99 -25.41 3.38
N LEU D 27 22.88 -26.68 2.99
CA LEU D 27 22.23 -27.07 1.73
C LEU D 27 20.74 -27.33 1.97
N GLY D 28 19.87 -26.65 1.21
CA GLY D 28 18.40 -26.73 1.37
C GLY D 28 17.81 -27.81 0.50
N SER D 29 16.51 -27.74 0.24
CA SER D 29 15.68 -28.76 -0.47
C SER D 29 16.16 -28.97 -1.90
N GLY D 30 16.95 -30.04 -2.13
CA GLY D 30 17.38 -30.52 -3.46
C GLY D 30 18.78 -30.04 -3.82
N LEU D 31 19.43 -29.35 -2.89
CA LEU D 31 20.75 -28.68 -3.08
C LEU D 31 21.87 -29.51 -2.44
N GLY D 32 21.55 -30.73 -1.97
CA GLY D 32 22.41 -31.62 -1.17
C GLY D 32 23.59 -32.21 -1.96
N PRO D 33 23.41 -32.59 -3.24
CA PRO D 33 24.51 -33.15 -4.03
C PRO D 33 25.85 -32.40 -4.00
N LEU D 34 25.90 -31.15 -3.54
CA LEU D 34 27.17 -30.37 -3.43
C LEU D 34 28.07 -31.00 -2.35
N ALA D 35 27.49 -31.61 -1.31
CA ALA D 35 28.23 -32.31 -0.23
C ALA D 35 29.02 -33.50 -0.81
N ASP D 36 28.51 -34.10 -1.89
CA ASP D 36 29.12 -35.25 -2.61
C ASP D 36 30.43 -34.81 -3.27
N GLU D 37 30.53 -33.52 -3.65
CA GLU D 37 31.71 -32.92 -4.33
C GLU D 37 32.77 -32.51 -3.30
N VAL D 38 32.45 -32.52 -2.00
CA VAL D 38 33.43 -32.20 -0.92
C VAL D 38 34.55 -33.24 -0.96
N GLU D 39 35.73 -32.88 -0.44
CA GLU D 39 36.87 -33.80 -0.19
C GLU D 39 36.83 -34.16 1.31
N LYS D 40 36.23 -35.29 1.66
CA LYS D 40 35.76 -35.60 3.05
C LYS D 40 36.94 -35.88 4.00
N VAL D 41 36.81 -35.49 5.27
CA VAL D 41 37.64 -35.96 6.42
C VAL D 41 36.76 -36.73 7.43
N ALA D 42 35.44 -36.51 7.42
CA ALA D 42 34.44 -37.04 8.39
C ALA D 42 33.02 -36.80 7.87
N GLU D 43 32.09 -37.71 8.17
CA GLU D 43 30.66 -37.62 7.77
C GLU D 43 29.80 -38.19 8.90
N ILE D 44 29.19 -37.33 9.72
CA ILE D 44 28.39 -37.70 10.93
C ILE D 44 26.91 -37.45 10.66
N PRO D 45 26.02 -38.48 10.66
CA PRO D 45 24.57 -38.23 10.60
C PRO D 45 24.13 -37.43 11.83
N TYR D 46 23.10 -36.58 11.70
CA TYR D 46 22.63 -35.70 12.79
C TYR D 46 22.14 -36.55 13.96
N GLY D 47 21.68 -37.79 13.70
CA GLY D 47 21.17 -38.74 14.71
C GLY D 47 22.16 -38.97 15.83
N GLU D 48 23.45 -39.14 15.51
CA GLU D 48 24.51 -39.56 16.48
C GLU D 48 24.98 -38.37 17.33
N ILE D 49 24.68 -37.14 16.93
CA ILE D 49 25.15 -35.89 17.63
C ILE D 49 24.20 -35.59 18.78
N PRO D 50 24.70 -35.51 20.03
CA PRO D 50 23.89 -35.04 21.15
C PRO D 50 23.17 -33.70 20.89
N HIS D 51 21.84 -33.69 21.06
CA HIS D 51 20.95 -32.50 21.10
C HIS D 51 20.55 -32.00 19.69
N PHE D 52 21.04 -32.62 18.61
CA PHE D 52 20.69 -32.24 17.20
C PHE D 52 19.24 -32.63 16.90
N PRO D 53 18.45 -31.77 16.23
CA PRO D 53 17.20 -32.24 15.61
C PRO D 53 17.52 -33.10 14.38
N VAL D 54 16.56 -33.89 13.90
CA VAL D 54 16.75 -34.81 12.73
C VAL D 54 15.84 -34.36 11.58
N SER D 55 16.37 -34.44 10.35
CA SER D 55 15.67 -34.07 9.09
C SER D 55 14.56 -35.09 8.84
N THR D 56 13.30 -34.63 8.75
CA THR D 56 12.15 -35.47 8.33
C THR D 56 11.70 -35.06 6.93
N ALA D 57 12.18 -33.92 6.39
CA ALA D 57 11.64 -33.23 5.20
C ALA D 57 12.26 -33.79 3.91
N PRO D 58 11.51 -33.88 2.78
CA PRO D 58 12.03 -34.50 1.56
C PRO D 58 13.28 -33.80 1.01
N GLY D 59 14.31 -34.58 0.63
CA GLY D 59 15.57 -34.10 0.00
C GLY D 59 16.57 -33.53 1.01
N HIS D 60 16.53 -33.98 2.25
CA HIS D 60 17.45 -33.57 3.34
C HIS D 60 18.03 -34.86 3.97
N ALA D 61 19.25 -35.25 3.59
CA ALA D 61 19.90 -36.52 4.04
C ALA D 61 20.07 -36.53 5.58
N GLY D 62 20.33 -35.36 6.19
CA GLY D 62 20.49 -35.19 7.64
C GLY D 62 21.90 -35.51 8.14
N ARG D 63 22.94 -34.98 7.48
CA ARG D 63 24.36 -35.41 7.69
C ARG D 63 25.31 -34.21 7.71
N LEU D 64 26.14 -34.14 8.76
CA LEU D 64 27.24 -33.14 8.91
C LEU D 64 28.48 -33.66 8.19
N VAL D 65 28.96 -32.92 7.20
CA VAL D 65 30.13 -33.27 6.35
C VAL D 65 31.22 -32.24 6.61
N LEU D 66 32.39 -32.68 7.05
CA LEU D 66 33.60 -31.81 7.20
C LEU D 66 34.64 -32.20 6.17
N GLY D 67 35.54 -31.27 5.84
CA GLY D 67 36.54 -31.44 4.79
C GLY D 67 36.80 -30.15 4.04
N ARG D 68 36.97 -30.25 2.72
CA ARG D 68 37.64 -29.27 1.84
C ARG D 68 36.83 -29.14 0.54
N LEU D 69 36.49 -27.92 0.14
CA LEU D 69 35.75 -27.60 -1.12
C LEU D 69 36.34 -26.30 -1.71
N GLU D 70 36.64 -26.32 -3.02
CA GLU D 70 37.36 -25.24 -3.77
C GLU D 70 38.43 -24.63 -2.85
N GLY D 71 39.20 -25.49 -2.18
CA GLY D 71 40.42 -25.14 -1.41
C GLY D 71 40.14 -24.55 -0.03
N LYS D 72 38.93 -24.72 0.50
CA LYS D 72 38.49 -24.07 1.78
C LYS D 72 38.07 -25.13 2.79
N PRO D 73 38.41 -24.92 4.09
CA PRO D 73 37.95 -25.78 5.17
C PRO D 73 36.50 -25.47 5.58
N VAL D 74 35.56 -26.33 5.14
CA VAL D 74 34.10 -26.07 5.20
C VAL D 74 33.39 -27.11 6.09
N LEU D 75 32.49 -26.64 6.96
CA LEU D 75 31.43 -27.47 7.61
C LEU D 75 30.17 -27.39 6.75
N VAL D 76 29.79 -28.49 6.11
CA VAL D 76 28.68 -28.56 5.11
C VAL D 76 27.51 -29.35 5.69
N TYR D 77 26.36 -28.71 5.93
CA TYR D 77 25.15 -29.35 6.48
C TYR D 77 24.31 -29.91 5.33
N LYS D 78 24.41 -31.21 5.03
CA LYS D 78 23.64 -31.83 3.92
C LYS D 78 22.19 -32.07 4.40
N GLY D 79 21.42 -30.99 4.47
CA GLY D 79 20.05 -30.95 5.04
C GLY D 79 19.97 -30.09 6.30
N ARG D 80 18.78 -29.53 6.57
CA ARG D 80 18.45 -28.81 7.82
C ARG D 80 17.09 -29.28 8.32
N VAL D 81 16.68 -28.80 9.50
CA VAL D 81 15.30 -28.94 10.02
C VAL D 81 14.57 -27.60 9.83
N HIS D 82 13.24 -27.64 9.87
CA HIS D 82 12.39 -26.42 9.75
C HIS D 82 11.35 -26.41 10.87
N TYR D 83 10.82 -25.22 11.13
CA TYR D 83 9.77 -24.93 12.11
C TYR D 83 8.52 -25.79 11.83
N TYR D 84 8.18 -26.03 10.56
CA TYR D 84 6.94 -26.77 10.18
C TYR D 84 7.08 -28.26 10.50
N GLU D 85 8.26 -28.71 10.98
CA GLU D 85 8.46 -30.14 11.30
C GLU D 85 7.98 -30.37 12.75
N GLY D 86 7.84 -29.30 13.52
CA GLY D 86 7.36 -29.33 14.91
C GLY D 86 8.42 -28.80 15.87
N TYR D 87 9.63 -28.56 15.37
CA TYR D 87 10.78 -28.04 16.14
C TYR D 87 10.58 -26.54 16.37
N SER D 88 10.97 -26.05 17.55
CA SER D 88 10.88 -24.61 17.92
C SER D 88 12.00 -23.84 17.20
N ALA D 89 11.94 -22.52 17.19
CA ALA D 89 12.98 -21.67 16.55
C ALA D 89 14.34 -21.98 17.17
N GLU D 90 14.39 -22.25 18.48
CA GLU D 90 15.63 -22.62 19.23
C GLU D 90 16.24 -23.93 18.70
N GLU D 91 15.46 -25.00 18.55
CA GLU D 91 15.94 -26.33 18.06
C GLU D 91 16.44 -26.18 16.61
N VAL D 92 15.79 -25.35 15.79
CA VAL D 92 16.11 -25.21 14.33
C VAL D 92 17.55 -24.70 14.20
N VAL D 93 17.97 -23.79 15.08
CA VAL D 93 19.22 -23.01 14.88
C VAL D 93 20.38 -23.66 15.65
N PHE D 94 20.13 -24.82 16.25
CA PHE D 94 21.12 -25.57 17.06
C PHE D 94 22.28 -26.02 16.17
N PRO D 95 22.06 -26.63 14.98
CA PRO D 95 23.18 -27.06 14.14
C PRO D 95 24.16 -25.92 13.76
N VAL D 96 23.65 -24.75 13.36
CA VAL D 96 24.50 -23.59 12.96
C VAL D 96 25.14 -22.97 14.21
N ARG D 97 24.51 -23.11 15.38
CA ARG D 97 25.17 -22.71 16.65
C ARG D 97 26.40 -23.62 16.87
N VAL D 98 26.23 -24.95 16.78
CA VAL D 98 27.36 -25.91 17.00
C VAL D 98 28.44 -25.59 15.97
N GLY D 99 28.03 -25.44 14.71
CA GLY D 99 28.89 -25.10 13.56
C GLY D 99 29.77 -23.88 13.82
N PHE D 100 29.28 -22.88 14.56
CA PHE D 100 29.99 -21.61 14.84
C PHE D 100 31.12 -21.90 15.82
N PHE D 101 30.81 -22.71 16.84
CA PHE D 101 31.72 -23.06 17.95
C PHE D 101 32.78 -24.06 17.48
N LEU D 102 32.48 -24.86 16.45
CA LEU D 102 33.50 -25.64 15.71
C LEU D 102 34.41 -24.72 14.90
N GLY D 103 34.06 -23.44 14.76
CA GLY D 103 34.93 -22.36 14.26
C GLY D 103 34.59 -21.90 12.85
N ALA D 104 33.32 -22.02 12.44
CA ALA D 104 32.77 -21.45 11.20
C ALA D 104 32.27 -20.01 11.46
N ARG D 105 33.07 -19.00 11.08
CA ARG D 105 32.83 -17.56 11.36
C ARG D 105 32.11 -16.89 10.17
N THR D 106 31.89 -17.65 9.09
CA THR D 106 31.22 -17.22 7.83
C THR D 106 30.31 -18.36 7.34
N PHE D 107 29.01 -18.08 7.18
CA PHE D 107 27.97 -19.07 6.78
C PHE D 107 27.30 -18.68 5.46
N LEU D 108 27.20 -19.64 4.56
CA LEU D 108 26.31 -19.62 3.37
C LEU D 108 25.06 -20.40 3.73
N LEU D 109 23.90 -19.75 3.76
CA LEU D 109 22.58 -20.41 3.92
C LEU D 109 21.91 -20.48 2.54
N THR D 110 21.74 -21.68 1.99
CA THR D 110 21.00 -21.91 0.73
C THR D 110 19.58 -22.38 1.09
N SER D 111 18.68 -22.38 0.11
CA SER D 111 17.26 -22.75 0.25
C SER D 111 16.63 -22.79 -1.13
N ALA D 112 15.60 -23.60 -1.31
CA ALA D 112 14.65 -23.54 -2.45
C ALA D 112 13.49 -22.65 -2.03
N ALA D 113 13.25 -21.55 -2.76
CA ALA D 113 12.23 -20.53 -2.46
C ALA D 113 11.30 -20.34 -3.66
N GLY D 114 10.11 -19.78 -3.44
CA GLY D 114 9.20 -19.32 -4.50
C GLY D 114 9.45 -17.86 -4.86
N GLY D 115 9.34 -17.51 -6.13
CA GLY D 115 9.54 -16.14 -6.61
C GLY D 115 8.27 -15.31 -6.45
N LEU D 116 8.31 -14.25 -5.64
CA LEU D 116 7.20 -13.29 -5.42
C LEU D 116 7.31 -12.12 -6.40
N ASN D 117 8.54 -11.64 -6.62
CA ASN D 117 8.88 -10.57 -7.60
C ASN D 117 8.61 -11.10 -9.01
N PRO D 118 7.60 -10.57 -9.73
CA PRO D 118 7.20 -11.10 -11.04
C PRO D 118 8.28 -11.05 -12.14
N ARG D 119 9.34 -10.25 -11.95
CA ARG D 119 10.48 -10.10 -12.90
C ARG D 119 11.47 -11.28 -12.75
N PHE D 120 11.40 -12.05 -11.66
CA PHE D 120 12.16 -13.32 -11.51
C PHE D 120 11.66 -14.36 -12.52
N ARG D 121 12.41 -15.45 -12.65
CA ARG D 121 12.08 -16.62 -13.49
C ARG D 121 12.37 -17.89 -12.67
N ALA D 122 11.64 -18.97 -12.97
CA ALA D 122 11.93 -20.34 -12.48
C ALA D 122 13.33 -20.73 -12.94
N GLY D 123 14.13 -21.28 -12.02
CA GLY D 123 15.52 -21.71 -12.28
C GLY D 123 16.49 -20.55 -12.18
N GLY D 124 16.01 -19.37 -11.77
CA GLY D 124 16.87 -18.25 -11.35
C GLY D 124 17.49 -18.50 -9.97
N ILE D 125 18.50 -17.70 -9.61
CA ILE D 125 19.22 -17.71 -8.31
C ILE D 125 19.10 -16.31 -7.73
N MET D 126 18.71 -16.20 -6.46
CA MET D 126 18.44 -14.90 -5.79
C MET D 126 19.39 -14.73 -4.61
N LEU D 127 20.02 -13.55 -4.53
CA LEU D 127 20.90 -13.14 -3.42
C LEU D 127 20.06 -12.44 -2.35
N HIS D 128 20.13 -12.89 -1.11
CA HIS D 128 19.36 -12.29 0.01
C HIS D 128 20.01 -10.94 0.37
N LEU D 129 19.27 -9.84 0.23
CA LEU D 129 19.67 -8.49 0.73
C LEU D 129 19.08 -8.30 2.12
N ASP D 130 17.92 -8.89 2.39
CA ASP D 130 17.24 -8.73 3.69
C ASP D 130 16.20 -9.84 3.87
N TYR D 131 15.49 -9.83 5.00
CA TYR D 131 14.54 -10.89 5.42
C TYR D 131 13.35 -10.22 6.12
N ILE D 132 12.21 -10.93 6.05
CA ILE D 132 10.94 -10.63 6.77
C ILE D 132 10.51 -11.92 7.47
N ASN D 133 10.32 -11.88 8.80
CA ASN D 133 9.81 -13.01 9.61
C ASN D 133 8.29 -12.87 9.70
N PHE D 134 7.55 -13.65 8.93
CA PHE D 134 6.06 -13.75 8.98
C PHE D 134 5.63 -15.11 9.58
N ALA D 135 6.48 -15.66 10.44
CA ALA D 135 6.34 -17.03 10.98
C ALA D 135 5.88 -16.99 12.46
N GLY D 136 6.10 -15.86 13.16
CA GLY D 136 5.65 -15.58 14.54
C GLY D 136 6.47 -16.31 15.59
N ALA D 137 7.75 -16.53 15.33
CA ALA D 137 8.69 -17.34 16.15
C ALA D 137 10.11 -16.76 16.04
N ASN D 138 10.78 -16.56 17.17
CA ASN D 138 12.15 -15.96 17.22
C ASN D 138 13.06 -16.92 17.99
N PRO D 139 14.21 -17.35 17.39
CA PRO D 139 15.01 -18.42 17.95
C PRO D 139 15.64 -18.06 19.30
N LEU D 140 15.64 -16.78 19.67
CA LEU D 140 16.35 -16.21 20.85
C LEU D 140 15.38 -15.97 22.00
N ARG D 141 14.08 -16.10 21.75
CA ARG D 141 13.02 -16.00 22.81
C ARG D 141 13.42 -16.95 23.94
N GLY D 142 13.50 -16.44 25.18
CA GLY D 142 13.98 -17.22 26.34
C GLY D 142 15.13 -16.50 27.02
N PRO D 143 15.80 -17.15 28.00
CA PRO D 143 16.87 -16.49 28.73
C PRO D 143 18.07 -16.36 27.78
N ASN D 144 18.85 -15.29 27.93
CA ASN D 144 19.99 -14.96 27.04
C ASN D 144 21.30 -15.33 27.71
N ASP D 145 22.24 -15.91 26.96
CA ASP D 145 23.63 -16.15 27.42
C ASP D 145 24.60 -15.23 26.65
N GLU D 146 25.28 -14.32 27.35
CA GLU D 146 26.20 -13.31 26.77
C GLU D 146 27.41 -14.00 26.14
N ARG D 147 27.69 -15.24 26.54
CA ARG D 147 28.78 -16.08 25.95
C ARG D 147 28.40 -16.45 24.52
N LEU D 148 27.11 -16.31 24.17
CA LEU D 148 26.60 -16.48 22.79
C LEU D 148 26.54 -15.10 22.10
N GLY D 149 25.90 -14.11 22.73
CA GLY D 149 25.61 -12.82 22.09
C GLY D 149 24.80 -11.88 22.98
N PRO D 150 24.53 -10.65 22.52
CA PRO D 150 23.80 -9.68 23.35
C PRO D 150 22.32 -10.07 23.48
N ARG D 151 21.58 -9.38 24.35
CA ARG D 151 20.14 -9.68 24.63
C ARG D 151 19.30 -9.30 23.41
N PHE D 152 19.70 -8.19 22.76
CA PHE D 152 18.95 -7.50 21.68
C PHE D 152 19.87 -7.27 20.48
N PRO D 153 20.19 -8.31 19.66
CA PRO D 153 21.09 -8.14 18.53
C PRO D 153 20.50 -7.29 17.40
N VAL D 154 21.34 -6.40 16.86
CA VAL D 154 21.00 -5.48 15.74
C VAL D 154 20.99 -6.31 14.44
N MET D 155 19.94 -6.18 13.63
CA MET D 155 19.69 -7.05 12.47
C MET D 155 19.78 -6.26 11.15
N PHE D 156 20.17 -4.99 11.18
CA PHE D 156 20.69 -4.27 10.00
C PHE D 156 21.91 -5.04 9.51
N GLU D 157 22.10 -5.10 8.20
CA GLU D 157 23.22 -5.84 7.55
C GLU D 157 23.25 -7.29 8.06
N ALA D 158 22.10 -7.86 8.36
CA ALA D 158 22.00 -9.29 8.72
C ALA D 158 22.74 -10.11 7.65
N TYR D 159 22.54 -9.76 6.38
CA TYR D 159 23.31 -10.30 5.22
C TYR D 159 24.51 -9.37 4.98
N ASP D 160 25.71 -9.94 4.89
CA ASP D 160 27.00 -9.19 4.94
C ASP D 160 27.14 -8.34 3.68
N PRO D 161 27.31 -7.00 3.83
CA PRO D 161 27.53 -6.11 2.68
C PRO D 161 28.69 -6.59 1.78
N GLU D 162 29.85 -6.92 2.37
CA GLU D 162 31.03 -7.40 1.59
C GLU D 162 30.71 -8.71 0.85
N LEU D 163 30.01 -9.66 1.48
CA LEU D 163 29.69 -10.95 0.80
C LEU D 163 28.59 -10.71 -0.24
N ILE D 164 27.78 -9.66 -0.09
CA ILE D 164 26.83 -9.23 -1.15
C ILE D 164 27.65 -8.73 -2.35
N GLU D 165 28.61 -7.81 -2.17
CA GLU D 165 29.48 -7.29 -3.27
C GLU D 165 30.23 -8.46 -3.92
N LEU D 166 30.78 -9.36 -3.11
CA LEU D 166 31.47 -10.58 -3.59
C LEU D 166 30.53 -11.39 -4.49
N ALA D 167 29.34 -11.75 -4.00
CA ALA D 167 28.37 -12.58 -4.74
C ALA D 167 28.14 -11.98 -6.13
N ARG D 168 28.04 -10.66 -6.22
CA ARG D 168 27.71 -9.91 -7.47
C ARG D 168 28.85 -10.07 -8.47
N LYS D 169 30.08 -9.86 -7.97
CA LYS D 169 31.37 -9.97 -8.70
C LYS D 169 31.42 -11.36 -9.35
N VAL D 170 31.22 -12.41 -8.56
CA VAL D 170 31.36 -13.81 -9.06
C VAL D 170 30.28 -14.05 -10.11
N ALA D 171 29.06 -13.54 -9.91
CA ALA D 171 27.93 -13.72 -10.85
C ALA D 171 28.26 -13.04 -12.19
N ARG D 172 28.81 -11.83 -12.11
CA ARG D 172 29.39 -11.12 -13.27
C ARG D 172 30.50 -11.97 -13.89
N ARG D 173 31.47 -12.41 -13.10
CA ARG D 173 32.61 -13.28 -13.54
C ARG D 173 32.04 -14.47 -14.35
N GLN D 174 30.98 -15.13 -13.90
CA GLN D 174 30.47 -16.41 -14.49
C GLN D 174 29.45 -16.18 -15.61
N ASP D 175 29.15 -14.92 -15.94
CA ASP D 175 28.15 -14.50 -16.97
C ASP D 175 26.73 -14.96 -16.55
N LEU D 176 26.44 -14.86 -15.26
CA LEU D 176 25.21 -15.39 -14.63
C LEU D 176 24.35 -14.20 -14.20
N HIS D 177 23.12 -14.07 -14.69
CA HIS D 177 22.21 -13.01 -14.18
C HIS D 177 21.81 -13.38 -12.75
N LEU D 178 22.22 -12.55 -11.77
CA LEU D 178 21.94 -12.76 -10.33
C LEU D 178 20.77 -11.88 -9.89
N PHE D 179 19.61 -12.48 -9.70
CA PHE D 179 18.42 -11.82 -9.08
C PHE D 179 18.78 -11.50 -7.65
N GLU D 180 18.17 -10.45 -7.09
CA GLU D 180 18.42 -9.97 -5.71
C GLU D 180 17.06 -9.63 -5.08
N GLY D 181 16.90 -9.81 -3.77
CA GLY D 181 15.64 -9.47 -3.11
C GLY D 181 15.63 -9.75 -1.61
N VAL D 182 14.43 -9.67 -1.06
CA VAL D 182 14.08 -9.92 0.37
C VAL D 182 13.45 -11.29 0.49
N TYR D 183 13.84 -12.03 1.53
CA TYR D 183 13.34 -13.40 1.84
C TYR D 183 12.30 -13.30 2.97
N ALA D 184 11.09 -13.79 2.68
CA ALA D 184 10.02 -13.90 3.67
C ALA D 184 9.97 -15.34 4.17
N TRP D 185 10.15 -15.53 5.47
CA TRP D 185 9.92 -16.80 6.20
C TRP D 185 8.44 -16.96 6.44
N PHE D 186 7.82 -17.92 5.76
CA PHE D 186 6.40 -18.34 5.94
C PHE D 186 6.43 -19.70 6.66
N MET D 187 5.62 -19.87 7.70
CA MET D 187 5.75 -21.05 8.61
C MET D 187 5.47 -22.34 7.84
N GLY D 188 4.51 -22.32 6.91
CA GLY D 188 4.03 -23.56 6.28
C GLY D 188 3.47 -24.52 7.33
N PRO D 189 3.40 -25.84 7.05
CA PRO D 189 3.95 -26.44 5.83
C PRO D 189 3.02 -26.39 4.63
N SER D 190 1.73 -26.10 4.79
CA SER D 190 0.85 -25.73 3.65
C SER D 190 1.52 -24.57 2.90
N PHE D 191 1.47 -24.55 1.57
CA PHE D 191 1.93 -23.41 0.74
C PHE D 191 0.98 -22.23 0.98
N ALA D 192 1.39 -21.03 0.59
CA ALA D 192 0.62 -19.79 0.77
C ALA D 192 -0.56 -19.79 -0.20
N SER D 193 -1.72 -19.31 0.25
CA SER D 193 -2.89 -18.93 -0.59
C SER D 193 -2.49 -17.81 -1.53
N ARG D 194 -3.27 -17.57 -2.58
CA ARG D 194 -3.05 -16.42 -3.50
C ARG D 194 -2.99 -15.11 -2.69
N ALA D 195 -3.91 -14.91 -1.75
CA ALA D 195 -4.04 -13.65 -0.98
C ALA D 195 -2.80 -13.48 -0.10
N GLU D 196 -2.26 -14.58 0.40
CA GLU D 196 -1.04 -14.61 1.25
C GLU D 196 0.17 -14.24 0.38
N LEU D 197 0.30 -14.78 -0.83
CA LEU D 197 1.41 -14.37 -1.74
C LEU D 197 1.28 -12.85 -2.00
N ARG D 198 0.07 -12.36 -2.22
CA ARG D 198 -0.17 -10.94 -2.57
C ARG D 198 0.29 -10.05 -1.41
N LEU D 199 -0.15 -10.38 -0.20
CA LEU D 199 0.15 -9.63 1.03
C LEU D 199 1.68 -9.66 1.24
N LEU D 200 2.35 -10.80 1.06
CA LEU D 200 3.82 -10.93 1.29
C LEU D 200 4.59 -10.05 0.29
N ARG D 201 4.15 -10.02 -0.96
CA ARG D 201 4.77 -9.20 -2.05
C ARG D 201 4.55 -7.72 -1.75
N GLU D 202 3.31 -7.32 -1.45
CA GLU D 202 2.94 -5.92 -1.11
C GLU D 202 3.79 -5.46 0.09
N LEU D 203 4.17 -6.35 0.99
CA LEU D 203 4.92 -6.00 2.22
C LEU D 203 6.43 -5.91 1.93
N GLY D 204 6.84 -6.15 0.68
CA GLY D 204 8.24 -5.94 0.24
C GLY D 204 9.06 -7.21 0.17
N ALA D 205 8.43 -8.39 0.25
CA ALA D 205 9.09 -9.69 0.03
C ALA D 205 9.27 -9.91 -1.48
N ASP D 206 10.43 -10.40 -1.90
CA ASP D 206 10.73 -10.81 -3.28
C ASP D 206 10.77 -12.34 -3.36
N ALA D 207 10.81 -13.04 -2.22
CA ALA D 207 10.85 -14.52 -2.21
C ALA D 207 10.19 -15.07 -0.93
N ILE D 208 9.57 -16.23 -1.07
CA ILE D 208 8.87 -16.97 0.01
C ILE D 208 9.53 -18.35 0.14
N GLY D 209 9.83 -18.76 1.37
CA GLY D 209 10.33 -20.09 1.72
C GLY D 209 10.10 -20.36 3.20
N MET D 210 10.43 -21.57 3.66
CA MET D 210 10.00 -22.03 5.00
C MET D 210 11.22 -22.27 5.90
N SER D 211 12.32 -21.56 5.61
CA SER D 211 13.64 -21.78 6.24
C SER D 211 14.36 -20.44 6.51
N THR D 212 15.61 -20.51 6.99
CA THR D 212 16.71 -19.55 6.72
C THR D 212 16.68 -18.37 7.70
N VAL D 213 15.55 -17.71 7.89
CA VAL D 213 15.51 -16.49 8.77
C VAL D 213 16.01 -16.83 10.18
N PRO D 214 15.55 -17.92 10.81
CA PRO D 214 15.99 -18.21 12.17
C PRO D 214 17.52 -18.42 12.25
N GLU D 215 18.08 -19.12 11.27
CA GLU D 215 19.54 -19.35 11.16
C GLU D 215 20.23 -17.99 11.11
N VAL D 216 19.75 -17.09 10.25
CA VAL D 216 20.24 -15.69 10.12
C VAL D 216 20.22 -15.03 11.49
N ILE D 217 19.08 -15.06 12.18
CA ILE D 217 18.89 -14.29 13.45
C ILE D 217 19.93 -14.77 14.47
N ALA D 218 20.07 -16.09 14.62
CA ALA D 218 20.89 -16.77 15.65
C ALA D 218 22.38 -16.53 15.36
N LEU D 219 22.79 -16.63 14.10
CA LEU D 219 24.19 -16.42 13.64
C LEU D 219 24.62 -14.96 13.86
N ARG D 220 23.75 -13.96 13.65
CA ARG D 220 24.15 -12.54 13.82
C ARG D 220 24.25 -12.20 15.30
N HIS D 221 23.53 -12.94 16.15
CA HIS D 221 23.63 -12.92 17.64
C HIS D 221 25.06 -13.30 18.05
N LEU D 222 25.63 -14.32 17.37
CA LEU D 222 26.99 -14.88 17.59
C LEU D 222 28.06 -13.97 16.98
N GLY D 223 27.66 -13.06 16.07
CA GLY D 223 28.54 -12.10 15.38
C GLY D 223 29.13 -12.68 14.11
N ALA D 224 28.59 -13.79 13.59
CA ALA D 224 29.02 -14.45 12.33
C ALA D 224 28.68 -13.59 11.11
N ARG D 225 29.25 -13.91 9.95
CA ARG D 225 28.92 -13.28 8.64
C ARG D 225 28.01 -14.21 7.83
N VAL D 226 26.95 -13.67 7.24
CA VAL D 226 25.92 -14.45 6.50
C VAL D 226 25.76 -13.95 5.06
N LEU D 227 25.66 -14.92 4.16
CA LEU D 227 25.28 -14.76 2.74
C LEU D 227 24.12 -15.71 2.48
N GLY D 228 23.02 -15.19 1.92
CA GLY D 228 21.82 -15.98 1.61
C GLY D 228 21.64 -16.16 0.11
N LEU D 229 21.40 -17.39 -0.31
CA LEU D 229 21.10 -17.73 -1.72
C LEU D 229 19.89 -18.68 -1.69
N SER D 230 18.89 -18.38 -2.50
CA SER D 230 17.77 -19.29 -2.79
C SER D 230 17.82 -19.62 -4.27
N THR D 231 17.73 -20.90 -4.62
CA THR D 231 17.26 -21.36 -5.95
C THR D 231 15.77 -21.04 -6.01
N ILE D 232 15.39 -20.14 -6.91
CA ILE D 232 13.96 -19.80 -7.21
C ILE D 232 13.43 -20.93 -8.10
N THR D 233 12.78 -21.92 -7.47
CA THR D 233 12.34 -23.22 -8.06
C THR D 233 11.04 -23.04 -8.86
N ASP D 234 10.23 -22.05 -8.47
CA ASP D 234 8.87 -21.82 -9.01
C ASP D 234 8.57 -20.32 -8.96
N MET D 235 7.70 -19.84 -9.85
CA MET D 235 7.07 -18.49 -9.73
C MET D 235 5.75 -18.62 -8.95
N ALA D 236 5.80 -18.24 -7.67
CA ALA D 236 4.67 -18.07 -6.73
C ALA D 236 4.11 -16.65 -6.86
N VAL D 237 3.35 -16.41 -7.93
CA VAL D 237 2.74 -15.07 -8.19
C VAL D 237 1.25 -15.29 -8.41
N PRO D 238 0.38 -14.72 -7.54
CA PRO D 238 -0.99 -15.20 -7.38
C PRO D 238 -1.99 -14.95 -8.51
N GLU D 239 -1.64 -14.15 -9.53
CA GLU D 239 -2.58 -13.87 -10.67
C GLU D 239 -2.13 -14.66 -11.90
N ARG D 240 -1.55 -15.85 -11.68
CA ARG D 240 -1.17 -16.86 -12.69
C ARG D 240 -1.69 -18.21 -12.18
N GLU D 241 -2.22 -19.09 -13.04
CA GLU D 241 -2.80 -20.41 -12.63
C GLU D 241 -1.67 -21.34 -12.13
N HIS D 242 -1.98 -22.27 -11.22
CA HIS D 242 -1.07 -23.32 -10.68
C HIS D 242 0.04 -22.71 -9.80
N HIS D 243 0.05 -23.07 -8.51
CA HIS D 243 1.23 -23.08 -7.61
C HIS D 243 2.03 -24.36 -7.89
N ALA D 244 3.36 -24.28 -7.88
CA ALA D 244 4.28 -25.45 -7.99
C ALA D 244 3.94 -26.48 -6.90
N THR D 245 4.01 -27.76 -7.24
CA THR D 245 3.82 -28.90 -6.30
C THR D 245 5.19 -29.23 -5.69
N GLU D 246 5.25 -30.13 -4.69
CA GLU D 246 6.51 -30.62 -4.04
C GLU D 246 7.45 -31.25 -5.09
N GLU D 247 6.90 -32.06 -6.00
CA GLU D 247 7.63 -32.77 -7.11
C GLU D 247 8.32 -31.75 -8.04
N GLU D 248 7.65 -30.62 -8.36
CA GLU D 248 8.14 -29.58 -9.30
C GLU D 248 9.28 -28.76 -8.64
N VAL D 249 9.17 -28.44 -7.34
CA VAL D 249 10.16 -27.59 -6.59
C VAL D 249 11.53 -28.31 -6.60
N LEU D 250 11.56 -29.56 -6.12
CA LEU D 250 12.78 -30.41 -5.94
C LEU D 250 13.38 -30.80 -7.30
N ARG D 251 12.57 -30.87 -8.37
CA ARG D 251 13.00 -31.17 -9.77
C ARG D 251 13.84 -30.01 -10.33
N VAL D 252 13.29 -28.78 -10.35
CA VAL D 252 13.94 -27.57 -10.93
C VAL D 252 15.20 -27.24 -10.11
N ALA D 253 15.23 -27.59 -8.81
CA ALA D 253 16.38 -27.41 -7.88
C ALA D 253 17.56 -28.28 -8.31
N ALA D 254 17.26 -29.41 -8.99
CA ALA D 254 18.22 -30.39 -9.54
C ALA D 254 18.60 -30.04 -11.00
N GLU D 255 17.65 -29.54 -11.84
CA GLU D 255 17.87 -29.09 -13.25
C GLU D 255 18.77 -27.83 -13.29
N THR D 256 18.71 -27.01 -12.24
CA THR D 256 19.47 -25.74 -12.06
C THR D 256 20.77 -26.01 -11.26
N GLY D 257 20.85 -27.16 -10.59
CA GLY D 257 22.00 -27.67 -9.81
C GLY D 257 23.37 -27.35 -10.43
N PRO D 258 23.67 -27.76 -11.68
CA PRO D 258 24.98 -27.50 -12.28
C PRO D 258 25.45 -26.05 -12.05
N VAL D 259 24.62 -25.08 -12.46
CA VAL D 259 24.92 -23.61 -12.49
C VAL D 259 25.02 -23.12 -11.04
N PHE D 260 24.08 -23.53 -10.18
CA PHE D 260 24.05 -23.20 -8.73
C PHE D 260 25.31 -23.70 -8.02
N ARG D 261 25.74 -24.94 -8.31
CA ARG D 261 26.92 -25.61 -7.68
C ARG D 261 28.21 -24.96 -8.18
N ARG D 262 28.28 -24.62 -9.47
CA ARG D 262 29.38 -23.82 -10.05
C ARG D 262 29.46 -22.47 -9.31
N TYR D 263 28.34 -21.78 -9.12
CA TYR D 263 28.25 -20.41 -8.54
C TYR D 263 28.70 -20.40 -7.07
N VAL D 264 28.21 -21.33 -6.24
CA VAL D 264 28.53 -21.38 -4.78
C VAL D 264 30.03 -21.66 -4.61
N ARG D 265 30.60 -22.52 -5.48
CA ARG D 265 32.06 -22.83 -5.56
C ARG D 265 32.81 -21.52 -5.82
N GLY D 266 32.46 -20.83 -6.91
CA GLY D 266 32.97 -19.49 -7.23
C GLY D 266 33.09 -18.62 -5.99
N ILE D 267 32.06 -18.60 -5.13
CA ILE D 267 32.02 -17.72 -3.92
C ILE D 267 33.03 -18.23 -2.90
N LEU D 268 33.03 -19.55 -2.68
CA LEU D 268 33.97 -20.22 -1.74
C LEU D 268 35.41 -19.85 -2.13
N ALA D 269 35.80 -20.10 -3.39
CA ALA D 269 37.12 -19.78 -3.99
C ALA D 269 37.71 -18.47 -3.44
N GLU D 270 36.86 -17.45 -3.26
CA GLU D 270 37.27 -16.03 -3.06
C GLU D 270 37.19 -15.61 -1.58
N LEU D 271 36.88 -16.52 -0.66
CA LEU D 271 36.85 -16.24 0.81
C LEU D 271 38.26 -16.45 1.40
N GLU E 1 0.32 -41.09 17.34
CA GLU E 1 -1.00 -41.75 17.42
C GLU E 1 -2.00 -41.06 16.47
N LEU E 2 -1.76 -39.81 16.03
CA LEU E 2 -2.70 -39.08 15.11
C LEU E 2 -2.94 -39.95 13.88
N TYR E 3 -4.20 -40.39 13.72
CA TYR E 3 -4.69 -41.44 12.79
C TYR E 3 -5.34 -42.51 13.65
N ASP E 4 -4.57 -43.18 14.51
CA ASP E 4 -5.13 -44.14 15.50
C ASP E 4 -6.17 -43.36 16.32
N LYS E 5 -5.95 -42.05 16.55
CA LYS E 5 -6.91 -41.14 17.25
C LYS E 5 -8.13 -40.88 16.38
N ILE E 6 -7.93 -40.61 15.10
CA ILE E 6 -9.02 -40.40 14.12
C ILE E 6 -9.91 -41.64 14.18
N GLN E 7 -9.32 -42.82 14.02
CA GLN E 7 -10.04 -44.12 13.85
C GLN E 7 -10.79 -44.51 15.12
N GLU E 8 -10.30 -44.18 16.32
CA GLU E 8 -11.07 -44.37 17.59
C GLU E 8 -12.34 -43.52 17.53
N ALA E 9 -12.25 -42.25 17.12
CA ALA E 9 -13.41 -41.33 17.01
C ALA E 9 -14.37 -41.90 15.97
N VAL E 10 -13.85 -42.28 14.81
CA VAL E 10 -14.64 -42.92 13.71
C VAL E 10 -15.38 -44.14 14.27
N ALA E 11 -14.64 -45.08 14.84
CA ALA E 11 -15.15 -46.34 15.43
C ALA E 11 -16.27 -46.03 16.43
N TYR E 12 -16.12 -45.01 17.28
CA TYR E 12 -17.14 -44.61 18.29
C TYR E 12 -18.41 -44.08 17.62
N VAL E 13 -18.29 -43.25 16.57
CA VAL E 13 -19.48 -42.75 15.83
C VAL E 13 -20.17 -43.97 15.21
N ARG E 14 -19.41 -44.92 14.65
CA ARG E 14 -19.94 -46.17 14.02
C ARG E 14 -20.58 -47.08 15.08
N SER E 15 -20.25 -46.92 16.36
CA SER E 15 -20.89 -47.64 17.49
C SER E 15 -22.27 -47.05 17.80
N LYS E 16 -22.68 -45.92 17.19
CA LYS E 16 -24.05 -45.35 17.34
C LYS E 16 -24.83 -45.41 16.02
N THR E 17 -24.18 -45.36 14.85
CA THR E 17 -24.88 -45.31 13.55
C THR E 17 -23.91 -45.71 12.42
N ASP E 18 -24.42 -46.40 11.41
CA ASP E 18 -23.62 -46.88 10.24
C ASP E 18 -23.88 -45.91 9.09
N PHE E 19 -24.70 -44.89 9.33
CA PHE E 19 -25.10 -43.81 8.38
C PHE E 19 -23.83 -43.12 7.86
N VAL E 20 -23.67 -43.05 6.53
CA VAL E 20 -22.46 -42.54 5.83
C VAL E 20 -22.75 -41.15 5.24
N PRO E 21 -22.10 -40.07 5.73
CA PRO E 21 -22.33 -38.72 5.20
C PRO E 21 -21.45 -38.44 3.97
N GLU E 22 -22.02 -37.79 2.95
CA GLU E 22 -21.28 -37.24 1.78
C GLU E 22 -20.83 -35.80 2.09
N VAL E 23 -21.70 -35.00 2.72
CA VAL E 23 -21.51 -33.54 2.96
C VAL E 23 -21.31 -33.26 4.47
N GLY E 24 -20.18 -32.62 4.82
CA GLY E 24 -19.94 -32.03 6.15
C GLY E 24 -20.41 -30.59 6.18
N LEU E 25 -21.03 -30.16 7.29
CA LEU E 25 -21.58 -28.79 7.47
C LEU E 25 -21.20 -28.28 8.88
N VAL E 26 -20.17 -27.43 8.97
CA VAL E 26 -19.78 -26.79 10.25
C VAL E 26 -20.62 -25.51 10.42
N LEU E 27 -21.43 -25.44 11.48
CA LEU E 27 -22.30 -24.29 11.85
C LEU E 27 -21.61 -23.46 12.92
N GLY E 28 -21.37 -22.19 12.63
CA GLY E 28 -20.58 -21.26 13.45
C GLY E 28 -21.46 -20.45 14.39
N SER E 29 -20.91 -19.37 14.95
CA SER E 29 -21.53 -18.53 16.02
C SER E 29 -22.95 -18.08 15.65
N GLY E 30 -23.94 -18.64 16.34
CA GLY E 30 -25.36 -18.26 16.21
C GLY E 30 -26.07 -18.99 15.08
N LEU E 31 -25.38 -19.87 14.37
CA LEU E 31 -25.86 -20.48 13.09
C LEU E 31 -26.41 -21.88 13.32
N GLY E 32 -26.34 -22.35 14.57
CA GLY E 32 -26.71 -23.70 15.07
C GLY E 32 -28.11 -24.19 14.68
N PRO E 33 -29.17 -23.34 14.67
CA PRO E 33 -30.52 -23.82 14.32
C PRO E 33 -30.71 -24.59 13.01
N LEU E 34 -29.78 -24.52 12.06
CA LEU E 34 -29.91 -25.33 10.81
C LEU E 34 -29.87 -26.82 11.15
N ALA E 35 -29.18 -27.23 12.22
CA ALA E 35 -29.11 -28.63 12.70
C ALA E 35 -30.50 -29.20 12.99
N ASP E 36 -31.44 -28.34 13.45
CA ASP E 36 -32.78 -28.74 13.95
C ASP E 36 -33.70 -29.14 12.79
N GLU E 37 -33.39 -28.64 11.58
CA GLU E 37 -34.10 -28.87 10.30
C GLU E 37 -33.56 -30.13 9.61
N VAL E 38 -32.49 -30.72 10.15
CA VAL E 38 -31.98 -32.04 9.68
C VAL E 38 -33.00 -33.10 10.09
N GLU E 39 -33.23 -34.09 9.23
CA GLU E 39 -33.98 -35.33 9.57
C GLU E 39 -33.01 -36.27 10.27
N LYS E 40 -32.86 -36.12 11.60
CA LYS E 40 -31.84 -36.81 12.44
C LYS E 40 -31.95 -38.32 12.28
N VAL E 41 -30.82 -39.02 12.20
CA VAL E 41 -30.71 -40.48 12.52
C VAL E 41 -29.91 -40.62 13.82
N ALA E 42 -28.98 -39.71 14.11
CA ALA E 42 -28.18 -39.72 15.37
C ALA E 42 -27.71 -38.30 15.74
N GLU E 43 -27.49 -38.08 17.04
CA GLU E 43 -27.00 -36.82 17.68
C GLU E 43 -26.03 -37.16 18.82
N ILE E 44 -24.73 -36.87 18.65
CA ILE E 44 -23.64 -37.22 19.60
C ILE E 44 -22.97 -35.95 20.13
N PRO E 45 -22.99 -35.69 21.46
CA PRO E 45 -22.16 -34.65 22.06
C PRO E 45 -20.66 -34.84 21.84
N TYR E 46 -19.91 -33.74 21.67
CA TYR E 46 -18.44 -33.72 21.49
C TYR E 46 -17.75 -34.38 22.69
N GLY E 47 -18.25 -34.06 23.89
CA GLY E 47 -17.81 -34.58 25.20
C GLY E 47 -17.60 -36.10 25.23
N GLU E 48 -18.41 -36.86 24.48
CA GLU E 48 -18.46 -38.35 24.55
C GLU E 48 -17.56 -38.96 23.48
N ILE E 49 -17.17 -38.21 22.44
CA ILE E 49 -16.36 -38.77 21.32
C ILE E 49 -14.89 -38.74 21.72
N PRO E 50 -14.17 -39.87 21.61
CA PRO E 50 -12.74 -39.88 21.89
C PRO E 50 -12.02 -38.76 21.15
N HIS E 51 -11.23 -37.97 21.88
CA HIS E 51 -10.20 -37.04 21.34
C HIS E 51 -10.86 -35.80 20.74
N PHE E 52 -12.17 -35.62 20.87
CA PHE E 52 -12.90 -34.40 20.41
C PHE E 52 -12.73 -33.28 21.42
N PRO E 53 -12.41 -32.05 20.95
CA PRO E 53 -12.40 -30.89 21.84
C PRO E 53 -13.86 -30.44 22.01
N VAL E 54 -14.18 -29.80 23.12
CA VAL E 54 -15.58 -29.35 23.42
C VAL E 54 -15.70 -27.83 23.23
N SER E 55 -16.86 -27.38 22.73
CA SER E 55 -17.18 -25.95 22.48
C SER E 55 -17.36 -25.24 23.82
N THR E 56 -16.59 -24.18 24.08
CA THR E 56 -16.77 -23.32 25.28
C THR E 56 -17.29 -21.94 24.84
N ALA E 57 -17.22 -21.65 23.54
CA ALA E 57 -17.59 -20.34 22.96
C ALA E 57 -19.12 -20.21 22.97
N PRO E 58 -19.63 -19.00 23.27
CA PRO E 58 -21.05 -18.69 23.21
C PRO E 58 -21.66 -18.92 21.81
N GLY E 59 -22.88 -19.48 21.76
CA GLY E 59 -23.58 -19.81 20.50
C GLY E 59 -23.03 -21.04 19.79
N HIS E 60 -22.35 -21.96 20.49
CA HIS E 60 -21.89 -23.28 19.96
C HIS E 60 -22.39 -24.39 20.88
N ALA E 61 -23.27 -25.25 20.36
CA ALA E 61 -23.92 -26.34 21.14
C ALA E 61 -22.87 -27.41 21.52
N GLY E 62 -22.00 -27.82 20.58
CA GLY E 62 -21.05 -28.95 20.75
C GLY E 62 -21.72 -30.30 20.50
N ARG E 63 -22.35 -30.47 19.33
CA ARG E 63 -23.13 -31.70 19.02
C ARG E 63 -22.90 -32.12 17.57
N LEU E 64 -22.52 -33.38 17.37
CA LEU E 64 -22.45 -34.01 16.03
C LEU E 64 -23.87 -34.44 15.63
N VAL E 65 -24.39 -34.03 14.47
CA VAL E 65 -25.73 -34.45 13.99
C VAL E 65 -25.58 -35.12 12.64
N LEU E 66 -25.79 -36.44 12.56
CA LEU E 66 -25.86 -37.16 11.27
C LEU E 66 -27.32 -37.23 10.87
N GLY E 67 -27.60 -37.28 9.58
CA GLY E 67 -28.98 -37.22 9.08
C GLY E 67 -29.05 -36.81 7.62
N ARG E 68 -30.27 -36.55 7.17
CA ARG E 68 -30.59 -36.19 5.78
C ARG E 68 -31.13 -34.76 5.83
N LEU E 69 -30.63 -33.89 4.96
CA LEU E 69 -31.10 -32.50 4.78
C LEU E 69 -31.18 -32.23 3.29
N GLU E 70 -32.33 -31.74 2.85
CA GLU E 70 -32.55 -31.39 1.43
C GLU E 70 -32.03 -32.54 0.55
N GLY E 71 -32.27 -33.77 0.98
CA GLY E 71 -32.05 -35.01 0.19
C GLY E 71 -30.60 -35.46 0.15
N LYS E 72 -29.74 -34.93 1.03
CA LYS E 72 -28.30 -35.30 1.07
C LYS E 72 -27.96 -35.89 2.44
N PRO E 73 -27.13 -36.95 2.48
CA PRO E 73 -26.63 -37.49 3.73
C PRO E 73 -25.55 -36.54 4.28
N VAL E 74 -25.83 -35.88 5.41
CA VAL E 74 -24.95 -34.80 5.96
C VAL E 74 -24.45 -35.17 7.35
N LEU E 75 -23.23 -34.74 7.65
CA LEU E 75 -22.63 -34.70 9.01
C LEU E 75 -22.61 -33.23 9.42
N VAL E 76 -23.62 -32.75 10.16
CA VAL E 76 -23.71 -31.32 10.61
C VAL E 76 -22.96 -31.19 11.95
N TYR E 77 -21.93 -30.35 12.01
CA TYR E 77 -21.23 -30.00 13.29
C TYR E 77 -21.93 -28.80 13.90
N LYS E 78 -22.77 -28.99 14.92
CA LYS E 78 -23.52 -27.89 15.57
C LYS E 78 -22.60 -27.26 16.61
N GLY E 79 -21.87 -26.22 16.21
CA GLY E 79 -20.75 -25.63 16.97
C GLY E 79 -19.41 -26.12 16.45
N ARG E 80 -18.35 -25.35 16.71
CA ARG E 80 -16.96 -25.73 16.41
C ARG E 80 -16.13 -25.31 17.62
N VAL E 81 -14.80 -25.41 17.50
CA VAL E 81 -13.86 -24.85 18.51
C VAL E 81 -12.90 -23.88 17.81
N HIS E 82 -12.21 -23.08 18.59
CA HIS E 82 -11.42 -21.91 18.13
C HIS E 82 -10.06 -21.91 18.83
N TYR E 83 -9.06 -21.46 18.11
CA TYR E 83 -7.68 -21.30 18.62
C TYR E 83 -7.72 -20.44 19.89
N TYR E 84 -8.56 -19.42 19.89
CA TYR E 84 -8.65 -18.45 21.01
C TYR E 84 -9.07 -19.15 22.30
N GLU E 85 -9.75 -20.29 22.23
CA GLU E 85 -10.26 -21.02 23.42
C GLU E 85 -9.11 -21.73 24.17
N GLY E 86 -7.94 -21.87 23.57
CA GLY E 86 -6.81 -22.64 24.13
C GLY E 86 -6.50 -23.89 23.32
N TYR E 87 -7.31 -24.26 22.33
CA TYR E 87 -7.02 -25.43 21.47
C TYR E 87 -5.89 -25.05 20.51
N SER E 88 -4.96 -25.97 20.27
CA SER E 88 -3.95 -25.91 19.19
C SER E 88 -4.66 -25.96 17.83
N ALA E 89 -3.99 -25.52 16.76
CA ALA E 89 -4.48 -25.63 15.36
C ALA E 89 -4.88 -27.09 15.11
N GLU E 90 -4.08 -28.04 15.61
CA GLU E 90 -4.27 -29.49 15.39
C GLU E 90 -5.58 -29.91 16.08
N GLU E 91 -5.74 -29.54 17.34
CA GLU E 91 -6.96 -29.87 18.12
C GLU E 91 -8.19 -29.30 17.39
N VAL E 92 -8.13 -28.04 16.93
CA VAL E 92 -9.28 -27.32 16.29
C VAL E 92 -9.81 -28.09 15.08
N VAL E 93 -8.94 -28.79 14.33
CA VAL E 93 -9.29 -29.43 13.03
C VAL E 93 -9.49 -30.94 13.20
N PHE E 94 -9.51 -31.46 14.43
CA PHE E 94 -9.77 -32.90 14.65
C PHE E 94 -11.18 -33.21 14.15
N PRO E 95 -12.24 -32.47 14.55
CA PRO E 95 -13.60 -32.76 14.13
C PRO E 95 -13.79 -32.92 12.62
N VAL E 96 -13.19 -32.06 11.79
CA VAL E 96 -13.40 -32.14 10.30
C VAL E 96 -12.58 -33.32 9.76
N ARG E 97 -11.47 -33.66 10.41
CA ARG E 97 -10.66 -34.83 10.00
C ARG E 97 -11.49 -36.10 10.24
N VAL E 98 -12.06 -36.25 11.44
CA VAL E 98 -12.95 -37.40 11.77
C VAL E 98 -14.07 -37.44 10.72
N GLY E 99 -14.64 -36.29 10.40
CA GLY E 99 -15.71 -36.14 9.39
C GLY E 99 -15.32 -36.71 8.06
N PHE E 100 -14.09 -36.45 7.60
CA PHE E 100 -13.62 -36.80 6.23
C PHE E 100 -13.51 -38.32 6.09
N PHE E 101 -12.98 -38.97 7.13
CA PHE E 101 -12.77 -40.44 7.24
C PHE E 101 -14.09 -41.16 7.48
N LEU E 102 -15.12 -40.46 7.98
CA LEU E 102 -16.54 -40.97 8.02
C LEU E 102 -17.14 -41.01 6.61
N GLY E 103 -16.53 -40.30 5.64
CA GLY E 103 -16.89 -40.32 4.21
C GLY E 103 -17.29 -38.95 3.67
N ALA E 104 -17.34 -37.90 4.50
CA ALA E 104 -17.64 -36.51 4.08
C ALA E 104 -16.47 -35.94 3.27
N ARG E 105 -16.67 -35.72 1.96
CA ARG E 105 -15.60 -35.28 1.02
C ARG E 105 -15.85 -33.83 0.54
N THR E 106 -17.08 -33.32 0.67
CA THR E 106 -17.48 -31.91 0.44
C THR E 106 -17.87 -31.28 1.78
N PHE E 107 -17.28 -30.15 2.12
CA PHE E 107 -17.53 -29.45 3.41
C PHE E 107 -17.98 -28.01 3.15
N LEU E 108 -19.13 -27.63 3.74
CA LEU E 108 -19.57 -26.22 3.91
C LEU E 108 -19.15 -25.73 5.31
N LEU E 109 -18.16 -24.84 5.37
CA LEU E 109 -17.67 -24.15 6.59
C LEU E 109 -18.34 -22.78 6.67
N THR E 110 -19.19 -22.58 7.67
CA THR E 110 -19.99 -21.35 7.88
C THR E 110 -19.50 -20.67 9.14
N SER E 111 -19.67 -19.36 9.21
CA SER E 111 -19.10 -18.50 10.29
C SER E 111 -19.88 -17.19 10.39
N ALA E 112 -19.88 -16.64 11.59
CA ALA E 112 -20.22 -15.22 11.84
C ALA E 112 -18.91 -14.48 11.63
N ALA E 113 -18.91 -13.41 10.82
CA ALA E 113 -17.68 -12.64 10.52
C ALA E 113 -17.95 -11.15 10.50
N GLY E 114 -16.93 -10.35 10.84
CA GLY E 114 -16.94 -8.89 10.61
C GLY E 114 -16.72 -8.55 9.13
N GLY E 115 -17.40 -7.50 8.65
CA GLY E 115 -17.17 -6.87 7.34
C GLY E 115 -16.07 -5.83 7.40
N LEU E 116 -14.98 -6.09 6.70
CA LEU E 116 -13.89 -5.14 6.46
C LEU E 116 -14.23 -4.29 5.23
N ASN E 117 -14.57 -4.92 4.12
CA ASN E 117 -15.06 -4.22 2.90
C ASN E 117 -16.20 -3.28 3.27
N PRO E 118 -16.04 -1.93 3.20
CA PRO E 118 -17.12 -1.00 3.57
C PRO E 118 -18.45 -1.08 2.79
N ARG E 119 -18.42 -1.66 1.59
CA ARG E 119 -19.61 -1.84 0.72
C ARG E 119 -20.51 -2.98 1.24
N PHE E 120 -19.92 -3.96 1.94
CA PHE E 120 -20.69 -5.00 2.66
C PHE E 120 -21.71 -4.34 3.60
N ARG E 121 -22.70 -5.09 4.07
CA ARG E 121 -23.66 -4.60 5.07
C ARG E 121 -23.85 -5.72 6.11
N ALA E 122 -24.03 -5.34 7.38
CA ALA E 122 -24.49 -6.22 8.47
C ALA E 122 -25.76 -6.95 8.01
N GLY E 123 -25.86 -8.26 8.26
CA GLY E 123 -27.03 -9.07 7.82
C GLY E 123 -26.86 -9.69 6.44
N GLY E 124 -25.75 -9.37 5.77
CA GLY E 124 -25.45 -9.92 4.45
C GLY E 124 -24.62 -11.19 4.57
N ILE E 125 -24.46 -11.88 3.45
CA ILE E 125 -23.73 -13.18 3.39
C ILE E 125 -22.58 -13.03 2.40
N MET E 126 -21.40 -13.51 2.80
CA MET E 126 -20.17 -13.36 2.00
C MET E 126 -19.67 -14.76 1.65
N LEU E 127 -19.50 -15.02 0.35
CA LEU E 127 -18.86 -16.24 -0.19
C LEU E 127 -17.34 -16.05 -0.08
N HIS E 128 -16.66 -17.12 0.33
CA HIS E 128 -15.21 -17.13 0.54
C HIS E 128 -14.58 -17.42 -0.81
N LEU E 129 -13.76 -16.51 -1.30
CA LEU E 129 -12.94 -16.71 -2.52
C LEU E 129 -11.54 -17.20 -2.14
N ASP E 130 -11.05 -16.85 -0.96
CA ASP E 130 -9.66 -17.15 -0.52
C ASP E 130 -9.51 -16.75 0.94
N TYR E 131 -8.33 -16.95 1.54
CA TYR E 131 -8.11 -16.73 2.98
C TYR E 131 -6.75 -16.08 3.20
N ILE E 132 -6.67 -15.29 4.28
CA ILE E 132 -5.39 -14.81 4.87
C ILE E 132 -5.28 -15.35 6.30
N ASN E 133 -4.15 -15.98 6.63
CA ASN E 133 -3.81 -16.53 7.97
C ASN E 133 -2.96 -15.50 8.73
N PHE E 134 -3.57 -14.76 9.65
CA PHE E 134 -2.93 -13.71 10.47
C PHE E 134 -2.84 -14.18 11.93
N ALA E 135 -3.01 -15.48 12.18
CA ALA E 135 -3.14 -16.08 13.53
C ALA E 135 -1.81 -16.64 14.03
N GLY E 136 -0.87 -16.94 13.13
CA GLY E 136 0.48 -17.42 13.47
C GLY E 136 0.52 -18.89 13.80
N ALA E 137 -0.52 -19.66 13.45
CA ALA E 137 -0.62 -21.11 13.74
C ALA E 137 -1.12 -21.82 12.50
N ASN E 138 -0.62 -23.04 12.29
CA ASN E 138 -0.98 -23.88 11.13
C ASN E 138 -1.34 -25.27 11.64
N PRO E 139 -2.47 -25.86 11.19
CA PRO E 139 -2.87 -27.19 11.65
C PRO E 139 -1.92 -28.33 11.24
N LEU E 140 -1.17 -28.17 10.15
CA LEU E 140 -0.30 -29.24 9.62
C LEU E 140 1.07 -29.22 10.30
N ARG E 141 1.32 -28.30 11.23
CA ARG E 141 2.66 -28.18 11.83
C ARG E 141 2.91 -29.42 12.70
N GLY E 142 4.03 -30.10 12.45
CA GLY E 142 4.48 -31.32 13.15
C GLY E 142 4.82 -32.42 12.16
N PRO E 143 4.94 -33.67 12.62
CA PRO E 143 5.08 -34.79 11.69
C PRO E 143 3.85 -34.90 10.78
N ASN E 144 4.06 -35.33 9.53
CA ASN E 144 3.00 -35.51 8.51
C ASN E 144 2.69 -37.00 8.37
N ASP E 145 1.41 -37.36 8.30
CA ASP E 145 0.97 -38.74 7.95
C ASP E 145 0.57 -38.75 6.48
N GLU E 146 1.23 -39.60 5.67
CA GLU E 146 1.04 -39.72 4.19
C GLU E 146 -0.34 -40.31 3.89
N ARG E 147 -0.99 -40.95 4.86
CA ARG E 147 -2.37 -41.48 4.68
C ARG E 147 -3.39 -40.34 4.80
N LEU E 148 -3.03 -39.20 5.43
CA LEU E 148 -3.93 -38.01 5.47
C LEU E 148 -3.73 -37.19 4.19
N GLY E 149 -2.48 -36.82 3.88
CA GLY E 149 -2.14 -36.12 2.62
C GLY E 149 -0.66 -35.76 2.57
N PRO E 150 -0.23 -34.99 1.53
CA PRO E 150 1.18 -34.68 1.33
C PRO E 150 1.74 -33.68 2.35
N ARG E 151 3.08 -33.56 2.36
CA ARG E 151 3.84 -32.74 3.35
C ARG E 151 3.59 -31.25 3.12
N PHE E 152 3.46 -30.86 1.85
CA PHE E 152 3.41 -29.46 1.38
C PHE E 152 2.19 -29.24 0.50
N PRO E 153 0.94 -29.32 1.05
CA PRO E 153 -0.26 -29.23 0.21
C PRO E 153 -0.38 -27.83 -0.39
N VAL E 154 -0.81 -27.80 -1.66
CA VAL E 154 -1.09 -26.56 -2.45
C VAL E 154 -2.40 -25.98 -1.96
N MET E 155 -2.48 -24.67 -1.74
CA MET E 155 -3.67 -23.98 -1.16
C MET E 155 -4.31 -23.02 -2.15
N PHE E 156 -3.79 -22.94 -3.38
CA PHE E 156 -4.45 -22.30 -4.54
C PHE E 156 -5.76 -23.03 -4.81
N GLU E 157 -6.82 -22.33 -5.19
CA GLU E 157 -8.16 -22.96 -5.36
C GLU E 157 -8.52 -23.71 -4.08
N ALA E 158 -8.13 -23.20 -2.91
CA ALA E 158 -8.42 -23.82 -1.60
C ALA E 158 -9.95 -23.95 -1.45
N TYR E 159 -10.64 -22.92 -1.92
CA TYR E 159 -12.11 -22.80 -2.00
C TYR E 159 -12.51 -23.20 -3.42
N ASP E 160 -13.26 -24.31 -3.55
CA ASP E 160 -13.52 -25.05 -4.80
C ASP E 160 -14.16 -24.11 -5.85
N PRO E 161 -13.54 -24.00 -7.05
CA PRO E 161 -14.09 -23.15 -8.10
C PRO E 161 -15.51 -23.52 -8.56
N GLU E 162 -15.88 -24.80 -8.61
CA GLU E 162 -17.23 -25.23 -9.05
C GLU E 162 -18.24 -24.90 -7.94
N LEU E 163 -17.90 -25.12 -6.68
CA LEU E 163 -18.81 -24.80 -5.55
C LEU E 163 -19.03 -23.28 -5.47
N ILE E 164 -18.01 -22.47 -5.80
CA ILE E 164 -18.20 -20.99 -5.92
C ILE E 164 -19.20 -20.70 -7.04
N GLU E 165 -19.05 -21.29 -8.22
CA GLU E 165 -20.01 -21.01 -9.35
C GLU E 165 -21.43 -21.44 -8.91
N LEU E 166 -21.57 -22.57 -8.21
CA LEU E 166 -22.85 -23.09 -7.66
C LEU E 166 -23.42 -22.11 -6.63
N ALA E 167 -22.60 -21.65 -5.70
CA ALA E 167 -23.00 -20.64 -4.70
C ALA E 167 -23.59 -19.44 -5.42
N ARG E 168 -22.96 -18.97 -6.49
CA ARG E 168 -23.47 -17.77 -7.22
C ARG E 168 -24.80 -18.13 -7.89
N LYS E 169 -24.87 -19.31 -8.51
CA LYS E 169 -26.10 -19.81 -9.18
C LYS E 169 -27.28 -19.78 -8.20
N VAL E 170 -27.12 -20.30 -6.99
CA VAL E 170 -28.25 -20.47 -6.03
C VAL E 170 -28.69 -19.08 -5.56
N ALA E 171 -27.74 -18.18 -5.28
CA ALA E 171 -28.02 -16.78 -4.86
C ALA E 171 -28.85 -16.03 -5.90
N ARG E 172 -28.50 -16.14 -7.17
CA ARG E 172 -29.29 -15.52 -8.28
C ARG E 172 -30.72 -16.08 -8.29
N ARG E 173 -30.84 -17.42 -8.24
CA ARG E 173 -32.10 -18.19 -8.24
C ARG E 173 -32.99 -17.65 -7.11
N GLN E 174 -32.40 -17.39 -5.93
CA GLN E 174 -33.14 -17.02 -4.69
C GLN E 174 -33.27 -15.51 -4.56
N ASP E 175 -32.92 -14.73 -5.59
CA ASP E 175 -32.93 -13.23 -5.61
C ASP E 175 -32.15 -12.66 -4.39
N LEU E 176 -31.01 -13.28 -4.08
CA LEU E 176 -30.17 -12.98 -2.89
C LEU E 176 -28.87 -12.34 -3.40
N HIS E 177 -28.62 -11.09 -3.03
CA HIS E 177 -27.31 -10.42 -3.30
C HIS E 177 -26.27 -11.12 -2.46
N LEU E 178 -25.25 -11.66 -3.09
CA LEU E 178 -24.18 -12.46 -2.46
C LEU E 178 -22.89 -11.63 -2.52
N PHE E 179 -22.38 -11.19 -1.37
CA PHE E 179 -21.04 -10.59 -1.25
C PHE E 179 -20.00 -11.69 -1.43
N GLU E 180 -18.81 -11.34 -1.89
CA GLU E 180 -17.70 -12.27 -2.22
C GLU E 180 -16.41 -11.66 -1.65
N GLY E 181 -15.47 -12.47 -1.17
CA GLY E 181 -14.13 -11.93 -0.84
C GLY E 181 -13.26 -12.83 0.02
N VAL E 182 -12.24 -12.20 0.61
CA VAL E 182 -11.11 -12.88 1.29
C VAL E 182 -11.40 -12.89 2.78
N TYR E 183 -11.29 -14.05 3.42
CA TYR E 183 -11.51 -14.19 4.88
C TYR E 183 -10.16 -14.11 5.60
N ALA E 184 -9.98 -13.13 6.48
CA ALA E 184 -8.79 -13.02 7.36
C ALA E 184 -9.05 -13.76 8.69
N TRP E 185 -8.21 -14.74 9.02
CA TRP E 185 -8.21 -15.42 10.35
C TRP E 185 -7.37 -14.58 11.31
N PHE E 186 -8.01 -13.93 12.27
CA PHE E 186 -7.42 -13.15 13.39
C PHE E 186 -7.56 -14.00 14.65
N MET E 187 -6.48 -14.18 15.41
CA MET E 187 -6.45 -15.21 16.48
C MET E 187 -7.50 -14.92 17.56
N GLY E 188 -7.65 -13.68 17.99
CA GLY E 188 -8.57 -13.32 19.07
C GLY E 188 -8.02 -13.81 20.40
N PRO E 189 -8.84 -13.89 21.49
CA PRO E 189 -10.27 -13.65 21.43
C PRO E 189 -10.67 -12.18 21.56
N SER E 190 -9.74 -11.31 21.97
CA SER E 190 -10.02 -9.85 21.94
C SER E 190 -10.38 -9.52 20.49
N PHE E 191 -11.31 -8.60 20.29
CA PHE E 191 -11.57 -8.00 18.97
C PHE E 191 -10.36 -7.15 18.57
N ALA E 192 -10.29 -6.84 17.28
CA ALA E 192 -9.16 -6.10 16.67
C ALA E 192 -9.26 -4.62 17.06
N SER E 193 -8.11 -3.96 17.21
CA SER E 193 -7.97 -2.48 17.26
C SER E 193 -8.41 -1.90 15.93
N ARG E 194 -8.71 -0.61 15.92
CA ARG E 194 -8.94 0.21 14.71
C ARG E 194 -7.79 -0.02 13.71
N ALA E 195 -6.53 0.09 14.14
CA ALA E 195 -5.34 -0.04 13.26
C ALA E 195 -5.20 -1.48 12.73
N GLU E 196 -5.58 -2.50 13.51
CA GLU E 196 -5.49 -3.92 13.08
C GLU E 196 -6.54 -4.17 12.00
N LEU E 197 -7.76 -3.62 12.14
CA LEU E 197 -8.79 -3.69 11.09
C LEU E 197 -8.26 -3.01 9.83
N ARG E 198 -7.73 -1.80 9.94
CA ARG E 198 -7.23 -1.04 8.76
C ARG E 198 -6.17 -1.91 8.06
N LEU E 199 -5.28 -2.49 8.85
CA LEU E 199 -4.11 -3.26 8.37
C LEU E 199 -4.63 -4.46 7.58
N LEU E 200 -5.62 -5.17 8.14
CA LEU E 200 -6.12 -6.44 7.58
C LEU E 200 -6.83 -6.10 6.27
N ARG E 201 -7.49 -4.94 6.20
CA ARG E 201 -8.22 -4.48 4.97
C ARG E 201 -7.22 -4.16 3.85
N GLU E 202 -6.18 -3.37 4.14
CA GLU E 202 -5.15 -2.91 3.17
C GLU E 202 -4.39 -4.14 2.61
N LEU E 203 -4.19 -5.19 3.40
CA LEU E 203 -3.56 -6.46 2.95
C LEU E 203 -4.50 -7.29 2.04
N GLY E 204 -5.77 -6.93 1.90
CA GLY E 204 -6.64 -7.54 0.87
C GLY E 204 -7.76 -8.39 1.44
N ALA E 205 -8.02 -8.29 2.75
CA ALA E 205 -9.08 -9.03 3.46
C ALA E 205 -10.38 -8.25 3.38
N ASP E 206 -11.51 -8.96 3.17
CA ASP E 206 -12.88 -8.39 3.07
C ASP E 206 -13.75 -8.68 4.31
N ALA E 207 -13.38 -9.71 5.06
CA ALA E 207 -14.04 -10.14 6.31
C ALA E 207 -12.98 -10.52 7.36
N ILE E 208 -13.35 -10.46 8.63
CA ILE E 208 -12.47 -10.83 9.76
C ILE E 208 -13.22 -11.81 10.66
N GLY E 209 -12.61 -12.94 10.98
CA GLY E 209 -13.18 -13.92 11.93
C GLY E 209 -12.10 -14.64 12.70
N MET E 210 -12.50 -15.45 13.67
CA MET E 210 -11.53 -16.13 14.57
C MET E 210 -11.53 -17.64 14.31
N SER E 211 -11.92 -18.08 13.09
CA SER E 211 -12.14 -19.51 12.75
C SER E 211 -11.79 -19.85 11.29
N THR E 212 -12.28 -21.01 10.83
CA THR E 212 -12.44 -21.45 9.43
C THR E 212 -11.11 -21.83 8.77
N VAL E 213 -10.08 -20.96 8.81
CA VAL E 213 -8.86 -21.11 7.99
C VAL E 213 -8.14 -22.40 8.37
N PRO E 214 -8.05 -22.75 9.67
CA PRO E 214 -7.48 -24.05 10.07
C PRO E 214 -8.19 -25.25 9.42
N GLU E 215 -9.52 -25.19 9.36
CA GLU E 215 -10.37 -26.30 8.82
C GLU E 215 -10.17 -26.37 7.30
N VAL E 216 -10.00 -25.20 6.65
CA VAL E 216 -9.73 -25.10 5.18
C VAL E 216 -8.40 -25.82 4.90
N ILE E 217 -7.34 -25.46 5.62
CA ILE E 217 -5.99 -26.06 5.40
C ILE E 217 -6.08 -27.57 5.65
N ALA E 218 -6.61 -27.97 6.80
CA ALA E 218 -6.69 -29.39 7.22
C ALA E 218 -7.43 -30.19 6.15
N LEU E 219 -8.48 -29.61 5.57
CA LEU E 219 -9.40 -30.32 4.64
C LEU E 219 -8.78 -30.37 3.26
N ARG E 220 -7.88 -29.43 2.94
CA ARG E 220 -7.23 -29.40 1.59
C ARG E 220 -6.10 -30.43 1.56
N HIS E 221 -5.39 -30.58 2.70
CA HIS E 221 -4.47 -31.72 3.02
C HIS E 221 -5.12 -33.06 2.62
N LEU E 222 -6.38 -33.30 3.03
CA LEU E 222 -7.09 -34.59 2.86
C LEU E 222 -7.65 -34.71 1.43
N GLY E 223 -7.75 -33.60 0.69
CA GLY E 223 -8.25 -33.56 -0.70
C GLY E 223 -9.75 -33.33 -0.81
N ALA E 224 -10.40 -32.91 0.28
CA ALA E 224 -11.85 -32.52 0.32
C ALA E 224 -12.08 -31.24 -0.47
N ARG E 225 -13.30 -31.07 -0.99
CA ARG E 225 -13.80 -29.78 -1.55
C ARG E 225 -14.41 -28.97 -0.40
N VAL E 226 -14.18 -27.66 -0.45
CA VAL E 226 -14.47 -26.69 0.63
C VAL E 226 -15.23 -25.50 0.03
N LEU E 227 -16.39 -25.20 0.61
CA LEU E 227 -17.15 -23.96 0.42
C LEU E 227 -17.17 -23.21 1.75
N GLY E 228 -16.80 -21.93 1.71
CA GLY E 228 -16.82 -21.05 2.89
C GLY E 228 -17.92 -20.02 2.75
N LEU E 229 -18.79 -19.90 3.75
CA LEU E 229 -19.84 -18.86 3.82
C LEU E 229 -19.72 -18.16 5.16
N SER E 230 -19.80 -16.85 5.14
CA SER E 230 -19.83 -16.07 6.39
C SER E 230 -21.13 -15.27 6.39
N THR E 231 -21.82 -15.29 7.50
CA THR E 231 -22.82 -14.25 7.82
C THR E 231 -22.06 -13.02 8.34
N ILE E 232 -22.17 -11.90 7.62
CA ILE E 232 -21.56 -10.59 8.02
C ILE E 232 -22.45 -10.07 9.12
N THR E 233 -22.10 -10.34 10.37
CA THR E 233 -22.94 -9.98 11.52
C THR E 233 -22.73 -8.51 11.91
N ASP E 234 -21.56 -7.96 11.61
CA ASP E 234 -21.20 -6.57 12.03
C ASP E 234 -20.26 -5.96 10.99
N MET E 235 -20.36 -4.64 10.80
CA MET E 235 -19.43 -3.85 9.96
C MET E 235 -18.27 -3.43 10.86
N ALA E 236 -17.10 -4.02 10.68
CA ALA E 236 -15.89 -3.75 11.47
C ALA E 236 -15.06 -2.73 10.69
N VAL E 237 -15.53 -1.50 10.58
CA VAL E 237 -14.79 -0.46 9.80
C VAL E 237 -14.23 0.59 10.76
N PRO E 238 -12.89 0.64 10.84
CA PRO E 238 -12.19 1.47 11.82
C PRO E 238 -12.48 2.97 11.79
N GLU E 239 -13.03 3.52 10.70
CA GLU E 239 -13.27 4.98 10.64
C GLU E 239 -14.74 5.26 10.92
N ARG E 240 -15.54 4.21 11.12
CA ARG E 240 -16.90 4.32 11.74
C ARG E 240 -16.72 4.25 13.27
N GLU E 241 -17.64 4.81 14.07
CA GLU E 241 -17.61 4.65 15.56
C GLU E 241 -18.21 3.28 15.88
N HIS E 242 -17.82 2.72 17.01
CA HIS E 242 -18.45 1.51 17.63
C HIS E 242 -18.22 0.26 16.79
N HIS E 243 -17.61 -0.72 17.44
CA HIS E 243 -17.49 -2.14 17.03
C HIS E 243 -18.67 -2.87 17.66
N ALA E 244 -19.24 -3.83 16.94
CA ALA E 244 -20.29 -4.72 17.49
C ALA E 244 -19.77 -5.35 18.78
N THR E 245 -20.72 -5.78 19.59
CA THR E 245 -20.52 -6.55 20.84
C THR E 245 -20.76 -8.02 20.50
N GLU E 246 -20.19 -8.96 21.24
CA GLU E 246 -20.59 -10.39 21.21
C GLU E 246 -22.13 -10.57 21.12
N GLU E 247 -22.88 -9.97 22.05
CA GLU E 247 -24.37 -10.12 22.15
C GLU E 247 -24.97 -9.74 20.79
N GLU E 248 -24.37 -8.77 20.14
CA GLU E 248 -24.89 -8.12 18.90
C GLU E 248 -24.56 -8.98 17.66
N VAL E 249 -23.38 -9.57 17.61
CA VAL E 249 -22.94 -10.56 16.58
C VAL E 249 -23.89 -11.77 16.63
N LEU E 250 -24.17 -12.32 17.82
CA LEU E 250 -25.08 -13.50 17.95
C LEU E 250 -26.48 -13.08 17.52
N ARG E 251 -26.93 -11.87 17.86
CA ARG E 251 -28.28 -11.40 17.47
C ARG E 251 -28.38 -11.34 15.94
N VAL E 252 -27.45 -10.68 15.24
CA VAL E 252 -27.50 -10.52 13.75
C VAL E 252 -27.38 -11.90 13.07
N ALA E 253 -26.56 -12.81 13.59
CA ALA E 253 -26.55 -14.23 13.14
C ALA E 253 -27.96 -14.83 13.26
N ALA E 254 -28.66 -14.63 14.39
CA ALA E 254 -30.02 -15.16 14.60
C ALA E 254 -30.97 -14.52 13.59
N GLU E 255 -30.84 -13.20 13.39
CA GLU E 255 -31.77 -12.40 12.55
C GLU E 255 -31.62 -12.76 11.07
N THR E 256 -30.41 -13.10 10.65
CA THR E 256 -30.01 -13.43 9.26
C THR E 256 -30.32 -14.92 9.00
N GLY E 257 -30.65 -15.65 10.07
CA GLY E 257 -30.69 -17.12 10.08
C GLY E 257 -31.64 -17.68 9.04
N PRO E 258 -32.89 -17.16 8.95
CA PRO E 258 -33.82 -17.68 7.94
C PRO E 258 -33.24 -17.61 6.52
N VAL E 259 -32.68 -16.45 6.13
CA VAL E 259 -32.16 -16.23 4.73
C VAL E 259 -30.95 -17.15 4.53
N PHE E 260 -30.14 -17.26 5.57
CA PHE E 260 -28.91 -18.08 5.56
C PHE E 260 -29.24 -19.57 5.39
N ARG E 261 -30.33 -20.04 5.99
CA ARG E 261 -30.72 -21.47 5.98
C ARG E 261 -31.40 -21.79 4.64
N ARG E 262 -32.23 -20.89 4.14
CA ARG E 262 -32.83 -21.05 2.80
C ARG E 262 -31.66 -21.17 1.84
N TYR E 263 -30.58 -20.42 2.08
CA TYR E 263 -29.45 -20.36 1.13
C TYR E 263 -28.65 -21.66 1.19
N VAL E 264 -28.27 -22.12 2.39
CA VAL E 264 -27.42 -23.33 2.56
C VAL E 264 -28.17 -24.56 2.05
N ARG E 265 -29.44 -24.71 2.41
CA ARG E 265 -30.29 -25.81 1.92
C ARG E 265 -30.38 -25.80 0.39
N GLY E 266 -30.46 -24.62 -0.24
CA GLY E 266 -30.44 -24.43 -1.70
C GLY E 266 -29.15 -24.94 -2.32
N ILE E 267 -27.99 -24.66 -1.68
CA ILE E 267 -26.65 -25.14 -2.15
C ILE E 267 -26.60 -26.68 -2.01
N LEU E 268 -27.00 -27.21 -0.85
CA LEU E 268 -27.15 -28.67 -0.57
C LEU E 268 -28.00 -29.35 -1.65
N ALA E 269 -29.11 -28.74 -2.03
CA ALA E 269 -30.11 -29.28 -2.98
C ALA E 269 -29.47 -29.52 -4.35
N GLU E 270 -28.42 -28.78 -4.70
CA GLU E 270 -27.82 -28.84 -6.05
C GLU E 270 -26.45 -29.50 -5.98
N LEU E 271 -25.92 -29.77 -4.79
CA LEU E 271 -24.58 -30.40 -4.65
C LEU E 271 -24.52 -31.72 -5.44
N GLU F 1 -6.62 -22.19 37.95
CA GLU F 1 -6.44 -21.45 39.22
C GLU F 1 -6.60 -19.93 38.97
N LEU F 2 -6.27 -19.39 37.78
CA LEU F 2 -6.25 -17.91 37.47
C LEU F 2 -7.48 -17.22 38.07
N TYR F 3 -7.23 -16.27 38.96
CA TYR F 3 -8.25 -15.57 39.81
C TYR F 3 -7.93 -15.94 41.25
N ASP F 4 -7.86 -17.24 41.52
CA ASP F 4 -7.31 -17.77 42.79
C ASP F 4 -5.85 -17.35 42.87
N LYS F 5 -5.10 -17.50 41.77
CA LYS F 5 -3.71 -16.99 41.64
C LYS F 5 -3.73 -15.48 41.93
N ILE F 6 -4.63 -14.74 41.26
CA ILE F 6 -4.72 -13.27 41.43
C ILE F 6 -4.97 -12.97 42.91
N GLN F 7 -5.98 -13.60 43.52
CA GLN F 7 -6.34 -13.39 44.95
C GLN F 7 -5.15 -13.81 45.85
N GLU F 8 -4.40 -14.87 45.53
CA GLU F 8 -3.22 -15.30 46.32
C GLU F 8 -2.20 -14.16 46.38
N ALA F 9 -1.99 -13.44 45.27
CA ALA F 9 -1.03 -12.33 45.15
C ALA F 9 -1.61 -11.08 45.84
N VAL F 10 -2.89 -10.78 45.61
CA VAL F 10 -3.64 -9.71 46.32
C VAL F 10 -3.47 -9.93 47.82
N ALA F 11 -3.66 -11.17 48.29
CA ALA F 11 -3.56 -11.58 49.71
C ALA F 11 -2.18 -11.18 50.25
N TYR F 12 -1.10 -11.55 49.53
CA TYR F 12 0.30 -11.39 49.96
C TYR F 12 0.70 -9.90 50.00
N VAL F 13 0.07 -9.06 49.19
CA VAL F 13 0.35 -7.59 49.19
C VAL F 13 -0.37 -6.94 50.38
N ARG F 14 -1.63 -7.34 50.61
CA ARG F 14 -2.46 -6.82 51.74
C ARG F 14 -1.88 -7.27 53.09
N SER F 15 -1.02 -8.29 53.11
CA SER F 15 -0.33 -8.78 54.32
C SER F 15 0.86 -7.86 54.67
N LYS F 16 1.37 -7.10 53.69
CA LYS F 16 2.51 -6.14 53.88
C LYS F 16 1.99 -4.71 54.09
N THR F 17 0.77 -4.40 53.63
CA THR F 17 0.19 -3.03 53.70
C THR F 17 -1.31 -3.09 53.39
N ASP F 18 -2.08 -2.17 53.97
CA ASP F 18 -3.53 -1.98 53.75
C ASP F 18 -3.74 -0.73 52.87
N PHE F 19 -2.73 -0.32 52.09
CA PHE F 19 -2.76 0.84 51.15
C PHE F 19 -3.51 0.46 49.87
N VAL F 20 -4.40 1.34 49.40
CA VAL F 20 -5.30 1.11 48.24
C VAL F 20 -4.93 2.07 47.12
N PRO F 21 -4.19 1.63 46.07
CA PRO F 21 -3.86 2.50 44.94
C PRO F 21 -5.12 2.82 44.14
N GLU F 22 -5.11 3.97 43.45
CA GLU F 22 -6.16 4.35 42.47
C GLU F 22 -5.58 4.29 41.05
N VAL F 23 -4.25 4.35 40.92
CA VAL F 23 -3.54 4.58 39.62
C VAL F 23 -2.34 3.63 39.55
N GLY F 24 -2.26 2.82 38.49
CA GLY F 24 -1.12 1.94 38.20
C GLY F 24 -0.23 2.55 37.13
N LEU F 25 1.08 2.55 37.37
CA LEU F 25 2.10 3.19 36.51
C LEU F 25 3.24 2.18 36.31
N VAL F 26 3.38 1.66 35.08
CA VAL F 26 4.35 0.61 34.68
C VAL F 26 5.51 1.30 33.97
N LEU F 27 6.72 1.20 34.52
CA LEU F 27 7.92 1.93 34.00
C LEU F 27 8.72 0.97 33.11
N GLY F 28 8.87 1.32 31.84
CA GLY F 28 9.66 0.53 30.87
C GLY F 28 11.14 0.81 31.00
N SER F 29 11.92 0.20 30.09
CA SER F 29 13.40 0.23 30.01
C SER F 29 13.94 1.66 30.27
N GLY F 30 14.55 1.85 31.46
CA GLY F 30 15.33 3.04 31.81
C GLY F 30 14.47 4.17 32.36
N LEU F 31 13.18 3.93 32.59
CA LEU F 31 12.22 4.94 33.11
C LEU F 31 11.99 4.72 34.61
N GLY F 32 12.56 3.61 35.13
CA GLY F 32 12.55 3.19 36.55
C GLY F 32 12.79 4.31 37.55
N PRO F 33 13.83 5.17 37.38
CA PRO F 33 14.09 6.29 38.28
C PRO F 33 12.88 7.02 38.89
N LEU F 34 11.76 7.07 38.17
CA LEU F 34 10.55 7.82 38.62
C LEU F 34 10.02 7.22 39.93
N ALA F 35 10.22 5.91 40.16
CA ALA F 35 9.79 5.17 41.38
C ALA F 35 10.46 5.78 42.63
N ASP F 36 11.76 6.06 42.58
CA ASP F 36 12.54 6.64 43.71
C ASP F 36 11.87 7.93 44.17
N GLU F 37 11.31 8.70 43.24
CA GLU F 37 10.66 9.99 43.52
C GLU F 37 9.29 9.76 44.19
N VAL F 38 8.88 8.50 44.43
CA VAL F 38 7.57 8.18 45.09
C VAL F 38 7.78 8.17 46.61
N GLU F 39 6.78 8.70 47.34
CA GLU F 39 6.66 8.73 48.82
C GLU F 39 6.24 7.32 49.29
N LYS F 40 7.16 6.35 49.22
CA LYS F 40 6.97 4.91 49.60
C LYS F 40 6.06 4.78 50.82
N VAL F 41 5.25 3.72 50.88
CA VAL F 41 4.66 3.15 52.13
C VAL F 41 4.94 1.63 52.15
N ALA F 42 5.58 1.10 51.09
CA ALA F 42 5.85 -0.33 50.85
C ALA F 42 6.69 -0.50 49.58
N GLU F 43 7.35 -1.65 49.44
CA GLU F 43 8.25 -1.99 48.32
C GLU F 43 8.39 -3.51 48.33
N ILE F 44 8.08 -4.21 47.23
CA ILE F 44 8.00 -5.71 47.21
C ILE F 44 8.65 -6.24 45.94
N PRO F 45 9.76 -7.00 46.05
CA PRO F 45 10.39 -7.59 44.87
C PRO F 45 9.44 -8.61 44.24
N TYR F 46 9.33 -8.58 42.90
CA TYR F 46 8.44 -9.46 42.11
C TYR F 46 8.72 -10.92 42.49
N GLY F 47 9.99 -11.26 42.77
CA GLY F 47 10.45 -12.63 43.11
C GLY F 47 9.76 -13.19 44.34
N GLU F 48 9.16 -12.33 45.18
CA GLU F 48 8.60 -12.67 46.52
C GLU F 48 7.06 -12.72 46.50
N ILE F 49 6.42 -12.36 45.39
CA ILE F 49 4.92 -12.35 45.24
C ILE F 49 4.50 -13.63 44.54
N PRO F 50 3.41 -14.28 45.01
CA PRO F 50 2.90 -15.50 44.40
C PRO F 50 2.57 -15.35 42.91
N HIS F 51 3.21 -16.18 42.08
CA HIS F 51 2.90 -16.39 40.64
C HIS F 51 3.43 -15.21 39.82
N PHE F 52 4.07 -14.20 40.43
CA PHE F 52 4.66 -13.05 39.71
C PHE F 52 5.84 -13.52 38.86
N PRO F 53 5.91 -13.08 37.58
CA PRO F 53 7.13 -13.26 36.80
C PRO F 53 8.18 -12.24 37.27
N VAL F 54 9.46 -12.49 36.93
CA VAL F 54 10.68 -11.78 37.44
C VAL F 54 11.37 -11.10 36.25
N SER F 55 11.65 -9.80 36.40
CA SER F 55 12.34 -8.96 35.39
C SER F 55 13.79 -9.43 35.21
N THR F 56 14.10 -10.02 34.06
CA THR F 56 15.48 -10.45 33.67
C THR F 56 16.11 -9.38 32.75
N ALA F 57 15.30 -8.50 32.15
CA ALA F 57 15.67 -7.55 31.07
C ALA F 57 16.56 -6.43 31.61
N PRO F 58 17.59 -6.00 30.84
CA PRO F 58 18.39 -4.83 31.20
C PRO F 58 17.53 -3.58 31.46
N GLY F 59 17.70 -2.95 32.63
CA GLY F 59 17.05 -1.69 33.00
C GLY F 59 15.73 -1.89 33.72
N HIS F 60 15.38 -3.13 34.06
CA HIS F 60 14.16 -3.52 34.84
C HIS F 60 14.55 -4.06 36.22
N ALA F 61 14.29 -3.28 37.27
CA ALA F 61 14.61 -3.60 38.68
C ALA F 61 13.80 -4.83 39.14
N GLY F 62 12.49 -4.89 38.81
CA GLY F 62 11.58 -5.96 39.23
C GLY F 62 11.08 -5.77 40.64
N ARG F 63 10.44 -4.64 40.92
CA ARG F 63 9.96 -4.25 42.27
C ARG F 63 8.62 -3.55 42.19
N LEU F 64 7.66 -4.01 42.98
CA LEU F 64 6.33 -3.38 43.14
C LEU F 64 6.44 -2.34 44.27
N VAL F 65 6.22 -1.06 43.96
CA VAL F 65 6.23 0.08 44.93
C VAL F 65 4.79 0.56 45.10
N LEU F 66 4.34 0.74 46.33
CA LEU F 66 3.06 1.40 46.66
C LEU F 66 3.39 2.72 47.37
N GLY F 67 2.47 3.68 47.35
CA GLY F 67 2.65 4.95 48.05
C GLY F 67 2.03 6.12 47.32
N ARG F 68 2.59 7.30 47.52
CA ARG F 68 2.01 8.59 47.05
C ARG F 68 2.97 9.21 46.02
N LEU F 69 2.42 9.76 44.95
CA LEU F 69 3.16 10.53 43.91
C LEU F 69 2.25 11.65 43.40
N GLU F 70 2.77 12.87 43.40
CA GLU F 70 2.00 14.07 42.99
C GLU F 70 0.58 13.98 43.57
N GLY F 71 0.46 13.43 44.79
CA GLY F 71 -0.76 13.45 45.62
C GLY F 71 -1.79 12.41 45.20
N LYS F 72 -1.36 11.36 44.51
CA LYS F 72 -2.26 10.24 44.11
C LYS F 72 -1.76 8.96 44.79
N PRO F 73 -2.67 8.16 45.39
CA PRO F 73 -2.33 6.77 45.71
C PRO F 73 -1.99 6.04 44.40
N VAL F 74 -0.72 5.67 44.22
CA VAL F 74 -0.20 5.02 42.99
C VAL F 74 0.29 3.61 43.32
N LEU F 75 0.37 2.77 42.29
CA LEU F 75 0.97 1.43 42.35
C LEU F 75 1.99 1.36 41.22
N VAL F 76 3.27 1.51 41.53
CA VAL F 76 4.32 1.72 40.52
C VAL F 76 5.08 0.41 40.29
N TYR F 77 5.13 -0.04 39.05
CA TYR F 77 5.86 -1.27 38.67
C TYR F 77 7.24 -0.84 38.22
N LYS F 78 8.20 -0.75 39.14
CA LYS F 78 9.61 -0.47 38.78
C LYS F 78 10.11 -1.69 37.99
N GLY F 79 9.84 -1.68 36.68
CA GLY F 79 10.18 -2.78 35.74
C GLY F 79 8.97 -3.60 35.34
N ARG F 80 9.13 -4.40 34.29
CA ARG F 80 8.09 -5.32 33.78
C ARG F 80 8.80 -6.54 33.19
N VAL F 81 8.00 -7.51 32.72
CA VAL F 81 8.47 -8.70 31.95
C VAL F 81 7.97 -8.61 30.49
N HIS F 82 8.64 -9.35 29.61
CA HIS F 82 8.45 -9.29 28.16
C HIS F 82 8.30 -10.71 27.58
N TYR F 83 7.51 -10.85 26.52
CA TYR F 83 7.27 -12.10 25.78
C TYR F 83 8.60 -12.70 25.27
N TYR F 84 9.59 -11.87 24.91
CA TYR F 84 10.92 -12.31 24.39
C TYR F 84 11.73 -13.02 25.48
N GLU F 85 11.47 -12.75 26.77
CA GLU F 85 12.20 -13.32 27.94
C GLU F 85 11.89 -14.83 28.11
N GLY F 86 10.79 -15.32 27.50
CA GLY F 86 10.31 -16.72 27.55
C GLY F 86 8.91 -16.82 28.15
N TYR F 87 8.39 -15.74 28.72
CA TYR F 87 7.08 -15.68 29.40
C TYR F 87 5.95 -15.66 28.37
N SER F 88 4.89 -16.44 28.61
CA SER F 88 3.64 -16.42 27.81
C SER F 88 3.02 -15.01 27.90
N ALA F 89 2.13 -14.69 26.94
CA ALA F 89 1.29 -13.48 26.97
C ALA F 89 0.59 -13.35 28.33
N GLU F 90 -0.10 -14.42 28.77
CA GLU F 90 -0.90 -14.48 30.03
C GLU F 90 0.00 -14.23 31.24
N GLU F 91 1.20 -14.82 31.29
CA GLU F 91 2.18 -14.56 32.38
C GLU F 91 2.50 -13.06 32.38
N VAL F 92 2.77 -12.48 31.20
CA VAL F 92 3.26 -11.08 31.06
C VAL F 92 2.27 -10.12 31.74
N VAL F 93 0.97 -10.43 31.76
CA VAL F 93 -0.10 -9.43 32.12
C VAL F 93 -0.59 -9.69 33.55
N PHE F 94 -0.15 -10.78 34.18
CA PHE F 94 -0.51 -11.14 35.59
C PHE F 94 -0.25 -9.93 36.49
N PRO F 95 0.94 -9.30 36.46
CA PRO F 95 1.20 -8.10 37.26
C PRO F 95 0.12 -7.00 37.17
N VAL F 96 -0.25 -6.54 35.96
CA VAL F 96 -1.24 -5.43 35.80
C VAL F 96 -2.62 -5.93 36.23
N ARG F 97 -2.94 -7.21 36.00
CA ARG F 97 -4.20 -7.84 36.49
C ARG F 97 -4.26 -7.78 38.03
N VAL F 98 -3.14 -8.02 38.72
CA VAL F 98 -3.07 -8.05 40.22
C VAL F 98 -3.23 -6.62 40.74
N GLY F 99 -2.58 -5.66 40.10
CA GLY F 99 -2.81 -4.22 40.37
C GLY F 99 -4.27 -3.85 40.26
N PHE F 100 -4.96 -4.31 39.21
CA PHE F 100 -6.35 -3.91 38.95
C PHE F 100 -7.22 -4.33 40.13
N PHE F 101 -6.95 -5.53 40.67
CA PHE F 101 -7.73 -6.17 41.75
C PHE F 101 -7.35 -5.54 43.10
N LEU F 102 -6.19 -4.87 43.14
CA LEU F 102 -5.75 -4.02 44.29
C LEU F 102 -6.49 -2.66 44.30
N GLY F 103 -7.17 -2.30 43.20
CA GLY F 103 -8.03 -1.09 43.10
C GLY F 103 -7.46 -0.02 42.17
N ALA F 104 -6.36 -0.29 41.48
CA ALA F 104 -5.85 0.55 40.36
C ALA F 104 -6.75 0.38 39.13
N ARG F 105 -7.74 1.26 38.93
CA ARG F 105 -8.73 1.25 37.81
C ARG F 105 -8.23 2.08 36.61
N THR F 106 -7.11 2.80 36.76
CA THR F 106 -6.44 3.62 35.72
C THR F 106 -4.95 3.24 35.65
N PHE F 107 -4.44 2.94 34.46
CA PHE F 107 -3.02 2.56 34.24
C PHE F 107 -2.40 3.52 33.24
N LEU F 108 -1.14 3.87 33.48
CA LEU F 108 -0.24 4.57 32.53
C LEU F 108 0.81 3.55 32.13
N LEU F 109 0.99 3.30 30.84
CA LEU F 109 1.91 2.23 30.36
C LEU F 109 3.05 2.90 29.59
N THR F 110 4.20 3.02 30.22
CA THR F 110 5.37 3.75 29.71
C THR F 110 6.32 2.72 29.14
N SER F 111 7.05 3.07 28.08
CA SER F 111 7.92 2.13 27.32
C SER F 111 9.03 2.89 26.61
N ALA F 112 10.14 2.20 26.35
CA ALA F 112 11.21 2.66 25.46
C ALA F 112 10.94 2.05 24.09
N ALA F 113 10.62 2.88 23.10
CA ALA F 113 10.21 2.46 21.74
C ALA F 113 11.06 3.14 20.66
N GLY F 114 11.35 2.43 19.57
CA GLY F 114 11.90 3.00 18.33
C GLY F 114 10.86 3.84 17.61
N GLY F 115 11.29 4.89 16.90
CA GLY F 115 10.42 5.78 16.11
C GLY F 115 10.42 5.39 14.63
N LEU F 116 9.28 4.93 14.12
CA LEU F 116 9.12 4.49 12.71
C LEU F 116 8.76 5.70 11.85
N ASN F 117 7.95 6.62 12.41
CA ASN F 117 7.50 7.87 11.73
C ASN F 117 8.71 8.78 11.61
N PRO F 118 9.15 9.11 10.37
CA PRO F 118 10.46 9.75 10.16
C PRO F 118 10.44 11.21 10.61
N ARG F 119 9.26 11.73 10.94
CA ARG F 119 9.01 13.10 11.45
C ARG F 119 9.16 13.13 12.97
N PHE F 120 9.49 12.00 13.59
CA PHE F 120 9.79 11.92 15.05
C PHE F 120 11.26 12.31 15.26
N ARG F 121 11.68 12.38 16.53
CA ARG F 121 13.08 12.66 16.93
C ARG F 121 13.45 11.72 18.08
N ALA F 122 14.62 11.10 18.00
CA ALA F 122 15.30 10.49 19.16
C ALA F 122 15.22 11.50 20.31
N GLY F 123 14.63 11.12 21.45
CA GLY F 123 14.47 11.97 22.63
C GLY F 123 13.05 12.50 22.79
N GLY F 124 12.19 12.23 21.80
CA GLY F 124 10.76 12.64 21.83
C GLY F 124 9.91 11.70 22.68
N ILE F 125 8.72 12.17 23.09
CA ILE F 125 7.67 11.36 23.76
C ILE F 125 6.48 11.18 22.82
N MET F 126 6.02 9.94 22.62
CA MET F 126 4.80 9.62 21.85
C MET F 126 3.64 9.19 22.76
N LEU F 127 2.52 9.88 22.63
CA LEU F 127 1.23 9.46 23.20
C LEU F 127 0.64 8.34 22.33
N HIS F 128 0.24 7.23 22.94
CA HIS F 128 -0.41 6.09 22.25
C HIS F 128 -1.84 6.47 21.91
N LEU F 129 -2.19 6.33 20.64
CA LEU F 129 -3.54 6.54 20.10
C LEU F 129 -4.17 5.17 19.82
N ASP F 130 -3.34 4.17 19.52
CA ASP F 130 -3.79 2.80 19.14
C ASP F 130 -2.57 1.88 19.04
N TYR F 131 -2.79 0.60 18.82
CA TYR F 131 -1.72 -0.43 18.79
C TYR F 131 -2.00 -1.42 17.67
N ILE F 132 -0.96 -2.17 17.30
CA ILE F 132 -0.99 -3.28 16.32
C ILE F 132 -0.22 -4.44 16.95
N ASN F 133 -0.86 -5.59 17.14
CA ASN F 133 -0.21 -6.84 17.62
C ASN F 133 0.45 -7.52 16.43
N PHE F 134 1.79 -7.57 16.38
CA PHE F 134 2.55 -8.34 15.36
C PHE F 134 3.35 -9.48 16.03
N ALA F 135 3.08 -9.74 17.31
CA ALA F 135 3.88 -10.67 18.14
C ALA F 135 3.30 -12.08 18.08
N GLY F 136 2.06 -12.22 17.60
CA GLY F 136 1.43 -13.52 17.30
C GLY F 136 1.02 -14.23 18.57
N ALA F 137 0.65 -13.47 19.61
CA ALA F 137 0.18 -13.97 20.93
C ALA F 137 -0.81 -13.00 21.58
N ASN F 138 -1.82 -13.55 22.25
CA ASN F 138 -2.91 -12.77 22.89
C ASN F 138 -3.01 -13.22 24.34
N PRO F 139 -3.01 -12.31 25.32
CA PRO F 139 -3.08 -12.69 26.73
C PRO F 139 -4.37 -13.43 27.14
N LEU F 140 -5.46 -13.30 26.37
CA LEU F 140 -6.80 -13.82 26.75
C LEU F 140 -7.02 -15.20 26.12
N ARG F 141 -6.08 -15.69 25.32
CA ARG F 141 -6.14 -17.07 24.78
C ARG F 141 -6.31 -18.04 25.95
N GLY F 142 -7.38 -18.83 25.91
CA GLY F 142 -7.68 -19.90 26.87
C GLY F 142 -9.05 -19.67 27.47
N PRO F 143 -9.37 -20.37 28.59
CA PRO F 143 -10.69 -20.21 29.20
C PRO F 143 -10.84 -18.73 29.62
N ASN F 144 -12.09 -18.30 29.73
CA ASN F 144 -12.43 -16.91 30.11
C ASN F 144 -13.23 -16.96 31.40
N ASP F 145 -12.73 -16.25 32.39
CA ASP F 145 -13.41 -16.06 33.70
C ASP F 145 -14.14 -14.72 33.59
N GLU F 146 -15.48 -14.80 33.53
CA GLU F 146 -16.47 -13.69 33.51
C GLU F 146 -16.23 -12.69 34.65
N ARG F 147 -15.60 -13.13 35.76
CA ARG F 147 -15.27 -12.28 36.94
C ARG F 147 -14.12 -11.31 36.61
N LEU F 148 -13.37 -11.60 35.55
CA LEU F 148 -12.36 -10.66 35.00
C LEU F 148 -13.06 -9.80 33.94
N GLY F 149 -13.73 -10.45 33.01
CA GLY F 149 -14.37 -9.73 31.91
C GLY F 149 -14.86 -10.69 30.85
N PRO F 150 -15.30 -10.13 29.71
CA PRO F 150 -16.04 -10.90 28.71
C PRO F 150 -15.12 -11.73 27.81
N ARG F 151 -15.70 -12.69 27.09
CA ARG F 151 -14.97 -13.58 26.16
C ARG F 151 -14.32 -12.75 25.03
N PHE F 152 -15.05 -11.79 24.43
CA PHE F 152 -14.60 -11.00 23.25
C PHE F 152 -14.60 -9.50 23.53
N PRO F 153 -13.64 -8.97 24.34
CA PRO F 153 -13.65 -7.56 24.70
C PRO F 153 -13.39 -6.69 23.47
N VAL F 154 -14.23 -5.69 23.27
CA VAL F 154 -14.08 -4.63 22.23
C VAL F 154 -12.84 -3.77 22.52
N MET F 155 -11.95 -3.60 21.54
CA MET F 155 -10.60 -2.95 21.65
C MET F 155 -10.60 -1.60 20.95
N PHE F 156 -11.76 -1.12 20.52
CA PHE F 156 -11.98 0.29 20.12
C PHE F 156 -11.79 1.13 21.39
N GLU F 157 -11.10 2.27 21.30
CA GLU F 157 -10.92 3.20 22.45
C GLU F 157 -10.13 2.47 23.54
N ALA F 158 -9.25 1.57 23.15
CA ALA F 158 -8.33 0.85 24.06
C ALA F 158 -7.60 1.89 24.91
N TYR F 159 -6.87 2.77 24.25
CA TYR F 159 -6.29 3.98 24.90
C TYR F 159 -7.47 4.92 25.13
N ASP F 160 -7.81 5.19 26.39
CA ASP F 160 -8.94 6.07 26.82
C ASP F 160 -8.89 7.41 26.07
N PRO F 161 -9.99 7.88 25.45
CA PRO F 161 -10.08 9.22 24.87
C PRO F 161 -10.00 10.44 25.80
N GLU F 162 -10.55 10.38 27.02
CA GLU F 162 -10.45 11.53 27.97
C GLU F 162 -8.98 11.68 28.38
N LEU F 163 -8.27 10.55 28.52
CA LEU F 163 -6.86 10.55 28.99
C LEU F 163 -5.95 11.08 27.87
N ILE F 164 -6.30 10.84 26.61
CA ILE F 164 -5.57 11.44 25.46
C ILE F 164 -5.73 12.97 25.50
N GLU F 165 -6.96 13.48 25.68
CA GLU F 165 -7.24 14.94 25.77
C GLU F 165 -6.41 15.52 26.91
N LEU F 166 -6.29 14.78 28.01
CA LEU F 166 -5.52 15.21 29.21
C LEU F 166 -4.01 15.16 28.92
N ALA F 167 -3.51 14.15 28.21
CA ALA F 167 -2.08 14.05 27.85
C ALA F 167 -1.70 15.28 27.01
N ARG F 168 -2.62 15.74 26.17
CA ARG F 168 -2.38 16.85 25.22
C ARG F 168 -2.35 18.17 25.98
N LYS F 169 -3.32 18.32 26.89
CA LYS F 169 -3.54 19.53 27.73
C LYS F 169 -2.29 19.77 28.60
N VAL F 170 -1.73 18.70 29.16
CA VAL F 170 -0.54 18.74 30.04
C VAL F 170 0.66 19.10 29.16
N ALA F 171 0.89 18.35 28.09
CA ALA F 171 1.96 18.63 27.13
C ALA F 171 1.97 20.13 26.76
N ARG F 172 0.79 20.71 26.55
CA ARG F 172 0.65 22.11 26.08
C ARG F 172 1.05 23.03 27.25
N ARG F 173 0.49 22.78 28.44
CA ARG F 173 0.81 23.49 29.70
C ARG F 173 2.34 23.56 29.88
N GLN F 174 3.09 22.46 29.63
CA GLN F 174 4.55 22.35 29.90
C GLN F 174 5.41 22.71 28.68
N ASP F 175 4.84 23.35 27.65
CA ASP F 175 5.56 23.69 26.40
C ASP F 175 6.33 22.44 25.94
N LEU F 176 5.71 21.26 26.07
CA LEU F 176 6.26 19.98 25.55
C LEU F 176 5.53 19.66 24.24
N HIS F 177 6.27 19.40 23.15
CA HIS F 177 5.74 18.94 21.85
C HIS F 177 5.56 17.43 21.91
N LEU F 178 4.31 16.97 21.84
CA LEU F 178 3.86 15.59 22.12
C LEU F 178 3.55 14.87 20.81
N PHE F 179 4.39 13.89 20.45
CA PHE F 179 4.14 12.97 19.32
C PHE F 179 2.96 12.05 19.66
N GLU F 180 2.28 11.58 18.61
CA GLU F 180 1.00 10.84 18.71
C GLU F 180 1.03 9.75 17.66
N GLY F 181 0.60 8.54 17.97
CA GLY F 181 0.61 7.46 16.97
C GLY F 181 0.33 6.09 17.54
N VAL F 182 0.55 5.10 16.68
CA VAL F 182 0.14 3.69 16.89
C VAL F 182 1.39 2.92 17.26
N TYR F 183 1.37 2.24 18.40
CA TYR F 183 2.51 1.42 18.86
C TYR F 183 2.33 0.01 18.30
N ALA F 184 3.33 -0.48 17.57
CA ALA F 184 3.39 -1.87 17.08
C ALA F 184 4.18 -2.72 18.08
N TRP F 185 3.59 -3.82 18.54
CA TRP F 185 4.25 -4.86 19.35
C TRP F 185 4.95 -5.86 18.43
N PHE F 186 6.28 -5.81 18.36
CA PHE F 186 7.16 -6.78 17.69
C PHE F 186 7.74 -7.69 18.78
N MET F 187 7.82 -9.01 18.54
CA MET F 187 8.09 -9.98 19.64
C MET F 187 9.53 -9.83 20.15
N GLY F 188 10.51 -9.63 19.26
CA GLY F 188 11.94 -9.59 19.62
C GLY F 188 12.43 -10.98 20.02
N PRO F 189 13.55 -11.11 20.78
CA PRO F 189 14.36 -9.96 21.24
C PRO F 189 15.33 -9.39 20.21
N SER F 190 15.49 -10.03 19.06
CA SER F 190 16.17 -9.40 17.90
C SER F 190 15.39 -8.12 17.56
N PHE F 191 16.09 -7.00 17.49
CA PHE F 191 15.61 -5.79 16.77
C PHE F 191 15.20 -6.20 15.36
N ALA F 192 14.25 -5.46 14.81
CA ALA F 192 13.67 -5.66 13.46
C ALA F 192 14.75 -5.44 12.39
N SER F 193 14.69 -6.20 11.29
CA SER F 193 15.45 -5.91 10.06
C SER F 193 14.88 -4.65 9.40
N ARG F 194 15.62 -4.07 8.46
CA ARG F 194 15.15 -2.93 7.63
C ARG F 194 13.78 -3.25 7.02
N ALA F 195 13.62 -4.38 6.33
CA ALA F 195 12.39 -4.71 5.58
C ALA F 195 11.21 -4.89 6.55
N GLU F 196 11.48 -5.38 7.75
CA GLU F 196 10.50 -5.49 8.86
C GLU F 196 10.11 -4.07 9.31
N LEU F 197 11.07 -3.19 9.59
CA LEU F 197 10.78 -1.78 9.93
C LEU F 197 9.89 -1.16 8.83
N ARG F 198 10.18 -1.46 7.56
CA ARG F 198 9.41 -0.91 6.41
C ARG F 198 7.98 -1.47 6.47
N LEU F 199 7.88 -2.80 6.59
CA LEU F 199 6.59 -3.52 6.68
C LEU F 199 5.69 -2.87 7.74
N LEU F 200 6.22 -2.57 8.93
CA LEU F 200 5.39 -2.12 10.08
C LEU F 200 4.95 -0.66 9.89
N ARG F 201 5.82 0.20 9.36
CA ARG F 201 5.44 1.58 8.96
C ARG F 201 4.30 1.52 7.93
N GLU F 202 4.47 0.77 6.84
CA GLU F 202 3.48 0.70 5.73
C GLU F 202 2.13 0.23 6.30
N LEU F 203 2.14 -0.66 7.30
CA LEU F 203 0.91 -1.14 8.00
C LEU F 203 0.31 -0.05 8.89
N GLY F 204 0.95 1.10 9.04
CA GLY F 204 0.42 2.23 9.83
C GLY F 204 0.92 2.26 11.28
N ALA F 205 2.06 1.66 11.59
CA ALA F 205 2.71 1.80 12.92
C ALA F 205 3.59 3.06 12.92
N ASP F 206 3.55 3.83 14.02
CA ASP F 206 4.35 5.06 14.21
C ASP F 206 5.57 4.77 15.10
N ALA F 207 5.46 3.77 15.98
CA ALA F 207 6.52 3.30 16.90
C ALA F 207 6.51 1.78 16.96
N ILE F 208 7.70 1.20 17.14
CA ILE F 208 7.94 -0.26 17.35
C ILE F 208 8.47 -0.48 18.77
N GLY F 209 7.98 -1.53 19.43
CA GLY F 209 8.41 -1.90 20.79
C GLY F 209 8.27 -3.39 21.02
N MET F 210 8.60 -3.85 22.22
CA MET F 210 8.57 -5.30 22.56
C MET F 210 7.61 -5.55 23.74
N SER F 211 6.80 -4.56 24.09
CA SER F 211 5.98 -4.55 25.34
C SER F 211 4.56 -4.02 25.10
N THR F 212 3.82 -3.85 26.20
CA THR F 212 2.70 -2.89 26.40
C THR F 212 1.37 -3.42 25.86
N VAL F 213 1.32 -3.93 24.64
CA VAL F 213 0.04 -4.36 24.00
C VAL F 213 -0.61 -5.44 24.85
N PRO F 214 0.12 -6.48 25.32
CA PRO F 214 -0.49 -7.54 26.10
C PRO F 214 -1.22 -6.94 27.31
N GLU F 215 -0.53 -6.03 28.00
CA GLU F 215 -1.06 -5.30 29.18
C GLU F 215 -2.30 -4.47 28.76
N VAL F 216 -2.31 -3.88 27.56
CA VAL F 216 -3.43 -3.03 27.05
C VAL F 216 -4.67 -3.91 26.89
N ILE F 217 -4.53 -5.03 26.18
CA ILE F 217 -5.66 -5.99 25.96
C ILE F 217 -6.18 -6.44 27.34
N ALA F 218 -5.28 -6.87 28.25
CA ALA F 218 -5.61 -7.47 29.58
C ALA F 218 -6.37 -6.45 30.43
N LEU F 219 -5.86 -5.22 30.52
CA LEU F 219 -6.52 -4.09 31.24
C LEU F 219 -7.89 -3.78 30.61
N ARG F 220 -8.04 -3.79 29.28
CA ARG F 220 -9.35 -3.49 28.64
C ARG F 220 -10.31 -4.67 28.92
N HIS F 221 -9.83 -5.89 28.89
CA HIS F 221 -10.59 -7.07 29.39
C HIS F 221 -11.24 -6.72 30.73
N LEU F 222 -10.50 -6.09 31.65
CA LEU F 222 -10.99 -5.89 33.05
C LEU F 222 -11.86 -4.63 33.14
N GLY F 223 -11.71 -3.70 32.21
CA GLY F 223 -12.53 -2.48 32.14
C GLY F 223 -11.74 -1.26 32.61
N ALA F 224 -10.41 -1.38 32.70
CA ALA F 224 -9.50 -0.32 33.19
C ALA F 224 -9.31 0.76 32.11
N ARG F 225 -9.18 2.03 32.52
CA ARG F 225 -8.73 3.11 31.60
C ARG F 225 -7.23 2.96 31.40
N VAL F 226 -6.73 3.22 30.18
CA VAL F 226 -5.31 2.98 29.80
C VAL F 226 -4.77 4.19 29.02
N LEU F 227 -3.60 4.67 29.44
CA LEU F 227 -2.86 5.76 28.78
C LEU F 227 -1.49 5.18 28.47
N GLY F 228 -1.06 5.28 27.21
CA GLY F 228 0.25 4.76 26.74
C GLY F 228 1.17 5.91 26.40
N LEU F 229 2.41 5.87 26.87
CA LEU F 229 3.48 6.86 26.59
C LEU F 229 4.75 6.11 26.26
N SER F 230 5.38 6.47 25.14
CA SER F 230 6.71 5.92 24.79
C SER F 230 7.70 7.08 24.71
N THR F 231 8.93 6.76 25.12
CA THR F 231 10.17 7.50 24.84
C THR F 231 10.67 7.01 23.49
N ILE F 232 10.72 7.89 22.47
CA ILE F 232 11.43 7.59 21.20
C ILE F 232 12.93 7.66 21.48
N THR F 233 13.54 6.51 21.77
CA THR F 233 14.94 6.34 22.25
C THR F 233 15.91 6.44 21.07
N ASP F 234 15.35 6.28 19.87
CA ASP F 234 16.13 6.13 18.62
C ASP F 234 15.14 6.28 17.47
N MET F 235 15.66 6.57 16.29
CA MET F 235 14.89 6.57 15.03
C MET F 235 15.15 5.23 14.36
N ALA F 236 14.11 4.41 14.25
CA ALA F 236 14.09 3.12 13.53
C ALA F 236 13.47 3.36 12.14
N VAL F 237 14.29 3.85 11.21
CA VAL F 237 13.85 4.12 9.81
C VAL F 237 14.89 3.47 8.91
N PRO F 238 14.48 2.49 8.08
CA PRO F 238 15.43 1.61 7.38
C PRO F 238 16.21 2.22 6.20
N GLU F 239 15.97 3.49 5.83
CA GLU F 239 16.68 4.09 4.68
C GLU F 239 17.61 5.18 5.23
N ARG F 240 18.08 4.98 6.45
CA ARG F 240 19.18 5.70 7.16
C ARG F 240 20.22 4.61 7.52
N GLU F 241 21.42 4.97 8.01
CA GLU F 241 22.43 3.96 8.46
C GLU F 241 22.36 3.81 10.00
N HIS F 242 22.58 2.57 10.48
CA HIS F 242 22.61 2.11 11.90
C HIS F 242 21.21 2.19 12.55
N HIS F 243 20.78 1.05 13.10
CA HIS F 243 19.76 0.90 14.17
C HIS F 243 20.42 1.28 15.50
N ALA F 244 19.64 1.74 16.48
CA ALA F 244 20.09 1.91 17.88
C ALA F 244 20.63 0.57 18.40
N THR F 245 21.64 0.67 19.25
CA THR F 245 22.22 -0.45 20.03
C THR F 245 21.48 -0.49 21.38
N GLU F 246 21.38 -1.65 22.02
CA GLU F 246 20.79 -1.82 23.37
C GLU F 246 21.33 -0.71 24.31
N GLU F 247 22.65 -0.46 24.24
CA GLU F 247 23.38 0.53 25.08
C GLU F 247 22.89 1.95 24.80
N GLU F 248 22.54 2.27 23.54
CA GLU F 248 22.14 3.62 23.06
C GLU F 248 20.69 3.91 23.47
N VAL F 249 19.83 2.88 23.47
CA VAL F 249 18.37 2.94 23.84
C VAL F 249 18.26 3.32 25.34
N LEU F 250 19.06 2.69 26.20
CA LEU F 250 19.07 2.91 27.68
C LEU F 250 19.64 4.29 28.02
N ARG F 251 20.65 4.77 27.26
CA ARG F 251 21.31 6.09 27.48
C ARG F 251 20.31 7.23 27.23
N VAL F 252 19.69 7.25 26.04
CA VAL F 252 18.73 8.30 25.60
C VAL F 252 17.49 8.29 26.51
N ALA F 253 17.08 7.11 26.99
CA ALA F 253 15.93 6.91 27.90
C ALA F 253 16.19 7.58 29.26
N ALA F 254 17.46 7.64 29.68
CA ALA F 254 17.93 8.33 30.91
C ALA F 254 18.12 9.84 30.67
N GLU F 255 18.60 10.27 29.48
CA GLU F 255 18.80 11.69 29.07
C GLU F 255 17.46 12.43 28.95
N THR F 256 16.45 11.80 28.35
CA THR F 256 15.04 12.31 28.24
C THR F 256 14.37 12.30 29.61
N GLY F 257 14.87 11.46 30.53
CA GLY F 257 14.39 11.21 31.90
C GLY F 257 13.72 12.41 32.58
N PRO F 258 14.43 13.55 32.81
CA PRO F 258 13.86 14.68 33.54
C PRO F 258 12.56 15.20 32.93
N VAL F 259 12.52 15.37 31.60
CA VAL F 259 11.32 15.90 30.88
C VAL F 259 10.18 14.88 31.01
N PHE F 260 10.51 13.60 30.83
CA PHE F 260 9.55 12.47 30.87
C PHE F 260 8.88 12.40 32.26
N ARG F 261 9.66 12.57 33.34
CA ARG F 261 9.17 12.54 34.75
C ARG F 261 8.35 13.80 35.02
N ARG F 262 8.79 14.96 34.55
CA ARG F 262 8.02 16.21 34.75
C ARG F 262 6.67 16.02 34.05
N TYR F 263 6.65 15.33 32.89
CA TYR F 263 5.44 15.18 32.04
C TYR F 263 4.46 14.20 32.71
N VAL F 264 4.96 13.03 33.10
CA VAL F 264 4.12 11.98 33.75
C VAL F 264 3.44 12.56 35.00
N ARG F 265 4.21 13.24 35.85
CA ARG F 265 3.73 13.85 37.10
C ARG F 265 2.63 14.87 36.77
N GLY F 266 2.88 15.66 35.72
CA GLY F 266 1.91 16.62 35.18
C GLY F 266 0.54 15.98 35.00
N ILE F 267 0.53 14.77 34.43
CA ILE F 267 -0.72 14.02 34.16
C ILE F 267 -1.28 13.49 35.49
N LEU F 268 -0.42 12.90 36.32
CA LEU F 268 -0.88 12.35 37.63
C LEU F 268 -1.57 13.47 38.45
N ALA F 269 -1.04 14.70 38.41
CA ALA F 269 -1.59 15.89 39.10
C ALA F 269 -3.08 16.05 38.76
N GLU F 270 -3.43 15.87 37.49
CA GLU F 270 -4.76 16.20 36.92
C GLU F 270 -5.73 15.03 37.11
N LEU F 271 -5.25 13.78 37.13
CA LEU F 271 -6.14 12.59 37.29
C LEU F 271 -6.94 12.69 38.60
P PO4 G . 17.23 14.58 -18.58
O1 PO4 G . 16.87 15.30 -19.89
O2 PO4 G . 17.29 15.59 -17.43
O3 PO4 G . 18.58 13.90 -18.68
O4 PO4 G . 16.18 13.51 -18.32
P PO4 H . -9.48 27.46 -0.43
O1 PO4 H . -9.28 28.56 -1.49
O2 PO4 H . -10.86 26.79 -0.68
O3 PO4 H . -9.50 28.05 0.96
O4 PO4 H . -8.33 26.47 -0.52
P PO4 I . -15.06 3.26 -24.79
O1 PO4 I . -13.86 2.74 -25.55
O2 PO4 I . -15.70 4.49 -25.46
O3 PO4 I . -16.09 2.15 -24.73
O4 PO4 I . -14.59 3.61 -23.40
P PO4 J . 14.49 -25.16 2.13
O1 PO4 J . 15.39 -25.20 0.92
O2 PO4 J . 15.20 -25.79 3.32
O3 PO4 J . 13.21 -25.94 1.84
O4 PO4 J . 14.16 -23.72 2.47
P PO4 K . -17.36 -18.43 14.19
O1 PO4 K . -16.26 -18.26 13.12
O2 PO4 K . -17.14 -19.74 14.95
O3 PO4 K . -18.69 -18.49 13.50
O4 PO4 K . -17.30 -17.28 15.16
P PO4 L . 9.92 -1.61 27.39
O1 PO4 L . 11.14 -2.40 26.92
O2 PO4 L . 9.33 -2.30 28.62
O3 PO4 L . 10.33 -0.20 27.77
O4 PO4 L . 8.87 -1.56 26.25
#